data_6W4N
#
_entry.id   6W4N
#
_cell.length_a   105.113
_cell.length_b   138.613
_cell.length_c   220.130
_cell.angle_alpha   90.000
_cell.angle_beta   90.000
_cell.angle_gamma   90.000
#
_symmetry.space_group_name_H-M   'P 21 21 21'
#
loop_
_entity.id
_entity.type
_entity.pdbx_description
1 polymer Aminopeptidase
2 non-polymer 2-azanyl-~{N}-[(3~{S})-2-oxidanylidenehex-5-yn-3-yl]ethanamide
3 non-polymer 'POTASSIUM ION'
4 water water
#
_entity_poly.entity_id   1
_entity_poly.type   'polypeptide(L)'
_entity_poly.pdbx_seq_one_letter_code
;MGSDKIHHHHHHENLYFQQDTEKKVSEEGFVFTTVKENPITSVKNQNRAGTCWCYSSYSFLESELLRMGKGEYDLSEMFT
VYNTYLDRADAAVRTHGDVSFSQGGSFYDALYGMETFGLVPEEEMRPGMMYADTLSNHTELSALTDAMVAAIAKGKLRKL
QSDENNAMLWKKAVAAVHQIYLGVPPEKFTYKGKEYTPKSFFESTGLKASDYVSLTSYTHHPFYTQFPLEIQDNWRHGMS
YNLPLDEFMEVFDNAINTGYTIAWGSDVSESGFTRDGVAVMPDDEKVQELSGSDMAHWLKLKPEEKKLNTKPQPQKWCTQ
AERQLAYDNYETTDDHGMQIYGIAKDQEGNEYYMVKNSWGTNSKYNGIWYASKAFVRYKTMNIVVHKDALPKAIKAKLGI
K
;
_entity_poly.pdbx_strand_id   A,B,C,D,E,F
#
loop_
_chem_comp.id
_chem_comp.type
_chem_comp.name
_chem_comp.formula
K non-polymer 'POTASSIUM ION' 'K 1'
SWJ non-polymer 2-azanyl-~{N}-[(3~{S})-2-oxidanylidenehex-5-yn-3-yl]ethanamide 'C8 H12 N2 O2'
#
# COMPACT_ATOMS: atom_id res chain seq x y z
N GLY A 29 -17.88 -47.26 -7.50
CA GLY A 29 -18.48 -46.33 -6.56
C GLY A 29 -18.40 -46.78 -5.12
N PHE A 30 -19.09 -46.06 -4.24
CA PHE A 30 -19.14 -46.36 -2.82
C PHE A 30 -20.51 -46.88 -2.43
N VAL A 31 -20.54 -47.92 -1.61
CA VAL A 31 -21.74 -48.40 -0.94
C VAL A 31 -21.40 -48.58 0.53
N PHE A 32 -22.00 -47.76 1.39
CA PHE A 32 -21.69 -47.72 2.81
C PHE A 32 -22.74 -48.48 3.59
N THR A 33 -22.31 -49.15 4.67
CA THR A 33 -23.19 -49.87 5.56
C THR A 33 -22.93 -49.42 7.00
N THR A 34 -23.99 -48.98 7.67
CA THR A 34 -23.87 -48.43 9.02
C THR A 34 -23.59 -49.52 10.04
N VAL A 35 -22.58 -49.29 10.89
CA VAL A 35 -22.30 -50.18 12.01
C VAL A 35 -23.04 -49.75 13.27
N LYS A 36 -22.94 -48.47 13.63
CA LYS A 36 -23.65 -47.92 14.77
C LYS A 36 -23.76 -46.42 14.59
N GLU A 37 -24.95 -45.87 14.89
CA GLU A 37 -25.17 -44.44 14.78
C GLU A 37 -26.09 -43.96 15.90
N ASN A 38 -25.91 -42.71 16.30
CA ASN A 38 -26.62 -42.09 17.41
C ASN A 38 -27.60 -41.03 16.91
N PRO A 39 -28.63 -40.72 17.69
CA PRO A 39 -29.64 -39.76 17.22
C PRO A 39 -29.04 -38.37 17.01
N ILE A 40 -29.42 -37.76 15.89
CA ILE A 40 -29.00 -36.40 15.56
C ILE A 40 -30.23 -35.62 15.11
N THR A 41 -30.02 -34.32 14.94
CA THR A 41 -31.06 -33.43 14.44
C THR A 41 -30.86 -33.30 12.92
N SER A 42 -31.72 -32.53 12.31
CA SER A 42 -31.68 -32.29 10.91
C SER A 42 -30.52 -31.47 10.51
N VAL A 43 -30.03 -31.64 9.29
CA VAL A 43 -28.94 -30.83 8.85
C VAL A 43 -29.39 -29.45 8.49
N LYS A 44 -28.65 -28.48 8.97
CA LYS A 44 -28.94 -27.09 8.70
C LYS A 44 -28.02 -26.49 7.69
N ASN A 45 -28.27 -25.26 7.32
CA ASN A 45 -27.42 -24.59 6.37
C ASN A 45 -26.86 -23.25 6.87
N GLN A 46 -25.54 -23.16 6.97
CA GLN A 46 -24.85 -21.93 7.36
C GLN A 46 -24.85 -20.87 6.25
N ASN A 47 -24.98 -21.38 5.05
CA ASN A 47 -25.02 -20.69 3.82
C ASN A 47 -23.85 -19.85 3.67
N ARG A 48 -24.05 -18.58 3.59
CA ARG A 48 -22.85 -17.81 3.36
C ARG A 48 -22.24 -17.01 4.50
N ALA A 49 -21.68 -17.73 5.44
CA ALA A 49 -20.99 -17.20 6.59
C ALA A 49 -20.05 -18.24 7.15
N GLY A 50 -19.03 -17.82 7.87
CA GLY A 50 -18.12 -18.76 8.47
C GLY A 50 -18.57 -19.18 9.83
N THR A 51 -19.82 -19.55 9.96
CA THR A 51 -20.38 -19.91 11.25
C THR A 51 -20.46 -21.41 11.46
N CYS A 52 -19.61 -22.18 10.77
CA CYS A 52 -19.63 -23.64 10.91
C CYS A 52 -19.30 -24.06 12.33
N TRP A 53 -18.51 -23.27 13.05
CA TRP A 53 -18.14 -23.62 14.41
C TRP A 53 -19.36 -23.67 15.33
N CYS A 54 -20.33 -22.78 15.09
CA CYS A 54 -21.52 -22.74 15.95
C CYS A 54 -22.56 -23.76 15.51
N TYR A 55 -22.73 -23.95 14.20
CA TYR A 55 -23.71 -24.90 13.71
C TYR A 55 -23.33 -26.33 14.11
N SER A 56 -22.04 -26.65 14.05
CA SER A 56 -21.60 -27.98 14.46
C SER A 56 -21.63 -28.13 15.98
N SER A 57 -21.29 -27.05 16.70
CA SER A 57 -21.35 -27.10 18.16
C SER A 57 -22.77 -27.36 18.64
N TYR A 58 -23.76 -26.74 17.99
CA TYR A 58 -25.14 -26.92 18.40
C TYR A 58 -25.71 -28.24 17.88
N SER A 59 -25.21 -28.73 16.75
CA SER A 59 -25.53 -30.09 16.34
C SER A 59 -25.03 -31.09 17.39
N PHE A 60 -23.86 -30.81 17.97
CA PHE A 60 -23.35 -31.65 19.05
C PHE A 60 -24.17 -31.48 20.32
N LEU A 61 -24.51 -30.24 20.68
CA LEU A 61 -25.28 -30.02 21.90
C LEU A 61 -26.70 -30.57 21.77
N GLU A 62 -27.29 -30.50 20.58
CA GLU A 62 -28.64 -31.02 20.39
C GLU A 62 -28.65 -32.54 20.51
N SER A 63 -27.62 -33.21 19.97
CA SER A 63 -27.48 -34.65 20.17
C SER A 63 -27.19 -34.98 21.63
N GLU A 64 -26.50 -34.08 22.35
CA GLU A 64 -26.25 -34.29 23.76
C GLU A 64 -27.56 -34.23 24.55
N LEU A 65 -28.45 -33.32 24.18
CA LEU A 65 -29.73 -33.22 24.86
C LEU A 65 -30.62 -34.44 24.56
N LEU A 66 -30.56 -34.96 23.33
CA LEU A 66 -31.34 -36.15 23.01
C LEU A 66 -30.91 -37.37 23.82
N ARG A 67 -29.60 -37.58 23.97
CA ARG A 67 -29.15 -38.75 24.72
C ARG A 67 -29.50 -38.63 26.20
N MET A 68 -29.55 -37.41 26.72
CA MET A 68 -29.88 -37.18 28.13
C MET A 68 -31.38 -37.16 28.38
N GLY A 69 -32.19 -37.60 27.43
CA GLY A 69 -33.63 -37.65 27.63
C GLY A 69 -34.28 -36.30 27.78
N LYS A 70 -33.71 -35.26 27.16
CA LYS A 70 -34.23 -33.90 27.28
C LYS A 70 -35.08 -33.47 26.10
N GLY A 71 -35.18 -34.29 25.06
CA GLY A 71 -35.99 -33.97 23.89
C GLY A 71 -35.16 -33.34 22.80
N GLU A 72 -35.85 -32.97 21.73
CA GLU A 72 -35.20 -32.34 20.58
C GLU A 72 -35.21 -30.82 20.74
N TYR A 73 -34.09 -30.19 20.38
CA TYR A 73 -33.92 -28.75 20.47
C TYR A 73 -33.44 -28.18 19.14
N ASP A 74 -33.69 -26.90 18.95
CA ASP A 74 -33.15 -26.13 17.81
C ASP A 74 -32.59 -24.82 18.37
N LEU A 75 -31.33 -24.84 18.81
CA LEU A 75 -30.75 -23.63 19.39
C LEU A 75 -30.37 -22.64 18.30
N SER A 76 -30.49 -21.36 18.63
CA SER A 76 -30.25 -20.28 17.68
C SER A 76 -28.74 -20.04 17.58
N GLU A 77 -28.17 -20.34 16.42
CA GLU A 77 -26.76 -20.03 16.20
C GLU A 77 -26.52 -18.53 16.17
N MET A 78 -27.45 -17.77 15.57
CA MET A 78 -27.25 -16.34 15.41
C MET A 78 -27.13 -15.62 16.75
N PHE A 79 -27.76 -16.14 17.79
CA PHE A 79 -27.64 -15.54 19.12
C PHE A 79 -26.21 -15.66 19.63
N THR A 80 -25.64 -16.86 19.57
CA THR A 80 -24.26 -17.06 20.03
C THR A 80 -23.27 -16.39 19.10
N VAL A 81 -23.53 -16.43 17.80
CA VAL A 81 -22.65 -15.78 16.83
C VAL A 81 -22.58 -14.27 17.10
N TYR A 82 -23.72 -13.66 17.44
CA TYR A 82 -23.74 -12.24 17.74
C TYR A 82 -22.86 -11.92 18.94
N ASN A 83 -23.04 -12.64 20.05
CA ASN A 83 -22.29 -12.34 21.26
C ASN A 83 -20.82 -12.73 21.13
N THR A 84 -20.52 -13.78 20.36
CA THR A 84 -19.13 -14.17 20.17
C THR A 84 -18.35 -13.10 19.41
N TYR A 85 -18.96 -12.51 18.38
CA TYR A 85 -18.30 -11.45 17.62
C TYR A 85 -18.05 -10.23 18.49
N LEU A 86 -18.95 -9.93 19.41
CA LEU A 86 -18.75 -8.81 20.33
C LEU A 86 -17.52 -9.04 21.21
N ASP A 87 -17.33 -10.28 21.67
CA ASP A 87 -16.16 -10.60 22.46
C ASP A 87 -14.90 -10.62 21.61
N ARG A 88 -15.00 -11.07 20.36
CA ARG A 88 -13.84 -11.10 19.48
C ARG A 88 -13.40 -9.70 19.11
N ALA A 89 -14.34 -8.77 18.93
CA ALA A 89 -13.97 -7.38 18.67
C ALA A 89 -13.24 -6.78 19.86
N ASP A 90 -13.70 -7.12 21.08
CA ASP A 90 -13.01 -6.65 22.27
C ASP A 90 -11.61 -7.23 22.37
N ALA A 91 -11.45 -8.50 21.98
CA ALA A 91 -10.13 -9.12 22.00
C ALA A 91 -9.20 -8.47 20.98
N ALA A 92 -9.72 -8.14 19.79
CA ALA A 92 -8.89 -7.50 18.78
C ALA A 92 -8.46 -6.10 19.22
N VAL A 93 -9.36 -5.35 19.87
CA VAL A 93 -9.03 -4.01 20.29
C VAL A 93 -8.06 -4.03 21.47
N ARG A 94 -8.25 -4.97 22.40
CA ARG A 94 -7.36 -5.06 23.55
C ARG A 94 -5.95 -5.46 23.14
N THR A 95 -5.82 -6.35 22.17
CA THR A 95 -4.52 -6.76 21.66
C THR A 95 -4.03 -5.90 20.52
N HIS A 96 -4.68 -4.75 20.28
CA HIS A 96 -4.25 -3.78 19.27
C HIS A 96 -4.12 -4.44 17.89
N GLY A 97 -5.08 -5.30 17.57
CA GLY A 97 -5.13 -5.93 16.26
C GLY A 97 -4.44 -7.27 16.16
N ASP A 98 -3.78 -7.73 17.22
CA ASP A 98 -3.12 -9.02 17.17
C ASP A 98 -4.14 -10.14 16.98
N VAL A 99 -5.17 -10.17 17.82
CA VAL A 99 -6.26 -11.10 17.62
C VAL A 99 -7.03 -10.69 16.37
N SER A 100 -7.05 -11.57 15.36
CA SER A 100 -7.77 -11.27 14.13
C SER A 100 -9.28 -11.28 14.38
N PHE A 101 -9.99 -10.39 13.69
CA PHE A 101 -11.44 -10.31 13.76
C PHE A 101 -12.02 -10.89 12.47
N SER A 102 -12.58 -12.09 12.55
CA SER A 102 -13.14 -12.76 11.39
C SER A 102 -14.37 -13.56 11.83
N GLN A 103 -14.95 -14.28 10.88
CA GLN A 103 -16.19 -15.00 11.12
C GLN A 103 -16.00 -16.33 11.84
N GLY A 104 -14.78 -16.85 11.90
CA GLY A 104 -14.53 -18.17 12.44
C GLY A 104 -14.73 -18.24 13.95
N GLY A 105 -14.54 -19.44 14.47
CA GLY A 105 -14.70 -19.69 15.89
C GLY A 105 -14.28 -21.10 16.23
N SER A 106 -14.64 -21.52 17.45
CA SER A 106 -14.27 -22.83 17.97
C SER A 106 -15.45 -23.42 18.74
N PHE A 107 -15.30 -24.70 19.11
CA PHE A 107 -16.30 -25.34 19.95
C PHE A 107 -16.35 -24.70 21.33
N TYR A 108 -15.20 -24.24 21.84
CA TYR A 108 -15.19 -23.60 23.16
C TYR A 108 -15.95 -22.28 23.16
N ASP A 109 -16.04 -21.62 22.01
CA ASP A 109 -16.84 -20.40 21.92
C ASP A 109 -18.28 -20.65 22.30
N ALA A 110 -18.83 -21.81 21.91
CA ALA A 110 -20.21 -22.13 22.25
C ALA A 110 -20.33 -22.61 23.69
N LEU A 111 -19.36 -23.40 24.17
CA LEU A 111 -19.40 -23.83 25.56
C LEU A 111 -19.22 -22.66 26.51
N TYR A 112 -18.30 -21.75 26.19
CA TYR A 112 -18.20 -20.52 26.97
C TYR A 112 -19.45 -19.66 26.78
N GLY A 113 -20.00 -19.64 25.57
CA GLY A 113 -21.12 -18.76 25.29
C GLY A 113 -22.38 -19.16 26.03
N MET A 114 -22.67 -20.46 26.11
CA MET A 114 -23.88 -20.92 26.78
C MET A 114 -23.82 -20.64 28.28
N GLU A 115 -22.62 -20.64 28.86
CA GLU A 115 -22.47 -20.32 30.28
C GLU A 115 -22.48 -18.82 30.54
N THR A 116 -22.04 -18.03 29.57
CA THR A 116 -21.94 -16.58 29.74
C THR A 116 -23.18 -15.85 29.24
N PHE A 117 -23.61 -16.15 28.01
CA PHE A 117 -24.76 -15.47 27.42
C PHE A 117 -26.05 -16.26 27.55
N GLY A 118 -25.97 -17.59 27.67
CA GLY A 118 -27.16 -18.42 27.72
C GLY A 118 -27.52 -18.99 26.36
N LEU A 119 -28.77 -19.44 26.26
CA LEU A 119 -29.27 -20.05 25.04
C LEU A 119 -30.66 -19.52 24.74
N VAL A 120 -30.97 -19.34 23.46
CA VAL A 120 -32.31 -18.98 23.01
C VAL A 120 -32.71 -19.89 21.85
N PRO A 121 -34.00 -20.12 21.62
CA PRO A 121 -34.41 -20.98 20.50
C PRO A 121 -34.22 -20.30 19.16
N GLU A 122 -34.25 -21.12 18.10
CA GLU A 122 -33.90 -20.66 16.76
C GLU A 122 -34.82 -19.56 16.22
N GLU A 123 -36.14 -19.76 16.32
CA GLU A 123 -37.09 -18.84 15.71
C GLU A 123 -37.08 -17.44 16.32
N GLU A 124 -36.39 -17.23 17.43
CA GLU A 124 -36.25 -15.89 17.99
C GLU A 124 -35.12 -15.08 17.37
N MET A 125 -34.16 -15.75 16.71
CA MET A 125 -33.12 -15.10 15.92
C MET A 125 -32.76 -16.06 14.76
N ARG A 126 -33.20 -15.67 13.60
CA ARG A 126 -33.04 -16.43 12.42
C ARG A 126 -32.07 -15.82 11.49
N PRO A 127 -31.45 -16.64 10.69
CA PRO A 127 -30.48 -16.13 9.75
C PRO A 127 -31.22 -15.44 8.62
N GLY A 128 -30.69 -14.32 8.18
CA GLY A 128 -31.31 -13.57 7.09
C GLY A 128 -32.56 -12.80 7.46
N MET A 129 -33.01 -12.84 8.72
CA MET A 129 -34.26 -12.19 9.09
C MET A 129 -34.22 -10.68 8.85
N MET A 130 -33.03 -10.08 8.88
CA MET A 130 -32.93 -8.63 8.81
C MET A 130 -32.72 -8.09 7.41
N TYR A 131 -32.35 -8.93 6.44
CA TYR A 131 -32.18 -8.50 5.06
C TYR A 131 -33.06 -9.31 4.11
N ALA A 132 -34.27 -9.66 4.57
CA ALA A 132 -35.31 -10.26 3.73
C ALA A 132 -34.85 -11.57 3.10
N ASP A 133 -34.15 -12.39 3.89
CA ASP A 133 -33.72 -13.73 3.47
C ASP A 133 -34.07 -14.72 4.58
N THR A 134 -33.79 -15.99 4.31
CA THR A 134 -34.00 -17.06 5.27
C THR A 134 -32.71 -17.77 5.66
N LEU A 135 -31.61 -17.50 4.98
CA LEU A 135 -30.31 -18.08 5.27
C LEU A 135 -29.28 -16.96 5.41
N SER A 136 -28.14 -17.30 6.01
CA SER A 136 -27.14 -16.28 6.36
C SER A 136 -26.34 -15.79 5.16
N ASN A 137 -26.06 -14.48 5.14
CA ASN A 137 -25.12 -13.90 4.19
C ASN A 137 -24.47 -12.70 4.91
N HIS A 138 -23.30 -12.94 5.49
CA HIS A 138 -22.65 -11.95 6.35
C HIS A 138 -21.48 -11.24 5.67
N THR A 139 -21.46 -11.20 4.33
CA THR A 139 -20.35 -10.55 3.65
C THR A 139 -20.36 -9.05 3.88
N GLU A 140 -21.54 -8.41 3.79
CA GLU A 140 -21.60 -6.97 4.02
C GLU A 140 -21.41 -6.63 5.50
N LEU A 141 -21.97 -7.45 6.39
CA LEU A 141 -21.75 -7.25 7.83
C LEU A 141 -20.27 -7.34 8.17
N SER A 142 -19.57 -8.32 7.59
CA SER A 142 -18.14 -8.44 7.84
C SER A 142 -17.37 -7.26 7.27
N ALA A 143 -17.74 -6.82 6.06
CA ALA A 143 -17.04 -5.70 5.43
C ALA A 143 -17.11 -4.45 6.30
N LEU A 144 -18.25 -4.22 6.95
CA LEU A 144 -18.40 -3.05 7.81
C LEU A 144 -17.68 -3.23 9.14
N THR A 145 -17.93 -4.36 9.82
CA THR A 145 -17.39 -4.55 11.17
C THR A 145 -15.89 -4.75 11.15
N ASP A 146 -15.36 -5.42 10.12
CA ASP A 146 -13.91 -5.55 10.00
C ASP A 146 -13.26 -4.17 9.89
N ALA A 147 -13.84 -3.29 9.08
CA ALA A 147 -13.30 -1.94 8.95
C ALA A 147 -13.45 -1.16 10.26
N MET A 148 -14.54 -1.39 11.00
CA MET A 148 -14.74 -0.69 12.26
C MET A 148 -13.72 -1.13 13.30
N VAL A 149 -13.56 -2.45 13.49
CA VAL A 149 -12.62 -2.96 14.48
C VAL A 149 -11.20 -2.55 14.12
N ALA A 150 -10.86 -2.60 12.83
CA ALA A 150 -9.50 -2.23 12.42
C ALA A 150 -9.21 -0.76 12.67
N ALA A 151 -10.22 0.11 12.47
CA ALA A 151 -10.02 1.53 12.72
C ALA A 151 -9.71 1.82 14.17
N ILE A 152 -10.17 0.97 15.08
CA ILE A 152 -9.89 1.13 16.50
C ILE A 152 -8.63 0.39 16.91
N ALA A 153 -8.54 -0.89 16.56
CA ALA A 153 -7.45 -1.73 17.07
C ALA A 153 -6.12 -1.39 16.39
N LYS A 154 -6.16 -1.06 15.10
CA LYS A 154 -4.95 -0.82 14.33
C LYS A 154 -4.81 0.63 13.87
N GLY A 155 -5.66 1.52 14.37
CA GLY A 155 -5.59 2.92 13.99
C GLY A 155 -4.57 3.67 14.82
N LYS A 156 -4.66 4.99 14.76
CA LYS A 156 -3.77 5.85 15.53
C LYS A 156 -4.49 6.59 16.65
N LEU A 157 -5.69 6.17 17.00
CA LEU A 157 -6.37 6.76 18.15
C LEU A 157 -5.61 6.43 19.42
N ARG A 158 -5.36 7.45 20.24
CA ARG A 158 -4.62 7.27 21.47
C ARG A 158 -5.49 7.30 22.71
N LYS A 159 -6.77 7.64 22.57
CA LYS A 159 -7.67 7.61 23.72
C LYS A 159 -9.09 7.40 23.19
N LEU A 160 -9.66 6.23 23.49
CA LEU A 160 -10.99 5.88 23.03
C LEU A 160 -12.06 6.53 23.90
N GLN A 161 -13.14 6.98 23.26
CA GLN A 161 -14.17 7.74 23.95
C GLN A 161 -15.07 6.83 24.77
N SER A 162 -15.62 7.40 25.85
CA SER A 162 -16.50 6.68 26.76
C SER A 162 -17.55 7.66 27.30
N ASP A 163 -18.62 7.11 27.74
CA ASP A 163 -19.65 7.89 28.30
C ASP A 163 -19.46 8.10 29.76
N GLU A 164 -20.46 8.66 30.38
CA GLU A 164 -20.40 8.93 31.79
C GLU A 164 -20.35 7.75 32.69
N ASN A 165 -20.79 6.62 32.26
CA ASN A 165 -20.71 5.43 33.01
C ASN A 165 -19.49 4.65 32.67
N ASN A 166 -18.57 5.24 31.93
CA ASN A 166 -17.31 4.61 31.52
C ASN A 166 -17.54 3.47 30.54
N ALA A 167 -18.64 3.51 29.79
CA ALA A 167 -18.91 2.52 28.75
C ALA A 167 -18.29 2.98 27.44
N MET A 168 -17.60 2.06 26.77
CA MET A 168 -16.90 2.40 25.53
C MET A 168 -17.89 2.66 24.40
N LEU A 169 -17.68 3.78 23.69
CA LEU A 169 -18.60 4.14 22.61
C LEU A 169 -18.42 3.24 21.40
N TRP A 170 -17.18 2.82 21.11
CA TRP A 170 -16.96 1.94 19.98
C TRP A 170 -17.63 0.60 20.16
N LYS A 171 -17.75 0.12 21.40
CA LYS A 171 -18.47 -1.12 21.66
C LYS A 171 -19.95 -0.96 21.36
N LYS A 172 -20.51 0.21 21.67
CA LYS A 172 -21.90 0.49 21.31
C LYS A 172 -22.08 0.47 19.80
N ALA A 173 -21.10 1.04 19.06
CA ALA A 173 -21.20 1.10 17.61
C ALA A 173 -21.12 -0.30 16.99
N VAL A 174 -20.16 -1.10 17.45
CA VAL A 174 -19.99 -2.45 16.89
C VAL A 174 -21.20 -3.31 17.22
N ALA A 175 -21.74 -3.17 18.43
CA ALA A 175 -22.92 -3.94 18.80
C ALA A 175 -24.15 -3.49 18.01
N ALA A 176 -24.29 -2.18 17.79
CA ALA A 176 -25.45 -1.67 17.05
C ALA A 176 -25.45 -2.17 15.61
N VAL A 177 -24.29 -2.16 14.95
CA VAL A 177 -24.20 -2.62 13.57
C VAL A 177 -24.48 -4.12 13.50
N HIS A 178 -24.00 -4.89 14.49
CA HIS A 178 -24.25 -6.32 14.50
C HIS A 178 -25.74 -6.63 14.63
N GLN A 179 -26.46 -5.83 15.43
CA GLN A 179 -27.90 -6.05 15.58
C GLN A 179 -28.65 -5.72 14.29
N ILE A 180 -28.18 -4.74 13.53
CA ILE A 180 -28.85 -4.35 12.30
C ILE A 180 -28.81 -5.47 11.27
N TYR A 181 -27.74 -6.26 11.26
CA TYR A 181 -27.58 -7.34 10.30
C TYR A 181 -27.95 -8.71 10.84
N LEU A 182 -27.88 -8.93 12.15
CA LEU A 182 -28.17 -10.23 12.73
C LEU A 182 -29.47 -10.27 13.54
N GLY A 183 -29.94 -9.13 14.03
CA GLY A 183 -31.15 -9.08 14.83
C GLY A 183 -30.87 -8.64 16.25
N VAL A 184 -31.95 -8.27 16.93
CA VAL A 184 -31.88 -7.80 18.32
C VAL A 184 -32.00 -9.01 19.25
N PRO A 185 -31.07 -9.19 20.19
CA PRO A 185 -31.18 -10.32 21.12
C PRO A 185 -32.36 -10.16 22.05
N PRO A 186 -33.17 -11.20 22.22
CA PRO A 186 -34.28 -11.11 23.18
C PRO A 186 -33.78 -11.21 24.59
N GLU A 187 -34.34 -10.40 25.47
CA GLU A 187 -34.04 -10.49 26.90
C GLU A 187 -35.08 -11.29 27.68
N LYS A 188 -36.30 -11.42 27.17
CA LYS A 188 -37.29 -12.30 27.77
C LYS A 188 -38.09 -12.94 26.64
N PHE A 189 -38.52 -14.19 26.86
CA PHE A 189 -39.24 -14.86 25.79
C PHE A 189 -40.03 -16.05 26.32
N THR A 190 -41.03 -16.43 25.54
CA THR A 190 -41.91 -17.55 25.84
C THR A 190 -41.58 -18.73 24.94
N TYR A 191 -41.39 -19.89 25.53
CA TYR A 191 -41.05 -21.05 24.72
C TYR A 191 -41.93 -22.18 25.21
N LYS A 192 -42.73 -22.76 24.34
CA LYS A 192 -43.41 -23.99 24.74
C LYS A 192 -44.20 -23.92 26.03
N GLY A 193 -44.88 -22.82 26.21
CA GLY A 193 -45.72 -22.60 27.38
C GLY A 193 -45.12 -21.75 28.53
N LYS A 194 -43.80 -21.53 28.55
CA LYS A 194 -43.18 -20.78 29.64
C LYS A 194 -42.32 -19.63 29.14
N GLU A 195 -42.30 -18.53 29.91
CA GLU A 195 -41.44 -17.38 29.63
C GLU A 195 -40.04 -17.63 30.20
N TYR A 196 -39.01 -17.39 29.38
CA TYR A 196 -37.62 -17.65 29.74
C TYR A 196 -36.76 -16.41 29.52
N THR A 197 -35.64 -16.37 30.24
CA THR A 197 -34.48 -15.51 29.96
C THR A 197 -33.29 -16.34 29.49
N PRO A 198 -32.33 -15.74 28.78
CA PRO A 198 -31.14 -16.51 28.34
C PRO A 198 -30.40 -17.29 29.46
N LYS A 199 -30.26 -16.74 30.70
CA LYS A 199 -29.89 -17.53 31.89
C LYS A 199 -30.75 -18.76 32.03
N SER A 200 -32.04 -18.49 32.12
CA SER A 200 -32.95 -19.45 32.62
C SER A 200 -33.22 -20.51 31.59
N PHE A 201 -33.21 -20.13 30.31
CA PHE A 201 -33.39 -21.14 29.29
C PHE A 201 -32.20 -22.07 29.21
N PHE A 202 -30.98 -21.56 29.44
CA PHE A 202 -29.81 -22.42 29.45
C PHE A 202 -29.84 -23.36 30.66
N GLU A 203 -30.31 -22.85 31.81
CA GLU A 203 -30.40 -23.70 32.99
C GLU A 203 -31.47 -24.77 32.82
N SER A 204 -32.58 -24.44 32.14
CA SER A 204 -33.62 -25.42 31.83
C SER A 204 -33.03 -26.67 31.17
N THR A 205 -32.19 -26.47 30.15
CA THR A 205 -31.63 -27.61 29.43
C THR A 205 -30.75 -28.47 30.34
N GLY A 206 -30.07 -27.85 31.31
CA GLY A 206 -29.24 -28.58 32.24
C GLY A 206 -27.84 -28.93 31.78
N LEU A 207 -27.38 -28.44 30.63
CA LEU A 207 -26.00 -28.73 30.26
C LEU A 207 -25.03 -27.95 31.14
N LYS A 208 -23.81 -28.47 31.24
CA LYS A 208 -22.75 -27.82 31.98
C LYS A 208 -21.45 -27.98 31.20
N ALA A 209 -20.77 -26.86 30.96
CA ALA A 209 -19.53 -26.89 30.17
C ALA A 209 -18.43 -27.70 30.83
N SER A 210 -18.47 -27.85 32.16
CA SER A 210 -17.45 -28.64 32.84
C SER A 210 -17.47 -30.10 32.42
N ASP A 211 -18.62 -30.59 31.94
CA ASP A 211 -18.76 -31.98 31.54
C ASP A 211 -18.22 -32.24 30.13
N TYR A 212 -17.61 -31.24 29.50
CA TYR A 212 -17.10 -31.36 28.14
C TYR A 212 -15.62 -31.01 28.11
N VAL A 213 -14.85 -31.82 27.40
CA VAL A 213 -13.41 -31.64 27.30
C VAL A 213 -13.02 -31.57 25.82
N SER A 214 -11.98 -30.79 25.55
CA SER A 214 -11.41 -30.69 24.22
C SER A 214 -10.15 -31.55 24.14
N LEU A 215 -10.00 -32.29 23.05
CA LEU A 215 -8.89 -33.21 22.89
C LEU A 215 -8.17 -32.97 21.57
N THR A 216 -6.84 -33.12 21.60
CA THR A 216 -6.01 -33.01 20.41
C THR A 216 -4.84 -33.99 20.57
N SER A 217 -3.98 -34.04 19.56
CA SER A 217 -2.87 -34.99 19.56
C SER A 217 -1.71 -34.38 18.79
N TYR A 218 -0.75 -33.81 19.51
CA TYR A 218 0.43 -33.21 18.90
C TYR A 218 1.63 -33.44 19.80
N THR A 219 2.82 -33.23 19.24
CA THR A 219 4.06 -33.50 19.95
C THR A 219 4.82 -32.24 20.36
N HIS A 220 4.43 -31.06 19.89
CA HIS A 220 5.08 -29.84 20.36
C HIS A 220 4.63 -29.44 21.76
N HIS A 221 3.92 -30.31 22.45
CA HIS A 221 3.57 -30.19 23.86
C HIS A 221 3.60 -31.58 24.48
N PRO A 222 3.91 -31.69 25.77
CA PRO A 222 3.95 -33.01 26.40
C PRO A 222 2.56 -33.65 26.40
N PHE A 223 2.56 -34.98 26.27
CA PHE A 223 1.31 -35.72 26.28
C PHE A 223 0.68 -35.67 27.67
N TYR A 224 -0.65 -35.83 27.70
CA TYR A 224 -1.43 -35.86 28.94
C TYR A 224 -1.34 -34.53 29.70
N THR A 225 -1.10 -33.45 28.97
CA THR A 225 -1.14 -32.10 29.52
C THR A 225 -2.15 -31.28 28.73
N GLN A 226 -2.40 -30.06 29.22
CA GLN A 226 -3.32 -29.14 28.57
C GLN A 226 -2.55 -27.97 27.97
N PHE A 227 -2.95 -27.59 26.75
CA PHE A 227 -2.38 -26.42 26.08
C PHE A 227 -3.42 -25.86 25.13
N PRO A 228 -3.41 -24.55 24.88
CA PRO A 228 -4.35 -23.98 23.91
C PRO A 228 -3.79 -24.10 22.49
N LEU A 229 -4.62 -24.61 21.58
CA LEU A 229 -4.16 -24.79 20.21
C LEU A 229 -3.85 -23.45 19.57
N GLU A 230 -2.69 -23.39 18.91
CA GLU A 230 -2.19 -22.14 18.31
C GLU A 230 -2.84 -21.94 16.95
N ILE A 231 -4.13 -21.64 16.98
CA ILE A 231 -4.92 -21.36 15.78
C ILE A 231 -5.66 -20.05 15.98
N GLN A 232 -5.95 -19.38 14.87
CA GLN A 232 -6.49 -18.02 14.93
C GLN A 232 -7.85 -17.98 15.61
N ASP A 233 -8.70 -18.98 15.35
CA ASP A 233 -10.04 -18.97 15.90
C ASP A 233 -10.09 -19.37 17.37
N ASN A 234 -8.96 -19.77 17.96
CA ASN A 234 -8.87 -20.03 19.40
C ASN A 234 -8.39 -18.80 20.17
N TRP A 235 -8.90 -17.62 19.81
CA TRP A 235 -8.48 -16.40 20.48
C TRP A 235 -8.88 -16.36 21.95
N ARG A 236 -9.88 -17.15 22.36
CA ARG A 236 -10.18 -17.31 23.77
C ARG A 236 -9.14 -18.14 24.50
N HIS A 237 -8.25 -18.83 23.77
CA HIS A 237 -7.20 -19.66 24.35
C HIS A 237 -7.78 -20.76 25.23
N GLY A 238 -8.82 -21.42 24.72
CA GLY A 238 -9.36 -22.58 25.40
C GLY A 238 -8.39 -23.76 25.33
N MET A 239 -8.34 -24.53 26.40
CA MET A 239 -7.37 -25.60 26.51
C MET A 239 -7.89 -26.90 25.93
N SER A 240 -6.96 -27.77 25.56
CA SER A 240 -7.26 -29.10 25.04
C SER A 240 -6.30 -30.09 25.67
N TYR A 241 -6.80 -31.28 25.98
CA TYR A 241 -5.96 -32.34 26.52
C TYR A 241 -5.17 -32.99 25.39
N ASN A 242 -3.88 -33.21 25.61
CA ASN A 242 -2.99 -33.77 24.59
C ASN A 242 -2.88 -35.28 24.83
N LEU A 243 -3.23 -36.06 23.82
CA LEU A 243 -3.18 -37.51 23.88
C LEU A 243 -2.30 -38.07 22.78
N PRO A 244 -1.68 -39.23 22.99
CA PRO A 244 -1.02 -39.91 21.88
C PRO A 244 -2.04 -40.26 20.80
N LEU A 245 -1.55 -40.37 19.57
CA LEU A 245 -2.44 -40.49 18.41
C LEU A 245 -3.33 -41.73 18.51
N ASP A 246 -2.78 -42.84 18.98
CA ASP A 246 -3.57 -44.07 19.07
C ASP A 246 -4.63 -43.97 20.16
N GLU A 247 -4.26 -43.44 21.32
CA GLU A 247 -5.27 -43.22 22.36
C GLU A 247 -6.26 -42.15 21.94
N PHE A 248 -5.84 -41.19 21.12
CA PHE A 248 -6.75 -40.18 20.60
C PHE A 248 -7.85 -40.82 19.75
N MET A 249 -7.47 -41.77 18.89
CA MET A 249 -8.46 -42.47 18.07
C MET A 249 -9.32 -43.43 18.88
N GLU A 250 -8.86 -43.88 20.05
CA GLU A 250 -9.68 -44.74 20.88
C GLU A 250 -10.89 -44.00 21.43
N VAL A 251 -10.76 -42.69 21.67
CA VAL A 251 -11.88 -41.92 22.17
C VAL A 251 -12.97 -41.79 21.12
N PHE A 252 -12.58 -41.76 19.84
CA PHE A 252 -13.56 -41.69 18.76
C PHE A 252 -14.50 -42.89 18.81
N ASP A 253 -13.93 -44.10 18.80
CA ASP A 253 -14.74 -45.31 18.80
C ASP A 253 -15.46 -45.50 20.13
N ASN A 254 -14.81 -45.16 21.24
CA ASN A 254 -15.43 -45.31 22.55
C ASN A 254 -16.64 -44.40 22.68
N ALA A 255 -16.57 -43.19 22.13
CA ALA A 255 -17.70 -42.26 22.20
C ALA A 255 -18.89 -42.79 21.41
N ILE A 256 -18.64 -43.28 20.19
CA ILE A 256 -19.73 -43.77 19.35
C ILE A 256 -20.32 -45.05 19.95
N ASN A 257 -19.47 -45.96 20.42
CA ASN A 257 -19.94 -47.24 20.94
C ASN A 257 -20.66 -47.10 22.27
N THR A 258 -20.37 -46.04 23.04
CA THR A 258 -21.00 -45.83 24.34
C THR A 258 -22.27 -44.97 24.24
N GLY A 259 -22.55 -44.40 23.07
CA GLY A 259 -23.74 -43.60 22.89
C GLY A 259 -23.53 -42.11 22.74
N TYR A 260 -22.30 -41.66 22.52
CA TYR A 260 -22.00 -40.24 22.43
C TYR A 260 -21.73 -39.83 20.99
N THR A 261 -21.85 -38.53 20.75
CA THR A 261 -21.46 -37.91 19.50
C THR A 261 -20.23 -37.04 19.75
N ILE A 262 -19.56 -36.67 18.66
CA ILE A 262 -18.28 -35.97 18.74
C ILE A 262 -18.37 -34.68 17.93
N ALA A 263 -18.01 -33.56 18.56
CA ALA A 263 -17.81 -32.30 17.83
C ALA A 263 -16.44 -32.36 17.16
N TRP A 264 -16.43 -32.42 15.83
CA TRP A 264 -15.24 -32.74 15.06
C TRP A 264 -14.74 -31.49 14.33
N GLY A 265 -13.60 -30.97 14.77
CA GLY A 265 -12.92 -29.91 14.08
C GLY A 265 -11.71 -30.46 13.33
N SER A 266 -11.67 -30.22 12.03
CA SER A 266 -10.68 -30.86 11.18
C SER A 266 -10.35 -30.01 9.97
N ASP A 267 -9.25 -30.37 9.31
CA ASP A 267 -8.88 -29.77 8.04
C ASP A 267 -9.67 -30.44 6.92
N VAL A 268 -10.27 -29.63 6.05
CA VAL A 268 -11.01 -30.12 4.89
C VAL A 268 -10.43 -29.58 3.58
N SER A 269 -9.28 -28.92 3.61
CA SER A 269 -8.65 -28.39 2.41
C SER A 269 -7.69 -29.42 1.81
N GLU A 270 -8.24 -30.59 1.50
CA GLU A 270 -7.47 -31.67 0.89
C GLU A 270 -8.19 -32.17 -0.35
N SER A 271 -7.43 -32.81 -1.25
CA SER A 271 -8.02 -33.41 -2.44
C SER A 271 -8.94 -34.56 -2.07
N GLY A 272 -8.70 -35.21 -0.94
CA GLY A 272 -9.54 -36.31 -0.50
C GLY A 272 -10.92 -35.88 -0.06
N PHE A 273 -11.07 -34.63 0.36
CA PHE A 273 -12.38 -34.12 0.77
C PHE A 273 -13.13 -33.66 -0.47
N THR A 274 -14.14 -34.42 -0.87
CA THR A 274 -14.89 -34.16 -2.08
C THR A 274 -16.28 -33.63 -1.74
N ARG A 275 -16.89 -32.96 -2.71
CA ARG A 275 -18.27 -32.53 -2.58
C ARG A 275 -19.24 -33.69 -2.74
N ASP A 276 -18.75 -34.91 -2.97
CA ASP A 276 -19.60 -36.07 -3.17
C ASP A 276 -20.04 -36.73 -1.87
N GLY A 277 -19.55 -36.26 -0.72
CA GLY A 277 -19.94 -36.82 0.56
C GLY A 277 -19.00 -37.84 1.18
N VAL A 278 -17.77 -37.97 0.68
CA VAL A 278 -16.78 -38.87 1.26
C VAL A 278 -15.52 -38.06 1.56
N ALA A 279 -14.78 -38.50 2.57
CA ALA A 279 -13.51 -37.88 2.95
C ALA A 279 -12.50 -39.00 3.17
N VAL A 280 -11.61 -39.19 2.20
CA VAL A 280 -10.66 -40.30 2.21
C VAL A 280 -9.24 -39.75 2.18
N MET A 281 -8.29 -40.62 2.51
CA MET A 281 -6.86 -40.32 2.47
C MET A 281 -6.18 -41.41 1.66
N PRO A 282 -6.28 -41.35 0.33
CA PRO A 282 -5.75 -42.44 -0.50
C PRO A 282 -4.24 -42.42 -0.55
N ASP A 283 -3.67 -43.61 -0.72
CA ASP A 283 -2.23 -43.77 -0.85
C ASP A 283 -1.81 -43.66 -2.31
N THR A 310 -13.17 -42.03 -5.86
CA THR A 310 -14.48 -42.45 -6.35
C THR A 310 -14.79 -43.88 -5.92
N LYS A 311 -13.74 -44.66 -5.64
CA LYS A 311 -13.88 -46.02 -5.20
C LYS A 311 -13.06 -46.23 -3.93
N PRO A 312 -13.37 -47.26 -3.15
CA PRO A 312 -12.51 -47.60 -2.01
C PRO A 312 -11.11 -47.97 -2.45
N GLN A 313 -10.12 -47.34 -1.83
CA GLN A 313 -8.72 -47.60 -2.08
C GLN A 313 -8.00 -47.77 -0.77
N PRO A 314 -6.80 -48.37 -0.77
CA PRO A 314 -6.02 -48.45 0.46
C PRO A 314 -5.66 -47.06 0.96
N GLN A 315 -5.89 -46.83 2.26
CA GLN A 315 -5.68 -45.53 2.85
C GLN A 315 -4.29 -45.45 3.45
N LYS A 316 -3.77 -44.23 3.56
CA LYS A 316 -2.45 -44.00 4.14
C LYS A 316 -2.57 -43.81 5.64
N TRP A 317 -1.84 -44.62 6.40
CA TRP A 317 -1.86 -44.57 7.86
C TRP A 317 -0.69 -43.69 8.32
N CYS A 318 -1.00 -42.48 8.79
CA CYS A 318 0.04 -41.56 9.18
C CYS A 318 0.60 -41.91 10.55
N THR A 319 1.87 -41.59 10.75
CA THR A 319 2.49 -41.69 12.06
C THR A 319 2.20 -40.43 12.87
N GLN A 320 2.64 -40.43 14.13
CA GLN A 320 2.52 -39.23 14.94
C GLN A 320 3.39 -38.10 14.39
N ALA A 321 4.53 -38.43 13.79
CA ALA A 321 5.40 -37.41 13.22
C ALA A 321 4.82 -36.85 11.92
N GLU A 322 4.28 -37.71 11.07
CA GLU A 322 3.67 -37.23 9.83
C GLU A 322 2.49 -36.33 10.11
N ARG A 323 1.69 -36.66 11.13
CA ARG A 323 0.60 -35.78 11.52
C ARG A 323 1.13 -34.45 12.05
N GLN A 324 2.25 -34.50 12.79
CA GLN A 324 2.83 -33.26 13.33
C GLN A 324 3.39 -32.39 12.22
N LEU A 325 4.04 -32.99 11.22
CA LEU A 325 4.62 -32.18 10.15
C LEU A 325 3.55 -31.42 9.39
N ALA A 326 2.42 -32.05 9.10
CA ALA A 326 1.35 -31.39 8.39
C ALA A 326 0.79 -30.21 9.18
N TYR A 327 0.77 -30.30 10.50
CA TYR A 327 0.36 -29.17 11.33
C TYR A 327 1.43 -28.09 11.36
N ASP A 328 2.70 -28.47 11.25
CA ASP A 328 3.79 -27.49 11.30
C ASP A 328 3.97 -26.75 9.98
N ASN A 329 3.72 -27.42 8.85
CA ASN A 329 4.02 -26.86 7.54
C ASN A 329 2.79 -26.32 6.81
N TYR A 330 1.70 -26.04 7.54
CA TYR A 330 0.46 -25.43 7.06
C TYR A 330 -0.42 -26.40 6.27
N GLU A 331 -0.07 -27.68 6.20
CA GLU A 331 -0.89 -28.62 5.45
C GLU A 331 -2.14 -29.07 6.21
N THR A 332 -2.16 -28.88 7.53
CA THR A 332 -3.34 -29.12 8.35
C THR A 332 -3.69 -27.84 9.08
N THR A 333 -4.82 -27.24 8.71
CA THR A 333 -5.27 -25.99 9.31
C THR A 333 -6.69 -26.16 9.81
N ASP A 334 -7.07 -25.30 10.77
CA ASP A 334 -8.39 -25.33 11.37
C ASP A 334 -9.39 -24.75 10.38
N ASP A 335 -9.93 -25.62 9.52
CA ASP A 335 -10.80 -25.19 8.43
C ASP A 335 -12.28 -25.31 8.79
N HIS A 336 -12.74 -26.48 9.21
CA HIS A 336 -14.17 -26.77 9.30
C HIS A 336 -14.49 -27.52 10.58
N GLY A 337 -15.68 -27.23 11.13
CA GLY A 337 -16.19 -27.93 12.27
C GLY A 337 -17.43 -28.73 11.94
N MET A 338 -17.47 -30.00 12.34
CA MET A 338 -18.58 -30.88 12.02
C MET A 338 -18.89 -31.73 13.25
N GLN A 339 -19.82 -32.69 13.09
CA GLN A 339 -20.19 -33.61 14.17
C GLN A 339 -20.07 -35.04 13.68
N ILE A 340 -19.32 -35.85 14.42
CA ILE A 340 -19.21 -37.29 14.17
C ILE A 340 -20.20 -38.00 15.07
N TYR A 341 -21.08 -38.81 14.48
CA TYR A 341 -22.14 -39.47 15.23
C TYR A 341 -22.24 -40.97 14.98
N GLY A 342 -21.36 -41.56 14.16
CA GLY A 342 -21.50 -42.97 13.87
C GLY A 342 -20.27 -43.55 13.20
N ILE A 343 -20.32 -44.87 12.99
CA ILE A 343 -19.25 -45.63 12.34
C ILE A 343 -19.88 -46.45 11.22
N ALA A 344 -19.19 -46.54 10.08
CA ALA A 344 -19.70 -47.28 8.92
C ALA A 344 -18.55 -47.99 8.20
N LYS A 345 -18.94 -48.88 7.29
CA LYS A 345 -18.02 -49.63 6.44
C LYS A 345 -18.35 -49.31 5.00
N ASP A 346 -17.37 -49.43 4.11
CA ASP A 346 -17.71 -49.42 2.69
C ASP A 346 -17.96 -50.86 2.27
N GLN A 347 -18.00 -51.09 0.96
CA GLN A 347 -18.11 -52.45 0.44
C GLN A 347 -16.92 -53.33 0.82
N GLU A 348 -15.74 -52.74 0.98
CA GLU A 348 -14.54 -53.54 1.22
C GLU A 348 -14.12 -53.59 2.68
N GLY A 349 -14.96 -53.11 3.59
CA GLY A 349 -14.81 -53.35 5.02
C GLY A 349 -13.95 -52.40 5.81
N ASN A 350 -13.28 -51.43 5.18
CA ASN A 350 -12.49 -50.47 5.94
C ASN A 350 -13.41 -49.45 6.59
N GLU A 351 -12.95 -48.87 7.70
CA GLU A 351 -13.82 -48.14 8.60
C GLU A 351 -14.00 -46.67 8.20
N TYR A 352 -15.19 -46.14 8.49
CA TYR A 352 -15.56 -44.76 8.24
C TYR A 352 -16.33 -44.19 9.41
N TYR A 353 -16.23 -42.87 9.58
CA TYR A 353 -17.02 -42.11 10.54
C TYR A 353 -18.16 -41.38 9.83
N MET A 354 -19.36 -41.46 10.42
CA MET A 354 -20.52 -40.77 9.88
C MET A 354 -20.51 -39.33 10.37
N VAL A 355 -20.47 -38.36 9.44
CA VAL A 355 -20.27 -36.96 9.78
C VAL A 355 -21.47 -36.15 9.29
N LYS A 356 -22.04 -35.34 10.17
CA LYS A 356 -23.17 -34.47 9.86
C LYS A 356 -22.63 -33.06 9.54
N ASN A 357 -22.82 -32.62 8.31
CA ASN A 357 -22.33 -31.33 7.86
C ASN A 357 -23.38 -30.24 8.08
N SER A 358 -23.02 -29.00 7.78
CA SER A 358 -23.90 -27.84 7.93
C SER A 358 -23.99 -27.02 6.65
N TRP A 359 -23.97 -27.69 5.50
CA TRP A 359 -24.00 -27.03 4.20
C TRP A 359 -25.33 -27.22 3.46
N GLY A 360 -26.40 -27.53 4.17
CA GLY A 360 -27.65 -27.85 3.51
C GLY A 360 -27.66 -29.31 3.11
N THR A 361 -28.71 -29.70 2.37
CA THR A 361 -28.89 -31.11 2.02
C THR A 361 -28.81 -31.41 0.53
N ASN A 362 -28.35 -30.49 -0.31
CA ASN A 362 -28.26 -30.72 -1.76
C ASN A 362 -26.85 -31.25 -2.07
N SER A 363 -26.65 -32.50 -1.67
CA SER A 363 -25.44 -33.25 -1.98
C SER A 363 -25.84 -34.70 -2.19
N LYS A 364 -24.88 -35.54 -2.56
CA LYS A 364 -25.20 -36.92 -2.92
C LYS A 364 -25.80 -37.69 -1.75
N TYR A 365 -25.33 -37.41 -0.53
CA TYR A 365 -25.82 -38.09 0.67
C TYR A 365 -26.63 -37.16 1.56
N ASN A 366 -27.25 -36.14 0.95
CA ASN A 366 -28.13 -35.19 1.65
C ASN A 366 -27.41 -34.50 2.81
N GLY A 367 -26.24 -33.96 2.53
CA GLY A 367 -25.49 -33.15 3.47
C GLY A 367 -24.72 -33.91 4.54
N ILE A 368 -24.53 -35.21 4.37
CA ILE A 368 -23.82 -36.03 5.36
C ILE A 368 -22.62 -36.66 4.67
N TRP A 369 -21.45 -36.58 5.32
CA TRP A 369 -20.20 -37.08 4.76
C TRP A 369 -19.70 -38.31 5.49
N TYR A 370 -18.98 -39.15 4.74
CA TYR A 370 -18.30 -40.34 5.27
C TYR A 370 -16.81 -40.08 5.26
N ALA A 371 -16.22 -39.94 6.44
CA ALA A 371 -14.79 -39.69 6.58
C ALA A 371 -14.09 -40.96 7.04
N SER A 372 -13.12 -41.43 6.26
CA SER A 372 -12.39 -42.63 6.62
C SER A 372 -11.60 -42.41 7.91
N LYS A 373 -11.39 -43.50 8.65
CA LYS A 373 -10.66 -43.40 9.91
C LYS A 373 -9.22 -42.94 9.71
N ALA A 374 -8.63 -43.24 8.55
CA ALA A 374 -7.29 -42.75 8.26
C ALA A 374 -7.30 -41.23 8.05
N PHE A 375 -8.33 -40.72 7.37
CA PHE A 375 -8.45 -39.28 7.17
C PHE A 375 -8.62 -38.55 8.50
N VAL A 376 -9.47 -39.07 9.38
CA VAL A 376 -9.69 -38.43 10.67
C VAL A 376 -8.42 -38.47 11.51
N ARG A 377 -7.66 -39.56 11.42
CA ARG A 377 -6.41 -39.67 12.16
C ARG A 377 -5.39 -38.63 11.69
N TYR A 378 -5.43 -38.27 10.41
CA TYR A 378 -4.45 -37.38 9.81
C TYR A 378 -4.83 -35.89 9.94
N LYS A 379 -6.09 -35.55 9.68
CA LYS A 379 -6.49 -34.17 9.48
C LYS A 379 -7.32 -33.57 10.62
N THR A 380 -7.51 -34.29 11.71
CA THR A 380 -8.30 -33.76 12.82
C THR A 380 -7.48 -32.73 13.59
N MET A 381 -8.05 -31.54 13.78
CA MET A 381 -7.40 -30.52 14.60
C MET A 381 -7.68 -30.77 16.07
N ASN A 382 -8.97 -30.84 16.44
CA ASN A 382 -9.36 -31.12 17.81
C ASN A 382 -10.80 -31.61 17.82
N ILE A 383 -11.19 -32.22 18.94
CA ILE A 383 -12.55 -32.71 19.13
C ILE A 383 -13.04 -32.34 20.53
N VAL A 384 -14.36 -32.34 20.68
CA VAL A 384 -15.02 -32.09 21.96
C VAL A 384 -16.01 -33.22 22.21
N VAL A 385 -15.90 -33.87 23.37
CA VAL A 385 -16.79 -34.94 23.76
C VAL A 385 -17.12 -34.77 25.25
N HIS A 386 -18.20 -35.42 25.65
CA HIS A 386 -18.48 -35.57 27.06
C HIS A 386 -17.38 -36.43 27.69
N LYS A 387 -17.14 -36.18 28.98
CA LYS A 387 -16.15 -36.94 29.74
C LYS A 387 -16.30 -38.43 29.55
N ASP A 388 -17.51 -38.91 29.78
CA ASP A 388 -17.85 -40.31 29.88
C ASP A 388 -17.75 -41.01 28.54
N ALA A 389 -17.45 -40.27 27.48
CA ALA A 389 -17.14 -40.88 26.19
C ALA A 389 -15.68 -41.33 26.11
N LEU A 390 -14.84 -40.87 27.04
CA LEU A 390 -13.44 -41.27 27.09
C LEU A 390 -13.30 -42.68 27.64
N PRO A 391 -12.34 -43.47 27.14
CA PRO A 391 -12.01 -44.73 27.83
C PRO A 391 -11.47 -44.44 29.22
N LYS A 392 -11.73 -45.38 30.13
CA LYS A 392 -11.36 -45.19 31.53
C LYS A 392 -9.84 -45.08 31.71
N ALA A 393 -9.07 -45.86 30.95
CA ALA A 393 -7.63 -45.83 31.10
C ALA A 393 -7.04 -44.50 30.67
N ILE A 394 -7.48 -43.96 29.53
CA ILE A 394 -7.06 -42.64 29.10
C ILE A 394 -7.47 -41.58 30.10
N LYS A 395 -8.67 -41.73 30.66
CA LYS A 395 -9.25 -40.68 31.49
C LYS A 395 -8.48 -40.48 32.79
N ALA A 396 -7.88 -41.54 33.35
CA ALA A 396 -7.03 -41.37 34.52
C ALA A 396 -5.72 -40.68 34.17
N LYS A 397 -5.16 -40.98 33.00
CA LYS A 397 -3.90 -40.37 32.59
C LYS A 397 -4.03 -38.86 32.45
N LEU A 398 -5.22 -38.36 32.09
CA LEU A 398 -5.45 -36.93 31.97
C LEU A 398 -5.85 -36.31 33.31
N GLY A 399 -6.19 -37.14 34.29
CA GLY A 399 -6.56 -36.71 35.63
C GLY A 399 -7.98 -36.27 35.78
N ILE A 400 -8.76 -36.22 34.69
CA ILE A 400 -10.20 -35.99 34.80
C ILE A 400 -10.83 -37.08 35.65
N LYS A 401 -11.68 -36.67 36.58
CA LYS A 401 -12.34 -37.61 37.48
C LYS A 401 -13.84 -37.68 37.20
N GLY B 29 2.02 47.92 17.14
CA GLY B 29 0.87 47.04 17.28
C GLY B 29 -0.37 47.54 16.58
N PHE B 30 -1.49 46.86 16.84
CA PHE B 30 -2.77 47.22 16.24
C PHE B 30 -3.71 47.79 17.31
N VAL B 31 -4.39 48.88 16.98
CA VAL B 31 -5.51 49.39 17.77
C VAL B 31 -6.64 49.66 16.79
N PHE B 32 -7.72 48.89 16.88
CA PHE B 32 -8.82 48.96 15.95
C PHE B 32 -9.96 49.79 16.55
N THR B 33 -10.61 50.55 15.70
CA THR B 33 -11.77 51.29 16.12
C THR B 33 -12.87 50.96 15.17
N THR B 34 -14.01 50.60 15.70
CA THR B 34 -15.12 50.18 14.91
C THR B 34 -15.77 51.31 14.16
N VAL B 35 -16.15 51.07 12.92
CA VAL B 35 -16.91 52.03 12.13
C VAL B 35 -18.39 51.73 12.20
N LYS B 36 -18.77 50.47 11.97
CA LYS B 36 -20.15 50.02 12.07
C LYS B 36 -20.13 48.52 12.29
N GLU B 37 -20.99 48.04 13.19
CA GLU B 37 -21.10 46.61 13.44
C GLU B 37 -22.56 46.26 13.69
N ASN B 38 -22.93 45.05 13.30
CA ASN B 38 -24.32 44.59 13.40
C ASN B 38 -24.44 43.51 14.48
N PRO B 39 -25.66 43.30 15.01
CA PRO B 39 -25.82 42.36 16.12
C PRO B 39 -25.42 40.94 15.76
N ILE B 40 -24.72 40.28 16.69
CA ILE B 40 -24.30 38.89 16.55
C ILE B 40 -24.65 38.15 17.83
N THR B 41 -24.47 36.83 17.79
CA THR B 41 -24.71 35.98 18.94
C THR B 41 -23.38 35.76 19.68
N SER B 42 -23.45 35.00 20.76
CA SER B 42 -22.24 34.67 21.50
C SER B 42 -21.31 33.82 20.66
N VAL B 43 -20.01 33.93 20.93
CA VAL B 43 -19.02 33.15 20.20
C VAL B 43 -19.06 31.70 20.68
N LYS B 44 -19.17 30.76 19.74
CA LYS B 44 -19.18 29.34 20.05
C LYS B 44 -17.84 28.71 19.69
N ASN B 45 -17.74 27.40 19.94
CA ASN B 45 -16.49 26.66 19.79
C ASN B 45 -16.78 25.35 19.07
N GLN B 46 -16.29 25.23 17.83
CA GLN B 46 -16.42 23.98 17.09
C GLN B 46 -15.49 22.91 17.65
N ASN B 47 -14.41 23.31 18.27
CA ASN B 47 -13.44 22.37 18.84
C ASN B 47 -12.82 21.40 17.83
N ARG B 48 -12.82 20.12 18.12
CA ARG B 48 -12.22 19.08 17.32
C ARG B 48 -12.72 18.80 15.97
N ALA B 49 -14.00 18.90 15.78
CA ALA B 49 -14.61 18.65 14.53
C ALA B 49 -14.35 19.69 13.48
N GLY B 50 -14.47 19.31 12.23
CA GLY B 50 -14.36 20.23 11.10
C GLY B 50 -15.71 20.76 10.67
N THR B 51 -16.42 21.22 11.65
CA THR B 51 -17.79 21.71 11.58
C THR B 51 -17.87 23.24 11.51
N CYS B 52 -16.80 23.89 11.06
CA CYS B 52 -16.81 25.35 10.95
C CYS B 52 -17.89 25.83 9.99
N TRP B 53 -18.21 25.01 8.98
CA TRP B 53 -19.24 25.39 8.02
C TRP B 53 -20.59 25.55 8.68
N CYS B 54 -20.89 24.71 9.68
CA CYS B 54 -22.19 24.78 10.35
C CYS B 54 -22.20 25.84 11.43
N TYR B 55 -21.10 25.98 12.18
CA TYR B 55 -21.04 26.99 13.23
C TYR B 55 -21.07 28.40 12.64
N SER B 56 -20.38 28.60 11.52
CA SER B 56 -20.41 29.93 10.89
C SER B 56 -21.74 30.18 10.20
N SER B 57 -22.33 29.14 9.60
CA SER B 57 -23.65 29.30 8.98
C SER B 57 -24.69 29.69 10.02
N TYR B 58 -24.63 29.09 11.22
CA TYR B 58 -25.61 29.39 12.25
C TYR B 58 -25.32 30.70 12.94
N SER B 59 -24.04 31.10 13.01
CA SER B 59 -23.74 32.46 13.44
C SER B 59 -24.34 33.47 12.47
N PHE B 60 -24.30 33.16 11.17
CA PHE B 60 -24.92 34.02 10.17
C PHE B 60 -26.44 33.96 10.25
N LEU B 61 -27.00 32.75 10.39
CA LEU B 61 -28.45 32.61 10.44
C LEU B 61 -29.03 33.21 11.73
N GLU B 62 -28.28 33.14 12.83
CA GLU B 62 -28.75 33.76 14.07
C GLU B 62 -28.74 35.28 13.96
N SER B 63 -27.72 35.84 13.30
CA SER B 63 -27.71 37.27 13.04
C SER B 63 -28.85 37.69 12.10
N GLU B 64 -29.23 36.81 11.18
CA GLU B 64 -30.37 37.10 10.31
C GLU B 64 -31.67 37.14 11.10
N LEU B 65 -31.82 36.24 12.07
CA LEU B 65 -33.02 36.24 12.90
C LEU B 65 -33.12 37.48 13.75
N LEU B 66 -31.98 37.97 14.27
CA LEU B 66 -31.97 39.23 14.99
C LEU B 66 -32.34 40.39 14.07
N ARG B 67 -31.84 40.37 12.83
CA ARG B 67 -32.12 41.43 11.89
C ARG B 67 -33.60 41.48 11.51
N MET B 68 -34.24 40.32 11.40
CA MET B 68 -35.65 40.24 11.08
C MET B 68 -36.54 40.29 12.32
N GLY B 69 -36.00 40.68 13.46
CA GLY B 69 -36.79 40.85 14.67
C GLY B 69 -37.35 39.59 15.30
N LYS B 70 -36.66 38.46 15.16
CA LYS B 70 -37.16 37.21 15.72
C LYS B 70 -36.52 36.84 17.06
N GLY B 71 -35.53 37.59 17.52
CA GLY B 71 -34.89 37.31 18.79
C GLY B 71 -33.64 36.47 18.60
N GLU B 72 -33.05 36.09 19.74
CA GLU B 72 -31.86 35.25 19.72
C GLU B 72 -32.24 33.79 19.64
N TYR B 73 -31.47 33.04 18.88
CA TYR B 73 -31.62 31.61 18.76
C TYR B 73 -30.27 30.98 19.05
N ASP B 74 -30.29 29.73 19.49
CA ASP B 74 -29.07 28.95 19.69
C ASP B 74 -29.34 27.65 18.96
N LEU B 75 -29.06 27.65 17.67
CA LEU B 75 -29.39 26.52 16.81
C LEU B 75 -28.36 25.41 17.00
N SER B 76 -28.85 24.17 16.92
CA SER B 76 -28.02 23.00 17.16
C SER B 76 -27.20 22.71 15.91
N GLU B 77 -25.88 22.90 15.99
CA GLU B 77 -25.01 22.53 14.88
C GLU B 77 -24.98 21.01 14.71
N MET B 78 -24.99 20.28 15.82
CA MET B 78 -24.87 18.82 15.76
C MET B 78 -26.05 18.18 15.05
N PHE B 79 -27.23 18.81 15.12
CA PHE B 79 -28.39 18.27 14.41
C PHE B 79 -28.18 18.33 12.90
N THR B 80 -27.75 19.48 12.39
CA THR B 80 -27.50 19.60 10.96
C THR B 80 -26.25 18.83 10.56
N VAL B 81 -25.23 18.84 11.42
CA VAL B 81 -24.01 18.08 11.15
C VAL B 81 -24.31 16.60 11.03
N TYR B 82 -25.19 16.08 11.89
CA TYR B 82 -25.57 14.67 11.82
C TYR B 82 -26.25 14.35 10.49
N ASN B 83 -27.26 15.14 10.12
CA ASN B 83 -28.01 14.85 8.91
C ASN B 83 -27.20 15.11 7.65
N THR B 84 -26.28 16.08 7.69
CA THR B 84 -25.43 16.35 6.54
C THR B 84 -24.51 15.17 6.24
N TYR B 85 -23.95 14.56 7.29
CA TYR B 85 -23.04 13.43 7.09
C TYR B 85 -23.75 12.23 6.49
N LEU B 86 -25.00 11.98 6.89
CA LEU B 86 -25.76 10.89 6.26
C LEU B 86 -25.98 11.15 4.78
N ASP B 87 -26.24 12.40 4.40
CA ASP B 87 -26.39 12.72 2.99
C ASP B 87 -25.06 12.61 2.26
N ARG B 88 -23.97 13.01 2.92
CA ARG B 88 -22.65 12.90 2.29
C ARG B 88 -22.23 11.44 2.15
N ALA B 89 -22.57 10.61 3.14
CA ALA B 89 -22.28 9.18 3.04
C ALA B 89 -23.06 8.54 1.88
N ASP B 90 -24.33 8.94 1.72
CA ASP B 90 -25.12 8.45 0.59
C ASP B 90 -24.55 8.92 -0.74
N ALA B 91 -24.07 10.17 -0.78
CA ALA B 91 -23.45 10.68 -2.00
C ALA B 91 -22.16 9.94 -2.33
N ALA B 92 -21.36 9.63 -1.30
CA ALA B 92 -20.13 8.88 -1.52
C ALA B 92 -20.42 7.47 -2.02
N VAL B 93 -21.46 6.83 -1.47
CA VAL B 93 -21.80 5.47 -1.88
C VAL B 93 -22.37 5.46 -3.28
N ARG B 94 -23.22 6.44 -3.61
CA ARG B 94 -23.82 6.49 -4.94
C ARG B 94 -22.77 6.75 -6.01
N THR B 95 -21.78 7.59 -5.72
CA THR B 95 -20.70 7.88 -6.66
C THR B 95 -19.51 6.93 -6.50
N HIS B 96 -19.68 5.84 -5.76
CA HIS B 96 -18.64 4.81 -5.61
C HIS B 96 -17.32 5.41 -5.13
N GLY B 97 -17.41 6.34 -4.19
CA GLY B 97 -16.23 6.93 -3.57
C GLY B 97 -15.74 8.21 -4.21
N ASP B 98 -16.35 8.65 -5.32
CA ASP B 98 -15.91 9.89 -5.95
C ASP B 98 -16.12 11.08 -5.03
N VAL B 99 -17.34 11.22 -4.48
CA VAL B 99 -17.58 12.23 -3.46
C VAL B 99 -16.85 11.82 -2.19
N SER B 100 -15.90 12.63 -1.77
CA SER B 100 -15.15 12.32 -0.55
C SER B 100 -16.04 12.44 0.67
N PHE B 101 -15.81 11.56 1.64
CA PHE B 101 -16.55 11.57 2.90
C PHE B 101 -15.62 12.10 3.99
N SER B 102 -15.86 13.34 4.41
CA SER B 102 -15.03 13.98 5.42
C SER B 102 -15.92 14.88 6.27
N GLN B 103 -15.30 15.60 7.21
CA GLN B 103 -16.04 16.40 8.16
C GLN B 103 -16.47 17.75 7.60
N GLY B 104 -15.90 18.19 6.48
CA GLY B 104 -16.14 19.51 5.97
C GLY B 104 -17.55 19.69 5.42
N GLY B 105 -17.81 20.92 4.98
CA GLY B 105 -19.11 21.25 4.45
C GLY B 105 -19.12 22.67 3.90
N SER B 106 -20.32 23.16 3.62
CA SER B 106 -20.49 24.48 3.03
C SER B 106 -21.68 25.19 3.67
N PHE B 107 -21.83 26.47 3.33
CA PHE B 107 -22.99 27.22 3.80
C PHE B 107 -24.29 26.66 3.20
N TYR B 108 -24.23 26.15 1.97
CA TYR B 108 -25.43 25.58 1.36
C TYR B 108 -25.87 24.31 2.06
N ASP B 109 -24.94 23.60 2.71
CA ASP B 109 -25.31 22.44 3.50
C ASP B 109 -26.29 22.81 4.60
N ALA B 110 -26.11 23.98 5.21
CA ALA B 110 -27.03 24.45 6.24
C ALA B 110 -28.32 24.99 5.63
N LEU B 111 -28.21 25.71 4.51
CA LEU B 111 -29.41 26.23 3.85
C LEU B 111 -30.27 25.09 3.32
N TYR B 112 -29.66 24.08 2.72
CA TYR B 112 -30.41 22.89 2.33
C TYR B 112 -30.91 22.14 3.55
N GLY B 113 -30.11 22.10 4.62
CA GLY B 113 -30.49 21.31 5.78
C GLY B 113 -31.70 21.85 6.51
N MET B 114 -31.77 23.18 6.68
CA MET B 114 -32.90 23.76 7.39
C MET B 114 -34.21 23.56 6.64
N GLU B 115 -34.16 23.51 5.31
CA GLU B 115 -35.37 23.25 4.52
C GLU B 115 -35.70 21.77 4.45
N THR B 116 -34.69 20.90 4.54
CA THR B 116 -34.89 19.47 4.40
C THR B 116 -35.11 18.77 5.73
N PHE B 117 -34.22 19.01 6.70
CA PHE B 117 -34.31 18.39 8.01
C PHE B 117 -34.95 19.29 9.06
N GLY B 118 -34.90 20.60 8.88
CA GLY B 118 -35.41 21.53 9.84
C GLY B 118 -34.34 22.04 10.79
N LEU B 119 -34.80 22.59 11.91
CA LEU B 119 -33.92 23.15 12.92
C LEU B 119 -34.39 22.72 14.29
N VAL B 120 -33.44 22.47 15.19
CA VAL B 120 -33.74 22.22 16.59
C VAL B 120 -32.82 23.10 17.43
N PRO B 121 -33.22 23.47 18.65
CA PRO B 121 -32.36 24.30 19.48
C PRO B 121 -31.18 23.52 20.01
N GLU B 122 -30.19 24.26 20.51
CA GLU B 122 -28.94 23.65 20.96
C GLU B 122 -29.19 22.63 22.07
N GLU B 123 -30.13 22.91 22.97
CA GLU B 123 -30.35 22.05 24.12
C GLU B 123 -30.80 20.64 23.75
N GLU B 124 -31.36 20.46 22.55
CA GLU B 124 -31.84 19.13 22.16
C GLU B 124 -30.77 18.23 21.57
N MET B 125 -29.64 18.79 21.13
CA MET B 125 -28.54 17.97 20.63
C MET B 125 -27.25 18.69 21.01
N ARG B 126 -26.66 18.23 22.06
CA ARG B 126 -25.59 19.09 22.55
C ARG B 126 -24.24 18.51 22.08
N PRO B 127 -23.15 19.26 21.86
CA PRO B 127 -21.88 18.63 21.46
C PRO B 127 -21.22 17.92 22.64
N GLY B 128 -20.67 16.72 22.37
CA GLY B 128 -19.97 15.97 23.38
C GLY B 128 -20.84 15.31 24.42
N MET B 129 -22.17 15.48 24.34
CA MET B 129 -23.07 14.93 25.34
C MET B 129 -22.99 13.41 25.42
N MET B 130 -22.56 12.74 24.34
CA MET B 130 -22.55 11.29 24.30
C MET B 130 -21.25 10.68 24.80
N TYR B 131 -20.18 11.45 24.92
CA TYR B 131 -18.92 10.96 25.48
C TYR B 131 -18.48 11.81 26.65
N ALA B 132 -19.46 12.30 27.44
CA ALA B 132 -19.21 12.97 28.71
C ALA B 132 -18.34 14.20 28.55
N ASP B 133 -18.59 14.97 27.49
CA ASP B 133 -17.90 16.24 27.25
C ASP B 133 -18.92 17.32 26.92
N THR B 134 -18.42 18.54 26.74
CA THR B 134 -19.25 19.67 26.36
C THR B 134 -18.89 20.28 25.02
N LEU B 135 -17.79 19.85 24.40
CA LEU B 135 -17.37 20.32 23.09
C LEU B 135 -17.16 19.13 22.16
N SER B 136 -17.10 19.43 20.87
CA SER B 136 -17.04 18.38 19.86
C SER B 136 -15.66 17.75 19.80
N ASN B 137 -15.63 16.43 19.62
CA ASN B 137 -14.40 15.69 19.32
C ASN B 137 -14.81 14.51 18.44
N HIS B 138 -14.71 14.70 17.13
CA HIS B 138 -15.21 13.74 16.16
C HIS B 138 -14.09 12.93 15.50
N THR B 139 -12.93 12.83 16.15
CA THR B 139 -11.83 12.07 15.56
C THR B 139 -12.15 10.58 15.53
N GLU B 140 -12.67 10.05 16.63
CA GLU B 140 -13.02 8.63 16.67
C GLU B 140 -14.24 8.34 15.82
N LEU B 141 -15.24 9.24 15.85
CA LEU B 141 -16.41 9.07 15.00
C LEU B 141 -16.03 9.04 13.53
N SER B 142 -15.10 9.91 13.12
CA SER B 142 -14.64 9.90 11.74
C SER B 142 -13.90 8.61 11.42
N ALA B 143 -13.05 8.14 12.33
CA ALA B 143 -12.30 6.92 12.09
C ALA B 143 -13.21 5.74 11.80
N LEU B 144 -14.33 5.65 12.51
CA LEU B 144 -15.28 4.55 12.28
C LEU B 144 -16.09 4.75 11.01
N THR B 145 -16.68 5.94 10.85
CA THR B 145 -17.60 6.16 9.73
C THR B 145 -16.84 6.23 8.39
N ASP B 146 -15.63 6.79 8.38
CA ASP B 146 -14.83 6.78 7.17
C ASP B 146 -14.56 5.35 6.70
N ALA B 147 -14.19 4.47 7.64
CA ALA B 147 -13.95 3.07 7.28
C ALA B 147 -15.23 2.37 6.83
N MET B 148 -16.37 2.73 7.41
CA MET B 148 -17.64 2.10 7.02
C MET B 148 -18.04 2.50 5.60
N VAL B 149 -18.01 3.81 5.31
CA VAL B 149 -18.40 4.27 3.98
C VAL B 149 -17.44 3.74 2.92
N ALA B 150 -16.14 3.68 3.23
CA ALA B 150 -15.17 3.19 2.27
C ALA B 150 -15.38 1.70 1.99
N ALA B 151 -15.75 0.94 3.01
CA ALA B 151 -16.01 -0.49 2.81
C ALA B 151 -17.19 -0.72 1.87
N ILE B 152 -18.11 0.23 1.81
CA ILE B 152 -19.25 0.14 0.91
C ILE B 152 -18.96 0.81 -0.43
N ALA B 153 -18.50 2.06 -0.39
CA ALA B 153 -18.35 2.85 -1.62
C ALA B 153 -17.19 2.37 -2.47
N LYS B 154 -16.09 1.94 -1.83
CA LYS B 154 -14.88 1.57 -2.56
C LYS B 154 -14.54 0.10 -2.42
N GLY B 155 -15.45 -0.70 -1.86
CA GLY B 155 -15.20 -2.11 -1.66
C GLY B 155 -15.51 -2.94 -2.89
N LYS B 156 -15.64 -4.25 -2.68
CA LYS B 156 -15.94 -5.19 -3.75
C LYS B 156 -17.34 -5.80 -3.63
N LEU B 157 -18.20 -5.23 -2.79
CA LEU B 157 -19.58 -5.69 -2.71
C LEU B 157 -20.32 -5.36 -4.02
N ARG B 158 -21.05 -6.34 -4.58
CA ARG B 158 -21.75 -6.14 -5.84
C ARG B 158 -23.25 -6.00 -5.64
N LYS B 159 -23.76 -6.22 -4.42
CA LYS B 159 -25.18 -6.01 -4.14
C LYS B 159 -25.36 -5.67 -2.65
N LEU B 160 -25.78 -4.44 -2.36
CA LEU B 160 -25.97 -4.02 -0.97
C LEU B 160 -27.29 -4.54 -0.42
N GLN B 161 -27.28 -4.97 0.84
CA GLN B 161 -28.43 -5.63 1.44
C GLN B 161 -29.50 -4.62 1.83
N SER B 162 -30.75 -5.07 1.83
CA SER B 162 -31.90 -4.24 2.16
C SER B 162 -32.95 -5.11 2.85
N ASP B 163 -33.83 -4.46 3.60
CA ASP B 163 -34.88 -5.15 4.32
C ASP B 163 -36.12 -5.31 3.43
N GLU B 164 -37.23 -5.71 4.02
CA GLU B 164 -38.46 -5.94 3.26
C GLU B 164 -39.10 -4.66 2.77
N ASN B 165 -38.69 -3.51 3.29
CA ASN B 165 -39.21 -2.21 2.86
C ASN B 165 -38.24 -1.48 1.95
N ASN B 166 -37.26 -2.19 1.39
CA ASN B 166 -36.24 -1.66 0.49
C ASN B 166 -35.36 -0.60 1.16
N ALA B 167 -35.25 -0.65 2.48
CA ALA B 167 -34.38 0.26 3.21
C ALA B 167 -32.98 -0.33 3.28
N MET B 168 -31.98 0.48 2.95
CA MET B 168 -30.61 -0.01 2.91
C MET B 168 -30.09 -0.26 4.32
N LEU B 169 -29.48 -1.42 4.52
CA LEU B 169 -28.98 -1.77 5.85
C LEU B 169 -27.76 -0.94 6.23
N TRP B 170 -26.90 -0.65 5.25
CA TRP B 170 -25.71 0.14 5.54
C TRP B 170 -26.07 1.55 5.99
N LYS B 171 -27.18 2.10 5.49
CA LYS B 171 -27.62 3.42 5.94
C LYS B 171 -28.06 3.38 7.39
N LYS B 172 -28.70 2.28 7.81
CA LYS B 172 -29.05 2.13 9.22
C LYS B 172 -27.79 2.06 10.09
N ALA B 173 -26.76 1.35 9.63
CA ALA B 173 -25.52 1.22 10.40
C ALA B 173 -24.81 2.55 10.51
N VAL B 174 -24.68 3.29 9.40
CA VAL B 174 -23.99 4.57 9.43
C VAL B 174 -24.75 5.57 10.30
N ALA B 175 -26.08 5.55 10.22
CA ALA B 175 -26.89 6.44 11.06
C ALA B 175 -26.79 6.05 12.53
N ALA B 176 -26.76 4.73 12.82
CA ALA B 176 -26.68 4.28 14.20
C ALA B 176 -25.37 4.70 14.85
N VAL B 177 -24.26 4.57 14.11
CA VAL B 177 -22.97 4.98 14.66
C VAL B 177 -22.93 6.49 14.86
N HIS B 178 -23.52 7.25 13.94
CA HIS B 178 -23.56 8.70 14.10
C HIS B 178 -24.37 9.11 15.31
N GLN B 179 -25.47 8.39 15.58
CA GLN B 179 -26.29 8.70 16.75
C GLN B 179 -25.57 8.39 18.04
N ILE B 180 -24.73 7.35 18.05
CA ILE B 180 -24.01 6.97 19.26
C ILE B 180 -22.99 8.05 19.65
N TYR B 181 -22.43 8.74 18.66
CA TYR B 181 -21.42 9.76 18.93
C TYR B 181 -21.96 11.18 18.92
N LEU B 182 -23.06 11.44 18.22
CA LEU B 182 -23.63 12.78 18.14
C LEU B 182 -24.93 12.95 18.90
N GLY B 183 -25.67 11.88 19.15
CA GLY B 183 -26.94 11.95 19.83
C GLY B 183 -28.09 11.53 18.92
N VAL B 184 -29.23 11.29 19.56
CA VAL B 184 -30.44 10.88 18.85
C VAL B 184 -31.23 12.12 18.43
N PRO B 185 -31.59 12.24 17.16
CA PRO B 185 -32.39 13.38 16.72
C PRO B 185 -33.77 13.36 17.34
N PRO B 186 -34.23 14.49 17.88
CA PRO B 186 -35.57 14.51 18.47
C PRO B 186 -36.65 14.49 17.40
N GLU B 187 -37.73 13.78 17.70
CA GLU B 187 -38.90 13.75 16.84
C GLU B 187 -39.91 14.80 17.25
N LYS B 188 -39.96 15.13 18.54
CA LYS B 188 -40.75 16.21 19.08
C LYS B 188 -40.00 16.79 20.27
N PHE B 189 -40.18 18.07 20.52
CA PHE B 189 -39.51 18.73 21.63
C PHE B 189 -40.27 19.99 21.98
N THR B 190 -40.08 20.44 23.23
CA THR B 190 -40.72 21.65 23.72
C THR B 190 -39.68 22.75 23.88
N TYR B 191 -39.97 23.91 23.29
CA TYR B 191 -39.07 25.06 23.35
C TYR B 191 -39.92 26.29 23.63
N LYS B 192 -39.70 26.88 24.81
CA LYS B 192 -40.40 28.10 25.22
C LYS B 192 -41.92 27.90 25.24
N GLY B 193 -42.36 26.75 25.75
CA GLY B 193 -43.76 26.53 26.06
C GLY B 193 -44.58 25.85 24.97
N LYS B 194 -44.04 25.68 23.77
CA LYS B 194 -44.78 25.11 22.65
C LYS B 194 -44.03 23.90 22.14
N GLU B 195 -44.79 22.87 21.74
CA GLU B 195 -44.20 21.64 21.23
C GLU B 195 -43.89 21.76 19.74
N TYR B 196 -42.69 21.36 19.35
CA TYR B 196 -42.23 21.50 17.98
C TYR B 196 -41.72 20.17 17.45
N THR B 197 -41.74 20.06 16.13
CA THR B 197 -40.96 19.11 15.37
C THR B 197 -39.85 19.87 14.64
N PRO B 198 -38.76 19.20 14.27
CA PRO B 198 -37.69 19.91 13.53
C PRO B 198 -38.19 20.71 12.33
N LYS B 199 -39.22 20.22 11.65
CA LYS B 199 -39.79 20.96 10.52
C LYS B 199 -40.60 22.16 10.99
N SER B 200 -41.42 21.98 12.03
CA SER B 200 -42.27 23.06 12.52
C SER B 200 -41.47 24.15 13.21
N PHE B 201 -40.38 23.79 13.89
CA PHE B 201 -39.52 24.80 14.49
C PHE B 201 -38.84 25.66 13.44
N PHE B 202 -38.47 25.06 12.31
CA PHE B 202 -37.87 25.84 11.22
C PHE B 202 -38.88 26.81 10.63
N GLU B 203 -40.14 26.39 10.49
CA GLU B 203 -41.16 27.28 9.96
C GLU B 203 -41.45 28.43 10.92
N SER B 204 -41.41 28.15 12.23
CA SER B 204 -41.54 29.21 13.23
C SER B 204 -40.55 30.34 12.97
N THR B 205 -39.29 29.99 12.69
CA THR B 205 -38.26 31.01 12.49
C THR B 205 -38.58 31.89 11.29
N GLY B 206 -39.24 31.35 10.28
CA GLY B 206 -39.57 32.15 9.11
C GLY B 206 -38.45 32.31 8.11
N LEU B 207 -37.32 31.63 8.30
CA LEU B 207 -36.24 31.71 7.32
C LEU B 207 -36.62 30.95 6.05
N LYS B 208 -36.02 31.37 4.94
CA LYS B 208 -36.22 30.74 3.65
C LYS B 208 -34.90 30.72 2.90
N ALA B 209 -34.51 29.54 2.39
CA ALA B 209 -33.26 29.43 1.67
C ALA B 209 -33.26 30.25 0.39
N SER B 210 -34.43 30.55 -0.16
CA SER B 210 -34.52 31.37 -1.37
C SER B 210 -34.02 32.79 -1.14
N ASP B 211 -34.05 33.29 0.09
CA ASP B 211 -33.62 34.66 0.38
C ASP B 211 -32.10 34.78 0.49
N TYR B 212 -31.34 33.73 0.26
CA TYR B 212 -29.90 33.77 0.40
C TYR B 212 -29.25 33.29 -0.89
N VAL B 213 -28.21 34.01 -1.30
CA VAL B 213 -27.48 33.73 -2.54
C VAL B 213 -26.01 33.57 -2.21
N SER B 214 -25.33 32.74 -2.99
CA SER B 214 -23.90 32.54 -2.87
C SER B 214 -23.19 33.36 -3.94
N LEU B 215 -22.10 34.02 -3.56
CA LEU B 215 -21.38 34.91 -4.45
C LEU B 215 -19.91 34.55 -4.47
N THR B 216 -19.30 34.65 -5.64
CA THR B 216 -17.87 34.39 -5.82
C THR B 216 -17.37 35.32 -6.91
N SER B 217 -16.06 35.24 -7.19
CA SER B 217 -15.45 36.12 -8.18
C SER B 217 -14.30 35.35 -8.84
N TYR B 218 -14.57 34.76 -10.00
CA TYR B 218 -13.55 34.03 -10.74
C TYR B 218 -13.80 34.22 -12.23
N THR B 219 -12.78 33.89 -13.02
CA THR B 219 -12.83 34.11 -14.47
C THR B 219 -12.96 32.84 -15.30
N HIS B 220 -12.81 31.66 -14.70
CA HIS B 220 -13.00 30.43 -15.45
C HIS B 220 -14.48 30.13 -15.70
N HIS B 221 -15.35 31.10 -15.44
CA HIS B 221 -16.76 31.08 -15.78
C HIS B 221 -17.16 32.51 -16.15
N PRO B 222 -18.16 32.66 -17.02
CA PRO B 222 -18.60 34.01 -17.39
C PRO B 222 -19.16 34.76 -16.19
N PHE B 223 -18.91 36.07 -16.16
CA PHE B 223 -19.44 36.89 -15.08
C PHE B 223 -20.96 36.98 -15.15
N TYR B 224 -21.57 37.24 -14.00
CA TYR B 224 -23.02 37.38 -13.88
C TYR B 224 -23.76 36.10 -14.25
N THR B 225 -23.10 34.96 -14.11
CA THR B 225 -23.68 33.65 -14.30
C THR B 225 -23.55 32.83 -13.02
N GLN B 226 -24.19 31.66 -13.02
CA GLN B 226 -24.13 30.74 -11.89
C GLN B 226 -23.33 29.50 -12.27
N PHE B 227 -22.47 29.07 -11.34
CA PHE B 227 -21.70 27.85 -11.51
C PHE B 227 -21.40 27.29 -10.14
N PRO B 228 -21.24 25.97 -10.01
CA PRO B 228 -20.89 25.39 -8.71
C PRO B 228 -19.38 25.44 -8.50
N LEU B 229 -18.98 25.96 -7.34
CA LEU B 229 -17.57 26.08 -7.02
C LEU B 229 -16.94 24.69 -6.91
N GLU B 230 -15.81 24.51 -7.58
CA GLU B 230 -15.16 23.20 -7.69
C GLU B 230 -14.29 22.93 -6.46
N ILE B 231 -14.96 22.72 -5.34
CA ILE B 231 -14.33 22.40 -4.07
C ILE B 231 -14.97 21.14 -3.50
N GLN B 232 -14.20 20.42 -2.69
CA GLN B 232 -14.64 19.10 -2.22
C GLN B 232 -15.89 19.21 -1.35
N ASP B 233 -15.98 20.25 -0.53
CA ASP B 233 -17.10 20.40 0.39
C ASP B 233 -18.37 20.87 -0.30
N ASN B 234 -18.32 21.21 -1.58
CA ASN B 234 -19.51 21.53 -2.37
C ASN B 234 -20.05 20.31 -3.10
N TRP B 235 -20.07 19.14 -2.44
CA TRP B 235 -20.55 17.93 -3.08
C TRP B 235 -22.04 17.99 -3.41
N ARG B 236 -22.79 18.88 -2.76
CA ARG B 236 -24.16 19.14 -3.16
C ARG B 236 -24.25 19.96 -4.45
N HIS B 237 -23.13 20.53 -4.90
CA HIS B 237 -23.08 21.33 -6.13
C HIS B 237 -24.02 22.53 -6.07
N GLY B 238 -23.99 23.22 -4.93
CA GLY B 238 -24.72 24.47 -4.82
C GLY B 238 -24.12 25.54 -5.70
N MET B 239 -24.97 26.38 -6.28
CA MET B 239 -24.54 27.37 -7.23
C MET B 239 -24.12 28.67 -6.55
N SER B 240 -23.29 29.44 -7.25
CA SER B 240 -22.83 30.74 -6.79
C SER B 240 -22.87 31.71 -7.96
N TYR B 241 -23.25 32.95 -7.67
CA TYR B 241 -23.24 33.99 -8.69
C TYR B 241 -21.82 34.53 -8.85
N ASN B 242 -21.39 34.70 -10.10
CA ASN B 242 -20.04 35.14 -10.41
C ASN B 242 -20.07 36.65 -10.67
N LEU B 243 -19.27 37.39 -9.90
CA LEU B 243 -19.20 38.84 -10.01
C LEU B 243 -17.76 39.27 -10.27
N PRO B 244 -17.56 40.39 -10.96
CA PRO B 244 -16.21 40.98 -11.03
C PRO B 244 -15.71 41.33 -9.64
N LEU B 245 -14.37 41.33 -9.49
CA LEU B 245 -13.78 41.46 -8.16
C LEU B 245 -14.17 42.76 -7.49
N ASP B 246 -14.23 43.86 -8.26
CA ASP B 246 -14.58 45.15 -7.66
C ASP B 246 -16.04 45.17 -7.24
N GLU B 247 -16.94 44.67 -8.08
CA GLU B 247 -18.34 44.55 -7.69
C GLU B 247 -18.52 43.54 -6.57
N PHE B 248 -17.66 42.51 -6.53
CA PHE B 248 -17.71 41.53 -5.44
C PHE B 248 -17.44 42.20 -4.11
N MET B 249 -16.41 43.05 -4.04
CA MET B 249 -16.11 43.77 -2.82
C MET B 249 -17.14 44.84 -2.49
N GLU B 250 -17.91 45.29 -3.48
CA GLU B 250 -18.97 46.25 -3.22
C GLU B 250 -20.08 45.65 -2.36
N VAL B 251 -20.30 44.33 -2.50
CA VAL B 251 -21.34 43.68 -1.70
C VAL B 251 -20.94 43.62 -0.23
N PHE B 252 -19.65 43.51 0.06
CA PHE B 252 -19.19 43.45 1.45
C PHE B 252 -19.59 44.70 2.21
N ASP B 253 -19.18 45.88 1.72
CA ASP B 253 -19.46 47.11 2.44
C ASP B 253 -20.95 47.45 2.43
N ASN B 254 -21.64 47.18 1.32
CA ASN B 254 -23.06 47.48 1.23
C ASN B 254 -23.86 46.64 2.22
N ALA B 255 -23.46 45.38 2.41
CA ALA B 255 -24.17 44.51 3.34
C ALA B 255 -24.01 45.01 4.78
N ILE B 256 -22.79 45.38 5.16
CA ILE B 256 -22.54 45.85 6.53
C ILE B 256 -23.21 47.19 6.76
N ASN B 257 -23.11 48.11 5.79
CA ASN B 257 -23.64 49.45 5.98
C ASN B 257 -25.16 49.49 6.00
N THR B 258 -25.83 48.51 5.40
CA THR B 258 -27.29 48.46 5.41
C THR B 258 -27.85 47.64 6.56
N GLY B 259 -26.99 46.98 7.34
CA GLY B 259 -27.42 46.23 8.51
C GLY B 259 -27.36 44.72 8.39
N TYR B 260 -26.69 44.18 7.39
CA TYR B 260 -26.62 42.74 7.18
C TYR B 260 -25.26 42.20 7.58
N THR B 261 -25.21 40.89 7.83
CA THR B 261 -23.98 40.17 8.07
C THR B 261 -23.68 39.25 6.89
N ILE B 262 -22.44 38.76 6.84
CA ILE B 262 -21.95 37.99 5.70
C ILE B 262 -21.41 36.66 6.20
N ALA B 263 -21.89 35.57 5.61
CA ALA B 263 -21.29 34.26 5.81
C ALA B 263 -20.04 34.18 4.93
N TRP B 264 -18.87 34.16 5.55
CA TRP B 264 -17.59 34.37 4.85
C TRP B 264 -16.82 33.06 4.79
N GLY B 265 -16.70 32.51 3.60
CA GLY B 265 -15.84 31.37 3.35
C GLY B 265 -14.58 31.82 2.66
N SER B 266 -13.43 31.49 3.25
CA SER B 266 -12.17 32.04 2.80
C SER B 266 -11.02 31.08 3.09
N ASP B 267 -9.89 31.34 2.45
CA ASP B 267 -8.66 30.63 2.74
C ASP B 267 -8.00 31.26 3.96
N VAL B 268 -7.62 30.41 4.92
CA VAL B 268 -6.91 30.85 6.11
C VAL B 268 -5.55 30.19 6.25
N SER B 269 -5.11 29.47 5.22
CA SER B 269 -3.79 28.84 5.21
C SER B 269 -2.76 29.80 4.60
N GLU B 270 -2.66 30.97 5.21
CA GLU B 270 -1.72 32.00 4.79
C GLU B 270 -0.89 32.45 5.99
N SER B 271 0.27 33.03 5.69
CA SER B 271 1.10 33.59 6.75
C SER B 271 0.44 34.78 7.40
N GLY B 272 -0.41 35.50 6.66
CA GLY B 272 -1.09 36.67 7.21
C GLY B 272 -2.17 36.33 8.22
N PHE B 273 -2.76 35.14 8.11
CA PHE B 273 -3.80 34.71 9.04
C PHE B 273 -3.13 34.11 10.27
N THR B 274 -3.14 34.85 11.37
CA THR B 274 -2.46 34.45 12.60
C THR B 274 -3.48 34.05 13.66
N ARG B 275 -3.01 33.29 14.63
CA ARG B 275 -3.85 32.90 15.76
C ARG B 275 -4.09 34.04 16.75
N ASP B 276 -3.52 35.22 16.52
CA ASP B 276 -3.69 36.35 17.43
C ASP B 276 -4.94 37.18 17.12
N GLY B 277 -5.68 36.83 16.07
CA GLY B 277 -6.89 37.55 15.72
C GLY B 277 -6.79 38.56 14.60
N VAL B 278 -5.71 38.55 13.81
CA VAL B 278 -5.56 39.44 12.68
C VAL B 278 -5.34 38.61 11.43
N ALA B 279 -5.82 39.12 10.29
CA ALA B 279 -5.64 38.48 8.99
C ALA B 279 -5.23 39.55 7.99
N VAL B 280 -3.94 39.55 7.63
CA VAL B 280 -3.38 40.61 6.78
C VAL B 280 -2.85 39.98 5.50
N MET B 281 -2.64 40.85 4.50
CA MET B 281 -2.05 40.47 3.21
C MET B 281 -0.91 41.44 2.93
N PRO B 282 0.25 41.24 3.57
CA PRO B 282 1.33 42.21 3.43
C PRO B 282 2.04 42.09 2.09
N ASP B 283 2.57 43.22 1.64
CA ASP B 283 3.36 43.28 0.41
C ASP B 283 4.83 43.00 0.71
N LYS B 307 8.45 41.86 10.79
CA LYS B 307 7.23 42.07 11.56
C LYS B 307 6.04 42.29 10.64
N LEU B 308 5.69 41.25 9.88
CA LEU B 308 4.68 41.39 8.85
C LEU B 308 3.26 41.47 9.42
N ASN B 309 2.94 40.61 10.38
CA ASN B 309 1.57 40.49 10.88
C ASN B 309 1.40 41.06 12.28
N THR B 310 2.34 41.88 12.75
CA THR B 310 2.24 42.50 14.06
C THR B 310 1.90 43.98 14.01
N LYS B 311 2.21 44.66 12.93
CA LYS B 311 1.92 46.07 12.76
C LYS B 311 1.24 46.29 11.41
N PRO B 312 0.53 47.41 11.25
CA PRO B 312 -0.01 47.75 9.93
C PRO B 312 1.11 47.95 8.91
N GLN B 313 0.98 47.30 7.78
CA GLN B 313 1.93 47.38 6.69
C GLN B 313 1.23 47.58 5.36
N PRO B 314 1.94 48.02 4.32
CA PRO B 314 1.32 48.14 2.99
C PRO B 314 0.82 46.80 2.48
N GLN B 315 -0.41 46.80 1.97
CA GLN B 315 -1.10 45.59 1.56
C GLN B 315 -0.91 45.33 0.07
N LYS B 316 -1.03 44.05 -0.30
CA LYS B 316 -0.96 43.64 -1.70
C LYS B 316 -2.37 43.64 -2.28
N TRP B 317 -2.63 44.56 -3.20
CA TRP B 317 -3.94 44.69 -3.84
C TRP B 317 -3.96 43.77 -5.06
N CYS B 318 -4.54 42.59 -4.90
CA CYS B 318 -4.50 41.60 -5.97
C CYS B 318 -5.38 42.03 -7.14
N THR B 319 -4.97 41.59 -8.33
CA THR B 319 -5.79 41.76 -9.52
C THR B 319 -6.80 40.61 -9.62
N GLN B 320 -7.68 40.71 -10.63
CA GLN B 320 -8.56 39.58 -10.89
C GLN B 320 -7.77 38.36 -11.37
N ALA B 321 -6.69 38.60 -12.11
CA ALA B 321 -5.86 37.49 -12.58
C ALA B 321 -5.03 36.89 -11.46
N GLU B 322 -4.46 37.74 -10.59
CA GLU B 322 -3.68 37.24 -9.47
C GLU B 322 -4.56 36.43 -8.52
N ARG B 323 -5.80 36.87 -8.31
CA ARG B 323 -6.74 36.11 -7.51
C ARG B 323 -7.08 34.78 -8.17
N GLN B 324 -7.23 34.80 -9.51
CA GLN B 324 -7.57 33.57 -10.23
C GLN B 324 -6.43 32.57 -10.19
N LEU B 325 -5.18 33.04 -10.29
CA LEU B 325 -4.04 32.13 -10.29
C LEU B 325 -3.95 31.38 -8.97
N ALA B 326 -4.17 32.07 -7.84
CA ALA B 326 -4.08 31.42 -6.53
C ALA B 326 -5.13 30.32 -6.38
N TYR B 327 -6.31 30.51 -6.99
CA TYR B 327 -7.32 29.46 -6.95
C TYR B 327 -6.96 28.30 -7.87
N ASP B 328 -6.25 28.58 -8.97
CA ASP B 328 -5.88 27.53 -9.91
C ASP B 328 -4.68 26.72 -9.43
N ASN B 329 -3.75 27.33 -8.70
CA ASN B 329 -2.49 26.69 -8.34
C ASN B 329 -2.48 26.17 -6.89
N TYR B 330 -3.65 26.01 -6.28
CA TYR B 330 -3.87 25.45 -4.94
C TYR B 330 -3.51 26.41 -3.81
N GLU B 331 -3.16 27.66 -4.10
CA GLU B 331 -2.83 28.59 -3.02
C GLU B 331 -4.04 29.18 -2.32
N THR B 332 -5.22 29.10 -2.93
CA THR B 332 -6.46 29.50 -2.28
C THR B 332 -7.41 28.31 -2.28
N THR B 333 -7.66 27.76 -1.10
CA THR B 333 -8.50 26.59 -0.95
C THR B 333 -9.62 26.88 0.04
N ASP B 334 -10.71 26.10 -0.07
CA ASP B 334 -11.85 26.27 0.81
C ASP B 334 -11.51 25.73 2.19
N ASP B 335 -10.92 26.57 3.03
CA ASP B 335 -10.38 26.16 4.32
C ASP B 335 -11.35 26.38 5.47
N HIS B 336 -11.85 27.61 5.64
CA HIS B 336 -12.52 27.99 6.87
C HIS B 336 -13.75 28.83 6.54
N GLY B 337 -14.79 28.66 7.36
CA GLY B 337 -15.98 29.47 7.25
C GLY B 337 -16.18 30.33 8.48
N MET B 338 -16.42 31.62 8.28
CA MET B 338 -16.57 32.56 9.38
C MET B 338 -17.73 33.50 9.05
N GLN B 339 -17.94 34.50 9.93
CA GLN B 339 -18.97 35.50 9.72
C GLN B 339 -18.37 36.89 9.83
N ILE B 340 -18.58 37.71 8.80
CA ILE B 340 -18.21 39.11 8.81
C ILE B 340 -19.44 39.91 9.23
N TYR B 341 -19.29 40.72 10.28
CA TYR B 341 -20.41 41.47 10.82
C TYR B 341 -20.14 42.95 11.04
N GLY B 342 -18.97 43.46 10.68
CA GLY B 342 -18.67 44.85 10.92
C GLY B 342 -17.45 45.31 10.18
N ILE B 343 -17.19 46.62 10.29
CA ILE B 343 -16.06 47.28 9.66
C ILE B 343 -15.31 48.08 10.73
N ALA B 344 -13.98 48.07 10.63
CA ALA B 344 -13.12 48.74 11.59
C ALA B 344 -11.97 49.45 10.88
N LYS B 345 -11.25 50.26 11.68
CA LYS B 345 -10.18 51.20 11.40
C LYS B 345 -8.83 50.62 11.75
N ASP B 346 -7.80 51.07 11.04
CA ASP B 346 -6.45 50.99 11.57
C ASP B 346 -6.13 52.29 12.31
N GLN B 347 -4.89 52.46 12.79
CA GLN B 347 -4.46 53.79 13.19
C GLN B 347 -4.31 54.68 11.96
N GLU B 348 -3.94 54.06 10.85
CA GLU B 348 -3.61 54.72 9.60
C GLU B 348 -4.78 54.72 8.62
N GLY B 349 -5.97 54.36 9.08
CA GLY B 349 -7.16 54.49 8.27
C GLY B 349 -7.45 53.29 7.39
N ASN B 350 -6.65 52.23 7.46
CA ASN B 350 -6.90 51.07 6.62
C ASN B 350 -8.13 50.30 7.10
N GLU B 351 -8.82 49.69 6.15
CA GLU B 351 -10.13 49.11 6.40
C GLU B 351 -9.98 47.65 6.82
N TYR B 352 -10.83 47.22 7.74
CA TYR B 352 -10.85 45.84 8.20
C TYR B 352 -12.29 45.39 8.33
N TYR B 353 -12.51 44.09 8.17
CA TYR B 353 -13.80 43.49 8.43
C TYR B 353 -13.74 42.80 9.78
N MET B 354 -14.73 43.04 10.62
CA MET B 354 -14.78 42.40 11.93
C MET B 354 -15.38 41.02 11.77
N VAL B 355 -14.65 40.00 12.18
CA VAL B 355 -14.95 38.62 11.89
C VAL B 355 -15.24 37.89 13.20
N LYS B 356 -16.35 37.15 13.22
CA LYS B 356 -16.71 36.32 14.36
C LYS B 356 -16.28 34.89 14.02
N ASN B 357 -15.31 34.39 14.76
CA ASN B 357 -14.79 33.04 14.51
C ASN B 357 -15.55 32.04 15.37
N SER B 358 -15.24 30.76 15.19
CA SER B 358 -15.88 29.68 15.91
C SER B 358 -14.84 28.84 16.65
N TRP B 359 -13.79 29.49 17.15
CA TRP B 359 -12.71 28.83 17.86
C TRP B 359 -12.73 29.13 19.36
N GLY B 360 -13.88 29.52 19.89
CA GLY B 360 -13.96 29.93 21.28
C GLY B 360 -13.58 31.38 21.47
N THR B 361 -13.49 31.78 22.74
CA THR B 361 -13.20 33.16 23.11
C THR B 361 -11.84 33.33 23.76
N ASN B 362 -10.97 32.31 23.69
CA ASN B 362 -9.67 32.40 24.36
C ASN B 362 -8.64 32.89 23.33
N SER B 363 -8.80 34.15 22.94
CA SER B 363 -7.89 34.79 21.99
C SER B 363 -7.77 36.26 22.36
N LYS B 364 -6.93 36.99 21.62
CA LYS B 364 -6.63 38.38 21.95
C LYS B 364 -7.89 39.24 21.92
N TYR B 365 -8.78 38.97 20.97
CA TYR B 365 -10.04 39.72 20.84
C TYR B 365 -11.23 38.83 21.17
N ASN B 366 -11.01 37.80 21.99
CA ASN B 366 -12.06 36.89 22.46
C ASN B 366 -12.82 36.25 21.30
N GLY B 367 -12.07 35.64 20.38
CA GLY B 367 -12.69 34.93 19.28
C GLY B 367 -13.13 35.81 18.13
N ILE B 368 -12.62 37.04 18.07
CA ILE B 368 -13.00 38.00 17.02
C ILE B 368 -11.75 38.31 16.22
N TRP B 369 -11.86 38.23 14.90
CA TRP B 369 -10.75 38.49 13.99
C TRP B 369 -10.99 39.78 13.19
N TYR B 370 -9.89 40.44 12.87
CA TYR B 370 -9.88 41.62 12.01
C TYR B 370 -9.20 41.21 10.71
N ALA B 371 -9.98 41.12 9.63
CA ALA B 371 -9.46 40.75 8.32
C ALA B 371 -9.39 42.01 7.46
N SER B 372 -8.19 42.33 6.99
CA SER B 372 -8.01 43.49 6.15
C SER B 372 -8.76 43.31 4.83
N LYS B 373 -9.17 44.44 4.24
CA LYS B 373 -9.90 44.39 2.98
C LYS B 373 -9.06 43.78 1.87
N ALA B 374 -7.73 43.92 1.95
CA ALA B 374 -6.86 43.29 0.96
C ALA B 374 -6.86 41.77 1.12
N PHE B 375 -6.84 41.28 2.36
CA PHE B 375 -6.90 39.84 2.59
C PHE B 375 -8.22 39.25 2.10
N VAL B 376 -9.33 39.92 2.40
CA VAL B 376 -10.64 39.42 1.99
C VAL B 376 -10.75 39.41 0.47
N ARG B 377 -10.21 40.45 -0.18
CA ARG B 377 -10.27 40.53 -1.64
C ARG B 377 -9.49 39.39 -2.30
N TYR B 378 -8.40 38.96 -1.68
CA TYR B 378 -7.51 37.96 -2.27
C TYR B 378 -7.92 36.53 -1.96
N LYS B 379 -8.30 36.24 -0.70
CA LYS B 379 -8.41 34.86 -0.23
C LYS B 379 -9.84 34.40 -0.01
N THR B 380 -10.84 35.21 -0.37
CA THR B 380 -12.22 34.79 -0.20
C THR B 380 -12.60 33.79 -1.28
N MET B 381 -13.12 32.63 -0.87
CA MET B 381 -13.63 31.68 -1.84
C MET B 381 -15.05 32.05 -2.27
N ASN B 382 -15.95 32.20 -1.30
CA ASN B 382 -17.32 32.58 -1.59
C ASN B 382 -17.94 33.17 -0.33
N ILE B 383 -19.06 33.86 -0.52
CA ILE B 383 -19.82 34.44 0.58
C ILE B 383 -21.31 34.17 0.36
N VAL B 384 -22.07 34.23 1.45
CA VAL B 384 -23.51 34.09 1.42
C VAL B 384 -24.12 35.26 2.18
N VAL B 385 -25.04 35.98 1.53
CA VAL B 385 -25.72 37.11 2.14
C VAL B 385 -27.20 37.04 1.77
N HIS B 386 -28.01 37.78 2.52
CA HIS B 386 -29.38 38.00 2.12
C HIS B 386 -29.41 38.77 0.80
N LYS B 387 -30.44 38.51 -0.01
CA LYS B 387 -30.56 39.17 -1.31
C LYS B 387 -30.54 40.68 -1.15
N ASP B 388 -31.29 41.20 -0.19
CA ASP B 388 -31.47 42.62 0.03
C ASP B 388 -30.20 43.30 0.55
N ALA B 389 -29.14 42.53 0.81
CA ALA B 389 -27.86 43.12 1.13
C ALA B 389 -27.09 43.52 -0.13
N LEU B 390 -27.52 43.03 -1.28
CA LEU B 390 -26.92 43.36 -2.57
C LEU B 390 -27.36 44.76 -3.00
N PRO B 391 -26.49 45.53 -3.64
CA PRO B 391 -26.92 46.78 -4.28
C PRO B 391 -27.94 46.49 -5.37
N LYS B 392 -28.84 47.46 -5.60
CA LYS B 392 -29.93 47.26 -6.55
C LYS B 392 -29.40 47.01 -7.95
N ALA B 393 -28.29 47.67 -8.33
CA ALA B 393 -27.74 47.48 -9.66
C ALA B 393 -27.16 46.09 -9.83
N ILE B 394 -26.42 45.61 -8.83
CA ILE B 394 -25.88 44.25 -8.88
C ILE B 394 -27.01 43.22 -8.98
N LYS B 395 -28.14 43.50 -8.33
CA LYS B 395 -29.26 42.56 -8.39
C LYS B 395 -29.81 42.44 -9.81
N ALA B 396 -29.79 43.55 -10.56
CA ALA B 396 -30.26 43.52 -11.94
C ALA B 396 -29.31 42.75 -12.83
N LYS B 397 -28.00 42.90 -12.61
CA LYS B 397 -27.02 42.18 -13.43
C LYS B 397 -27.12 40.67 -13.23
N LEU B 398 -27.44 40.24 -12.01
CA LEU B 398 -27.57 38.81 -11.72
C LEU B 398 -28.96 38.27 -11.96
N GLY B 399 -29.95 39.14 -12.13
CA GLY B 399 -31.33 38.75 -12.38
C GLY B 399 -32.13 38.34 -11.16
N ILE B 400 -31.52 38.32 -9.97
CA ILE B 400 -32.27 38.15 -8.74
C ILE B 400 -33.33 39.25 -8.63
N LYS B 401 -34.56 38.85 -8.37
CA LYS B 401 -35.64 39.81 -8.16
C LYS B 401 -35.63 40.32 -6.72
N GLY C 29 -34.91 -20.53 -30.78
CA GLY C 29 -34.19 -19.29 -31.06
C GLY C 29 -35.11 -18.08 -31.13
N PHE C 30 -34.56 -16.97 -31.57
CA PHE C 30 -35.30 -15.72 -31.71
C PHE C 30 -35.50 -15.39 -33.18
N VAL C 31 -36.72 -14.97 -33.52
CA VAL C 31 -37.04 -14.45 -34.84
C VAL C 31 -37.76 -13.13 -34.65
N PHE C 32 -37.11 -12.03 -35.03
CA PHE C 32 -37.62 -10.69 -34.81
C PHE C 32 -38.21 -10.11 -36.10
N THR C 33 -39.27 -9.33 -35.96
CA THR C 33 -39.89 -8.62 -37.07
C THR C 33 -40.05 -7.15 -36.69
N THR C 34 -39.53 -6.28 -37.55
CA THR C 34 -39.54 -4.85 -37.26
C THR C 34 -40.97 -4.30 -37.37
N VAL C 35 -41.39 -3.56 -36.35
CA VAL C 35 -42.66 -2.85 -36.39
C VAL C 35 -42.47 -1.45 -36.96
N LYS C 36 -41.45 -0.74 -36.48
CA LYS C 36 -41.08 0.57 -37.01
C LYS C 36 -39.62 0.83 -36.68
N GLU C 37 -38.89 1.36 -37.66
CA GLU C 37 -37.49 1.73 -37.45
C GLU C 37 -37.19 3.01 -38.21
N ASN C 38 -36.29 3.81 -37.66
CA ASN C 38 -35.95 5.12 -38.18
C ASN C 38 -34.52 5.13 -38.74
N PRO C 39 -34.22 6.07 -39.64
CA PRO C 39 -32.89 6.05 -40.28
C PRO C 39 -31.76 6.27 -39.28
N ILE C 40 -30.71 5.46 -39.45
CA ILE C 40 -29.50 5.55 -38.63
C ILE C 40 -28.29 5.51 -39.57
N THR C 41 -27.12 5.75 -38.99
CA THR C 41 -25.88 5.70 -39.74
C THR C 41 -25.25 4.31 -39.60
N SER C 42 -24.10 4.12 -40.24
CA SER C 42 -23.39 2.85 -40.14
C SER C 42 -22.91 2.63 -38.71
N VAL C 43 -22.82 1.37 -38.32
CA VAL C 43 -22.36 1.00 -36.99
C VAL C 43 -20.84 1.16 -36.93
N LYS C 44 -20.37 1.86 -35.91
CA LYS C 44 -18.95 2.07 -35.70
C LYS C 44 -18.44 1.15 -34.59
N ASN C 45 -17.14 1.25 -34.30
CA ASN C 45 -16.48 0.35 -33.36
C ASN C 45 -15.60 1.19 -32.44
N GLN C 46 -16.01 1.27 -31.17
CA GLN C 46 -15.19 1.97 -30.17
C GLN C 46 -13.94 1.19 -29.81
N ASN C 47 -13.98 -0.13 -29.93
CA ASN C 47 -12.82 -1.01 -29.69
C ASN C 47 -12.35 -0.79 -28.25
N ARG C 48 -11.03 -0.64 -28.02
CA ARG C 48 -10.46 -0.63 -26.68
C ARG C 48 -10.43 0.79 -26.11
N ALA C 49 -11.61 1.30 -25.79
CA ALA C 49 -11.73 2.60 -25.15
C ALA C 49 -13.10 2.69 -24.50
N GLY C 50 -13.15 3.40 -23.37
CA GLY C 50 -14.41 3.61 -22.68
C GLY C 50 -15.14 4.79 -23.28
N THR C 51 -15.17 4.86 -24.60
CA THR C 51 -15.73 5.99 -25.33
C THR C 51 -17.12 5.70 -25.88
N CYS C 52 -17.84 4.74 -25.27
CA CYS C 52 -19.19 4.43 -25.72
C CYS C 52 -20.12 5.62 -25.58
N TRP C 53 -19.86 6.49 -24.62
CA TRP C 53 -20.70 7.67 -24.42
C TRP C 53 -20.65 8.59 -25.63
N CYS C 54 -19.48 8.69 -26.26
CA CYS C 54 -19.33 9.58 -27.41
C CYS C 54 -19.79 8.92 -28.70
N TYR C 55 -19.50 7.64 -28.87
CA TYR C 55 -19.91 6.94 -30.08
C TYR C 55 -21.44 6.83 -30.16
N SER C 56 -22.09 6.58 -29.03
CA SER C 56 -23.55 6.50 -29.03
C SER C 56 -24.18 7.88 -29.14
N SER C 57 -23.57 8.90 -28.51
CA SER C 57 -24.08 10.25 -28.62
C SER C 57 -24.06 10.73 -30.07
N TYR C 58 -23.00 10.40 -30.80
CA TYR C 58 -22.91 10.82 -32.19
C TYR C 58 -23.77 9.96 -33.11
N SER C 59 -23.98 8.69 -32.75
CA SER C 59 -24.97 7.89 -33.47
C SER C 59 -26.36 8.49 -33.33
N PHE C 60 -26.69 8.99 -32.14
CA PHE C 60 -27.99 9.63 -31.92
C PHE C 60 -28.07 10.96 -32.67
N LEU C 61 -27.03 11.78 -32.56
CA LEU C 61 -27.04 13.09 -33.21
C LEU C 61 -26.94 12.98 -34.73
N GLU C 62 -26.27 11.95 -35.24
CA GLU C 62 -26.24 11.76 -36.69
C GLU C 62 -27.61 11.41 -37.23
N SER C 63 -28.38 10.61 -36.47
CA SER C 63 -29.77 10.36 -36.83
C SER C 63 -30.59 11.64 -36.77
N GLU C 64 -30.23 12.55 -35.87
CA GLU C 64 -30.91 13.84 -35.81
C GLU C 64 -30.65 14.67 -37.06
N LEU C 65 -29.42 14.62 -37.58
CA LEU C 65 -29.10 15.36 -38.79
C LEU C 65 -29.82 14.78 -40.00
N LEU C 66 -29.93 13.46 -40.08
CA LEU C 66 -30.73 12.85 -41.13
C LEU C 66 -32.20 13.23 -40.99
N ARG C 67 -32.69 13.26 -39.74
CA ARG C 67 -34.09 13.57 -39.51
C ARG C 67 -34.42 15.01 -39.88
N MET C 68 -33.47 15.93 -39.68
CA MET C 68 -33.64 17.34 -40.01
C MET C 68 -33.27 17.66 -41.46
N GLY C 69 -33.10 16.66 -42.31
CA GLY C 69 -32.80 16.90 -43.71
C GLY C 69 -31.44 17.49 -43.97
N LYS C 70 -30.47 17.23 -43.11
CA LYS C 70 -29.11 17.77 -43.27
C LYS C 70 -28.15 16.77 -43.89
N GLY C 71 -28.57 15.53 -44.12
CA GLY C 71 -27.75 14.50 -44.71
C GLY C 71 -27.10 13.63 -43.66
N GLU C 72 -26.29 12.70 -44.13
CA GLU C 72 -25.59 11.78 -43.23
C GLU C 72 -24.22 12.37 -42.88
N TYR C 73 -23.83 12.21 -41.62
CA TYR C 73 -22.58 12.73 -41.10
C TYR C 73 -21.81 11.62 -40.41
N ASP C 74 -20.50 11.81 -40.30
CA ASP C 74 -19.61 10.94 -39.52
C ASP C 74 -18.77 11.85 -38.64
N LEU C 75 -19.31 12.19 -37.47
CA LEU C 75 -18.66 13.13 -36.57
C LEU C 75 -17.54 12.45 -35.79
N SER C 76 -16.47 13.21 -35.53
CA SER C 76 -15.27 12.67 -34.91
C SER C 76 -15.47 12.51 -33.41
N GLU C 77 -15.51 11.26 -32.95
CA GLU C 77 -15.57 10.99 -31.52
C GLU C 77 -14.28 11.42 -30.82
N MET C 78 -13.13 11.21 -31.49
CA MET C 78 -11.84 11.50 -30.85
C MET C 78 -11.66 12.98 -30.56
N PHE C 79 -12.30 13.85 -31.35
CA PHE C 79 -12.21 15.28 -31.09
C PHE C 79 -12.88 15.65 -29.77
N THR C 80 -14.12 15.18 -29.56
CA THR C 80 -14.81 15.47 -28.32
C THR C 80 -14.19 14.70 -27.16
N VAL C 81 -13.76 13.46 -27.40
CA VAL C 81 -13.12 12.67 -26.36
C VAL C 81 -11.84 13.35 -25.88
N TYR C 82 -11.08 13.94 -26.81
CA TYR C 82 -9.87 14.66 -26.42
C TYR C 82 -10.19 15.85 -25.53
N ASN C 83 -11.15 16.68 -25.95
CA ASN C 83 -11.47 17.88 -25.20
C ASN C 83 -12.18 17.55 -23.89
N THR C 84 -12.98 16.48 -23.86
CA THR C 84 -13.66 16.10 -22.62
C THR C 84 -12.65 15.66 -21.57
N TYR C 85 -11.64 14.89 -21.97
CA TYR C 85 -10.63 14.44 -21.01
C TYR C 85 -9.85 15.60 -20.44
N LEU C 86 -9.60 16.63 -21.25
CA LEU C 86 -8.93 17.82 -20.75
C LEU C 86 -9.76 18.51 -19.67
N ASP C 87 -11.07 18.57 -19.86
CA ASP C 87 -11.96 19.16 -18.86
C ASP C 87 -12.08 18.27 -17.62
N ARG C 88 -12.08 16.96 -17.82
CA ARG C 88 -12.20 16.05 -16.67
C ARG C 88 -10.95 16.10 -15.81
N ALA C 89 -9.78 16.25 -16.42
CA ALA C 89 -8.55 16.41 -15.65
C ALA C 89 -8.59 17.69 -14.84
N ASP C 90 -9.13 18.77 -15.42
CA ASP C 90 -9.29 20.02 -14.67
C ASP C 90 -10.27 19.85 -13.52
N ALA C 91 -11.35 19.07 -13.74
CA ALA C 91 -12.30 18.81 -12.66
C ALA C 91 -11.66 17.97 -11.56
N ALA C 92 -10.84 16.99 -11.93
CA ALA C 92 -10.18 16.16 -10.93
C ALA C 92 -9.17 16.97 -10.12
N VAL C 93 -8.43 17.86 -10.78
CA VAL C 93 -7.41 18.64 -10.09
C VAL C 93 -8.05 19.69 -9.20
N ARG C 94 -9.13 20.32 -9.67
CA ARG C 94 -9.81 21.34 -8.87
C ARG C 94 -10.44 20.74 -7.62
N THR C 95 -11.00 19.54 -7.74
CA THR C 95 -11.59 18.85 -6.60
C THR C 95 -10.59 17.96 -5.85
N HIS C 96 -9.30 18.12 -6.13
CA HIS C 96 -8.24 17.40 -5.42
C HIS C 96 -8.45 15.89 -5.47
N GLY C 97 -8.85 15.39 -6.64
CA GLY C 97 -9.01 13.97 -6.84
C GLY C 97 -10.39 13.43 -6.58
N ASP C 98 -11.33 14.25 -6.11
CA ASP C 98 -12.69 13.77 -5.87
C ASP C 98 -13.34 13.31 -7.17
N VAL C 99 -13.31 14.17 -8.19
CA VAL C 99 -13.77 13.77 -9.51
C VAL C 99 -12.79 12.75 -10.07
N SER C 100 -13.25 11.53 -10.32
CA SER C 100 -12.39 10.50 -10.87
C SER C 100 -12.03 10.83 -12.32
N PHE C 101 -10.81 10.50 -12.71
CA PHE C 101 -10.33 10.71 -14.07
C PHE C 101 -10.29 9.36 -14.76
N SER C 102 -11.25 9.12 -15.67
CA SER C 102 -11.34 7.86 -16.38
C SER C 102 -11.85 8.13 -17.79
N GLN C 103 -12.06 7.05 -18.54
CA GLN C 103 -12.44 7.14 -19.94
C GLN C 103 -13.92 7.40 -20.14
N GLY C 104 -14.74 7.21 -19.12
CA GLY C 104 -16.18 7.30 -19.25
C GLY C 104 -16.68 8.71 -19.52
N GLY C 105 -17.99 8.80 -19.70
CA GLY C 105 -18.62 10.07 -19.97
C GLY C 105 -20.13 9.94 -20.00
N SER C 106 -20.78 10.98 -20.51
CA SER C 106 -22.23 11.03 -20.55
C SER C 106 -22.68 11.65 -21.87
N PHE C 107 -23.99 11.57 -22.12
CA PHE C 107 -24.56 12.24 -23.28
C PHE C 107 -24.41 13.75 -23.19
N TYR C 108 -24.46 14.30 -21.98
CA TYR C 108 -24.30 15.74 -21.82
C TYR C 108 -22.88 16.19 -22.14
N ASP C 109 -21.90 15.29 -21.99
CA ASP C 109 -20.53 15.62 -22.37
C ASP C 109 -20.44 15.98 -23.85
N ALA C 110 -21.21 15.29 -24.71
CA ALA C 110 -21.22 15.61 -26.13
C ALA C 110 -22.07 16.84 -26.40
N LEU C 111 -23.19 16.99 -25.70
CA LEU C 111 -24.02 18.18 -25.87
C LEU C 111 -23.29 19.43 -25.40
N TYR C 112 -22.58 19.34 -24.27
CA TYR C 112 -21.74 20.46 -23.84
C TYR C 112 -20.57 20.65 -24.81
N GLY C 113 -20.03 19.56 -25.34
CA GLY C 113 -18.85 19.66 -26.18
C GLY C 113 -19.12 20.37 -27.50
N MET C 114 -20.27 20.09 -28.12
CA MET C 114 -20.58 20.70 -29.40
C MET C 114 -20.75 22.21 -29.30
N GLU C 115 -21.23 22.71 -28.16
CA GLU C 115 -21.39 24.14 -27.99
C GLU C 115 -20.10 24.82 -27.54
N THR C 116 -19.25 24.09 -26.81
CA THR C 116 -18.03 24.66 -26.23
C THR C 116 -16.82 24.45 -27.14
N PHE C 117 -16.61 23.22 -27.60
CA PHE C 117 -15.48 22.92 -28.47
C PHE C 117 -15.86 22.90 -29.95
N GLY C 118 -17.11 22.63 -30.26
CA GLY C 118 -17.54 22.51 -31.64
C GLY C 118 -17.56 21.07 -32.12
N LEU C 119 -17.57 20.93 -33.44
CA LEU C 119 -17.59 19.64 -34.09
C LEU C 119 -16.61 19.61 -35.25
N VAL C 120 -16.05 18.46 -35.48
CA VAL C 120 -15.23 18.20 -36.63
C VAL C 120 -15.60 16.88 -37.24
N PRO C 121 -15.34 16.73 -38.51
CA PRO C 121 -15.66 15.50 -39.22
C PRO C 121 -14.73 14.40 -38.84
N GLU C 122 -15.12 13.15 -39.00
CA GLU C 122 -14.31 12.02 -38.54
C GLU C 122 -12.96 11.96 -39.15
N GLU C 123 -12.83 12.30 -40.41
CA GLU C 123 -11.56 12.26 -41.08
C GLU C 123 -10.49 13.16 -40.54
N GLU C 124 -10.87 14.27 -39.96
CA GLU C 124 -9.92 15.16 -39.35
C GLU C 124 -9.23 14.59 -38.12
N MET C 125 -9.92 13.80 -37.33
CA MET C 125 -9.30 13.22 -36.14
C MET C 125 -9.83 11.79 -36.05
N ARG C 126 -9.03 10.86 -36.55
CA ARG C 126 -9.29 9.43 -36.78
C ARG C 126 -8.77 8.61 -35.60
N PRO C 127 -9.44 7.55 -35.17
CA PRO C 127 -8.96 6.77 -34.02
C PRO C 127 -7.79 5.87 -34.38
N GLY C 128 -6.83 5.78 -33.47
CA GLY C 128 -5.67 4.93 -33.67
C GLY C 128 -4.68 5.43 -34.67
N MET C 129 -4.94 6.59 -35.30
CA MET C 129 -4.07 7.11 -36.33
C MET C 129 -2.67 7.40 -35.83
N MET C 130 -2.49 7.60 -34.52
CA MET C 130 -1.20 7.99 -33.98
C MET C 130 -0.33 6.80 -33.58
N TYR C 131 -0.91 5.60 -33.46
CA TYR C 131 -0.14 4.39 -33.19
C TYR C 131 -0.36 3.36 -34.29
N ALA C 132 -0.48 3.86 -35.53
CA ALA C 132 -0.47 3.05 -36.75
C ALA C 132 -1.58 2.00 -36.79
N ASP C 133 -2.77 2.36 -36.30
CA ASP C 133 -3.90 1.45 -36.36
C ASP C 133 -5.13 2.26 -36.79
N THR C 134 -6.28 1.58 -36.91
CA THR C 134 -7.52 2.22 -37.33
C THR C 134 -8.61 2.23 -36.28
N LEU C 135 -8.43 1.55 -35.15
CA LEU C 135 -9.40 1.55 -34.07
C LEU C 135 -8.73 2.00 -32.77
N SER C 136 -9.57 2.37 -31.80
CA SER C 136 -9.07 2.97 -30.57
C SER C 136 -8.43 1.94 -29.66
N ASN C 137 -7.32 2.33 -29.02
CA ASN C 137 -6.71 1.55 -27.94
C ASN C 137 -6.06 2.55 -26.99
N HIS C 138 -6.80 2.92 -25.94
CA HIS C 138 -6.38 3.99 -25.04
C HIS C 138 -5.84 3.47 -23.71
N THR C 139 -5.35 2.23 -23.68
CA THR C 139 -4.85 1.67 -22.42
C THR C 139 -3.57 2.37 -21.98
N GLU C 140 -2.63 2.60 -22.90
CA GLU C 140 -1.40 3.28 -22.55
C GLU C 140 -1.63 4.76 -22.27
N LEU C 141 -2.51 5.39 -23.07
CA LEU C 141 -2.84 6.79 -22.83
C LEU C 141 -3.42 6.99 -21.44
N SER C 142 -4.31 6.08 -21.02
CA SER C 142 -4.86 6.16 -19.67
C SER C 142 -3.78 5.93 -18.62
N ALA C 143 -2.89 4.96 -18.85
CA ALA C 143 -1.85 4.65 -17.88
C ALA C 143 -0.98 5.88 -17.59
N LEU C 144 -0.66 6.67 -18.62
CA LEU C 144 0.16 7.86 -18.42
C LEU C 144 -0.66 8.99 -17.81
N THR C 145 -1.82 9.29 -18.38
CA THR C 145 -2.59 10.46 -17.95
C THR C 145 -3.19 10.25 -16.56
N ASP C 146 -3.60 9.03 -16.21
CA ASP C 146 -4.06 8.77 -14.86
C ASP C 146 -2.97 9.06 -13.84
N ALA C 147 -1.74 8.63 -14.13
CA ALA C 147 -0.63 8.90 -13.22
C ALA C 147 -0.32 10.39 -13.14
N MET C 148 -0.46 11.10 -14.26
CA MET C 148 -0.18 12.53 -14.27
C MET C 148 -1.21 13.31 -13.45
N VAL C 149 -2.49 13.06 -13.71
CA VAL C 149 -3.55 13.77 -12.98
C VAL C 149 -3.49 13.46 -11.49
N ALA C 150 -3.20 12.19 -11.15
CA ALA C 150 -3.12 11.81 -9.74
C ALA C 150 -1.94 12.49 -9.05
N ALA C 151 -0.82 12.66 -9.76
CA ALA C 151 0.33 13.34 -9.18
C ALA C 151 0.03 14.79 -8.83
N ILE C 152 -0.92 15.39 -9.54
CA ILE C 152 -1.32 16.78 -9.25
C ILE C 152 -2.49 16.82 -8.27
N ALA C 153 -3.56 16.07 -8.56
CA ALA C 153 -4.78 16.18 -7.77
C ALA C 153 -4.63 15.54 -6.40
N LYS C 154 -3.88 14.45 -6.31
CA LYS C 154 -3.75 13.70 -5.07
C LYS C 154 -2.32 13.72 -4.51
N GLY C 155 -1.45 14.56 -5.07
CA GLY C 155 -0.08 14.65 -4.61
C GLY C 155 0.08 15.58 -3.42
N LYS C 156 1.33 15.95 -3.17
CA LYS C 156 1.66 16.86 -2.08
C LYS C 156 2.14 18.22 -2.56
N LEU C 157 1.94 18.53 -3.85
CA LEU C 157 2.29 19.84 -4.36
C LEU C 157 1.39 20.91 -3.74
N ARG C 158 2.00 21.99 -3.27
CA ARG C 158 1.26 23.06 -2.61
C ARG C 158 1.13 24.31 -3.46
N LYS C 159 1.80 24.38 -4.61
CA LYS C 159 1.71 25.52 -5.52
C LYS C 159 2.01 25.01 -6.92
N LEU C 160 1.01 24.99 -7.80
CA LEU C 160 1.23 24.54 -9.16
C LEU C 160 1.86 25.65 -9.99
N GLN C 161 2.81 25.27 -10.84
CA GLN C 161 3.59 26.25 -11.59
C GLN C 161 2.80 26.81 -12.76
N SER C 162 3.12 28.05 -13.13
CA SER C 162 2.45 28.73 -14.23
C SER C 162 3.45 29.64 -14.93
N ASP C 163 3.13 29.97 -16.18
CA ASP C 163 4.00 30.81 -16.99
C ASP C 163 3.67 32.28 -16.76
N GLU C 164 4.25 33.16 -17.59
CA GLU C 164 4.05 34.59 -17.45
C GLU C 164 2.64 35.04 -17.81
N ASN C 165 1.85 34.19 -18.46
CA ASN C 165 0.47 34.49 -18.80
C ASN C 165 -0.52 33.80 -17.88
N ASN C 166 -0.06 33.32 -16.73
CA ASN C 166 -0.88 32.63 -15.73
C ASN C 166 -1.50 31.35 -16.28
N ALA C 167 -0.87 30.74 -17.28
CA ALA C 167 -1.33 29.47 -17.83
C ALA C 167 -0.68 28.32 -17.05
N MET C 168 -1.49 27.35 -16.64
CA MET C 168 -0.99 26.24 -15.83
C MET C 168 -0.12 25.32 -16.68
N LEU C 169 1.05 24.97 -16.15
CA LEU C 169 1.97 24.13 -16.90
C LEU C 169 1.48 22.68 -16.95
N TRP C 170 0.86 22.20 -15.87
CA TRP C 170 0.36 20.83 -15.86
C TRP C 170 -0.75 20.63 -16.90
N LYS C 171 -1.54 21.67 -17.17
CA LYS C 171 -2.55 21.55 -18.21
C LYS C 171 -1.91 21.41 -19.59
N LYS C 172 -0.79 22.11 -19.81
CA LYS C 172 -0.04 21.94 -21.05
C LYS C 172 0.49 20.51 -21.18
N ALA C 173 0.98 19.94 -20.07
CA ALA C 173 1.53 18.59 -20.11
C ALA C 173 0.45 17.55 -20.39
N VAL C 174 -0.69 17.67 -19.72
CA VAL C 174 -1.78 16.71 -19.92
C VAL C 174 -2.33 16.83 -21.33
N ALA C 175 -2.43 18.04 -21.85
CA ALA C 175 -2.91 18.23 -23.22
C ALA C 175 -1.91 17.69 -24.23
N ALA C 176 -0.60 17.87 -23.98
CA ALA C 176 0.41 17.40 -24.91
C ALA C 176 0.42 15.88 -25.00
N VAL C 177 0.28 15.18 -23.87
CA VAL C 177 0.25 13.73 -23.88
C VAL C 177 -1.00 13.22 -24.60
N HIS C 178 -2.13 13.91 -24.40
CA HIS C 178 -3.35 13.50 -25.07
C HIS C 178 -3.24 13.65 -26.58
N GLN C 179 -2.54 14.71 -27.04
CA GLN C 179 -2.36 14.90 -28.47
C GLN C 179 -1.46 13.84 -29.08
N ILE C 180 -0.47 13.35 -28.32
CA ILE C 180 0.45 12.35 -28.84
C ILE C 180 -0.27 11.04 -29.10
N TYR C 181 -1.29 10.72 -28.31
CA TYR C 181 -2.01 9.45 -28.45
C TYR C 181 -3.31 9.59 -29.23
N LEU C 182 -3.93 10.77 -29.24
CA LEU C 182 -5.19 10.97 -29.93
C LEU C 182 -5.09 11.83 -31.18
N GLY C 183 -4.08 12.69 -31.29
CA GLY C 183 -3.91 13.56 -32.43
C GLY C 183 -4.06 15.02 -32.04
N VAL C 184 -3.65 15.88 -32.97
CA VAL C 184 -3.74 17.32 -32.78
C VAL C 184 -5.09 17.80 -33.32
N PRO C 185 -5.88 18.53 -32.52
CA PRO C 185 -7.15 19.06 -33.02
C PRO C 185 -6.93 20.11 -34.08
N PRO C 186 -7.64 20.04 -35.20
CA PRO C 186 -7.49 21.05 -36.25
C PRO C 186 -8.17 22.36 -35.87
N GLU C 187 -7.54 23.46 -36.24
CA GLU C 187 -8.13 24.79 -36.10
C GLU C 187 -8.87 25.23 -37.34
N LYS C 188 -8.46 24.72 -38.50
CA LYS C 188 -9.17 24.94 -39.76
C LYS C 188 -9.05 23.69 -40.61
N PHE C 189 -10.07 23.43 -41.40
CA PHE C 189 -10.08 22.26 -42.26
C PHE C 189 -11.08 22.48 -43.38
N THR C 190 -10.89 21.75 -44.47
CA THR C 190 -11.77 21.80 -45.62
C THR C 190 -12.60 20.53 -45.64
N TYR C 191 -13.92 20.67 -45.73
CA TYR C 191 -14.85 19.54 -45.75
C TYR C 191 -15.87 19.78 -46.84
N LYS C 192 -15.87 18.95 -47.86
CA LYS C 192 -16.87 19.06 -48.89
C LYS C 192 -17.01 20.42 -49.50
N GLY C 193 -15.90 20.98 -49.89
CA GLY C 193 -15.88 22.22 -50.65
C GLY C 193 -15.82 23.49 -49.83
N LYS C 194 -16.00 23.40 -48.52
CA LYS C 194 -16.07 24.57 -47.64
C LYS C 194 -14.99 24.46 -46.57
N GLU C 195 -14.35 25.58 -46.26
CA GLU C 195 -13.36 25.63 -45.19
C GLU C 195 -14.07 25.92 -43.88
N TYR C 196 -13.77 25.13 -42.84
CA TYR C 196 -14.47 25.22 -41.58
C TYR C 196 -13.51 25.41 -40.43
N THR C 197 -14.03 25.97 -39.33
CA THR C 197 -13.46 25.87 -38.00
C THR C 197 -14.33 24.94 -37.17
N PRO C 198 -13.78 24.32 -36.12
CA PRO C 198 -14.62 23.42 -35.29
C PRO C 198 -15.94 24.05 -34.83
N LYS C 199 -15.97 25.35 -34.54
CA LYS C 199 -17.23 25.98 -34.17
C LYS C 199 -18.13 26.28 -35.34
N SER C 200 -17.57 26.76 -36.45
CA SER C 200 -18.43 27.06 -37.60
C SER C 200 -18.96 25.77 -38.20
N PHE C 201 -18.19 24.69 -38.12
CA PHE C 201 -18.71 23.41 -38.57
C PHE C 201 -19.86 22.96 -37.66
N PHE C 202 -19.81 23.29 -36.37
CA PHE C 202 -20.93 22.99 -35.49
C PHE C 202 -22.14 23.83 -35.87
N GLU C 203 -21.94 25.11 -36.19
CA GLU C 203 -23.03 25.95 -36.65
C GLU C 203 -23.51 25.51 -38.03
N SER C 204 -22.59 25.06 -38.89
CA SER C 204 -22.98 24.48 -40.17
C SER C 204 -24.05 23.41 -39.99
N THR C 205 -23.85 22.53 -39.02
CA THR C 205 -24.77 21.43 -38.78
C THR C 205 -26.15 21.89 -38.32
N GLY C 206 -26.23 22.99 -37.57
CA GLY C 206 -27.49 23.49 -37.09
C GLY C 206 -28.06 22.82 -35.86
N LEU C 207 -27.35 21.86 -35.25
CA LEU C 207 -27.82 21.31 -33.99
C LEU C 207 -27.61 22.32 -32.87
N LYS C 208 -28.44 22.22 -31.84
CA LYS C 208 -28.30 23.05 -30.65
C LYS C 208 -28.69 22.23 -29.43
N ALA C 209 -27.81 22.23 -28.43
CA ALA C 209 -28.01 21.44 -27.22
C ALA C 209 -29.25 21.84 -26.43
N SER C 210 -29.74 23.08 -26.61
CA SER C 210 -30.91 23.51 -25.86
C SER C 210 -32.14 22.68 -26.22
N ASP C 211 -32.16 22.09 -27.41
CA ASP C 211 -33.31 21.32 -27.89
C ASP C 211 -33.34 19.89 -27.39
N TYR C 212 -32.42 19.48 -26.53
CA TYR C 212 -32.34 18.11 -26.05
C TYR C 212 -32.38 18.07 -24.53
N VAL C 213 -33.15 17.12 -23.99
CA VAL C 213 -33.34 16.98 -22.55
C VAL C 213 -32.98 15.57 -22.13
N SER C 214 -32.50 15.44 -20.90
CA SER C 214 -32.18 14.15 -20.29
C SER C 214 -33.31 13.73 -19.36
N LEU C 215 -33.68 12.46 -19.41
CA LEU C 215 -34.81 11.93 -18.66
C LEU C 215 -34.39 10.72 -17.83
N THR C 216 -34.96 10.61 -16.63
CA THR C 216 -34.71 9.48 -15.76
C THR C 216 -35.98 9.19 -14.96
N SER C 217 -35.93 8.15 -14.13
CA SER C 217 -37.09 7.73 -13.35
C SER C 217 -36.59 7.11 -12.04
N TYR C 218 -36.60 7.91 -10.97
CA TYR C 218 -36.18 7.43 -9.66
C TYR C 218 -37.01 8.12 -8.60
N THR C 219 -36.96 7.58 -7.38
CA THR C 219 -37.79 8.08 -6.28
C THR C 219 -37.03 8.85 -5.22
N HIS C 220 -35.70 8.82 -5.23
CA HIS C 220 -34.94 9.61 -4.26
C HIS C 220 -34.91 11.10 -4.61
N HIS C 221 -35.73 11.53 -5.57
CA HIS C 221 -35.96 12.93 -5.91
C HIS C 221 -37.41 13.10 -6.31
N PRO C 222 -37.98 14.28 -6.09
CA PRO C 222 -39.39 14.50 -6.48
C PRO C 222 -39.56 14.40 -7.98
N PHE C 223 -40.73 13.89 -8.38
CA PHE C 223 -41.05 13.76 -9.79
C PHE C 223 -41.24 15.14 -10.43
N TYR C 224 -41.01 15.19 -11.74
CA TYR C 224 -41.19 16.40 -12.54
C TYR C 224 -40.25 17.52 -12.09
N THR C 225 -39.11 17.16 -11.52
CA THR C 225 -38.05 18.10 -11.17
C THR C 225 -36.77 17.69 -11.88
N GLN C 226 -35.75 18.55 -11.76
CA GLN C 226 -34.45 18.29 -12.35
C GLN C 226 -33.43 18.03 -11.26
N PHE C 227 -32.58 17.03 -11.47
CA PHE C 227 -31.49 16.71 -10.57
C PHE C 227 -30.39 16.04 -11.36
N PRO C 228 -29.13 16.19 -10.94
CA PRO C 228 -28.03 15.49 -11.63
C PRO C 228 -27.88 14.08 -11.10
N LEU C 229 -27.81 13.12 -12.02
CA LEU C 229 -27.67 11.73 -11.63
C LEU C 229 -26.36 11.49 -10.89
N GLU C 230 -26.43 10.80 -9.76
CA GLU C 230 -25.27 10.60 -8.90
C GLU C 230 -24.47 9.41 -9.40
N ILE C 231 -23.83 9.63 -10.55
CA ILE C 231 -22.99 8.63 -11.19
C ILE C 231 -21.65 9.27 -11.52
N GLN C 232 -20.60 8.43 -11.58
CA GLN C 232 -19.24 8.94 -11.71
C GLN C 232 -19.03 9.68 -13.02
N ASP C 233 -19.70 9.30 -14.06
CA ASP C 233 -19.43 9.96 -15.32
C ASP C 233 -20.16 11.22 -15.51
N ASN C 234 -21.04 11.52 -14.61
CA ASN C 234 -21.72 12.82 -14.62
C ASN C 234 -20.97 13.88 -13.83
N TRP C 235 -19.64 13.94 -13.97
CA TRP C 235 -18.86 14.91 -13.22
C TRP C 235 -19.17 16.35 -13.63
N ARG C 236 -19.73 16.55 -14.82
CA ARG C 236 -20.24 17.86 -15.20
C ARG C 236 -21.54 18.21 -14.48
N HIS C 237 -22.17 17.23 -13.82
CA HIS C 237 -23.42 17.42 -13.07
C HIS C 237 -24.53 17.93 -13.98
N GLY C 238 -24.66 17.31 -15.15
CA GLY C 238 -25.78 17.62 -16.02
C GLY C 238 -27.09 17.14 -15.41
N MET C 239 -28.13 17.93 -15.58
CA MET C 239 -29.41 17.66 -14.94
C MET C 239 -30.29 16.79 -15.83
N SER C 240 -31.24 16.09 -15.19
CA SER C 240 -32.19 15.24 -15.88
C SER C 240 -33.57 15.43 -15.28
N TYR C 241 -34.59 15.39 -16.13
CA TYR C 241 -35.97 15.47 -15.67
C TYR C 241 -36.43 14.13 -15.12
N ASN C 242 -37.09 14.17 -13.96
CA ASN C 242 -37.56 12.97 -13.28
C ASN C 242 -39.00 12.70 -13.63
N LEU C 243 -39.27 11.52 -14.17
CA LEU C 243 -40.61 11.11 -14.58
C LEU C 243 -41.01 9.81 -13.89
N PRO C 244 -42.31 9.61 -13.64
CA PRO C 244 -42.76 8.29 -13.18
C PRO C 244 -42.45 7.22 -14.21
N LEU C 245 -42.30 5.99 -13.72
CA LEU C 245 -41.79 4.91 -14.57
C LEU C 245 -42.71 4.65 -15.76
N ASP C 246 -44.02 4.69 -15.55
CA ASP C 246 -44.94 4.42 -16.65
C ASP C 246 -44.92 5.54 -17.68
N GLU C 247 -44.93 6.80 -17.22
CA GLU C 247 -44.79 7.92 -18.14
C GLU C 247 -43.40 7.97 -18.75
N PHE C 248 -42.39 7.49 -18.03
CA PHE C 248 -41.03 7.43 -18.60
C PHE C 248 -41.00 6.51 -19.81
N MET C 249 -41.63 5.34 -19.72
CA MET C 249 -41.67 4.42 -20.85
C MET C 249 -42.57 4.91 -21.97
N GLU C 250 -43.51 5.82 -21.69
CA GLU C 250 -44.34 6.39 -22.74
C GLU C 250 -43.51 7.23 -23.71
N VAL C 251 -42.44 7.86 -23.21
CA VAL C 251 -41.57 8.66 -24.06
C VAL C 251 -40.79 7.78 -25.02
N PHE C 252 -40.44 6.56 -24.60
CA PHE C 252 -39.68 5.65 -25.46
C PHE C 252 -40.42 5.37 -26.76
N ASP C 253 -41.65 4.89 -26.64
CA ASP C 253 -42.42 4.50 -27.81
C ASP C 253 -42.85 5.72 -28.63
N ASN C 254 -43.16 6.82 -27.94
CA ASN C 254 -43.55 8.05 -28.63
C ASN C 254 -42.39 8.60 -29.45
N ALA C 255 -41.16 8.49 -28.94
CA ALA C 255 -40.00 8.99 -29.68
C ALA C 255 -39.79 8.20 -30.96
N ILE C 256 -39.89 6.87 -30.89
CA ILE C 256 -39.69 6.05 -32.08
C ILE C 256 -40.82 6.28 -33.08
N ASN C 257 -42.06 6.36 -32.58
CA ASN C 257 -43.23 6.51 -33.45
C ASN C 257 -43.30 7.91 -34.07
N THR C 258 -42.66 8.91 -33.47
CA THR C 258 -42.70 10.27 -33.98
C THR C 258 -41.58 10.55 -34.98
N GLY C 259 -40.62 9.64 -35.14
CA GLY C 259 -39.54 9.82 -36.08
C GLY C 259 -38.21 10.14 -35.43
N TYR C 260 -38.11 9.98 -34.12
CA TYR C 260 -36.95 10.32 -33.32
C TYR C 260 -36.21 9.06 -32.89
N THR C 261 -34.94 9.22 -32.56
CA THR C 261 -34.14 8.18 -31.95
C THR C 261 -33.86 8.56 -30.51
N ILE C 262 -33.38 7.58 -29.74
CA ILE C 262 -33.17 7.77 -28.31
C ILE C 262 -31.72 7.44 -27.99
N ALA C 263 -31.04 8.37 -27.34
CA ALA C 263 -29.73 8.10 -26.75
C ALA C 263 -29.95 7.34 -25.45
N TRP C 264 -29.58 6.07 -25.43
CA TRP C 264 -29.96 5.16 -24.35
C TRP C 264 -28.73 4.81 -23.53
N GLY C 265 -28.66 5.33 -22.30
CA GLY C 265 -27.66 4.94 -21.34
C GLY C 265 -28.27 4.04 -20.30
N SER C 266 -27.71 2.84 -20.15
CA SER C 266 -28.35 1.82 -19.33
C SER C 266 -27.29 0.86 -18.79
N ASP C 267 -27.72 0.07 -17.80
CA ASP C 267 -26.91 -1.02 -17.27
C ASP C 267 -26.99 -2.23 -18.19
N VAL C 268 -25.83 -2.80 -18.54
CA VAL C 268 -25.75 -4.00 -19.36
C VAL C 268 -25.03 -5.13 -18.63
N SER C 269 -24.72 -4.95 -17.35
CA SER C 269 -24.05 -5.99 -16.56
C SER C 269 -25.09 -6.88 -15.86
N GLU C 270 -25.95 -7.49 -16.67
CA GLU C 270 -26.98 -8.38 -16.17
C GLU C 270 -26.92 -9.70 -16.92
N SER C 271 -27.50 -10.74 -16.31
CA SER C 271 -27.54 -12.03 -16.95
C SER C 271 -28.37 -12.01 -18.22
N GLY C 272 -29.37 -11.11 -18.32
CA GLY C 272 -30.22 -11.08 -19.49
C GLY C 272 -29.57 -10.54 -20.74
N PHE C 273 -28.62 -9.63 -20.59
CA PHE C 273 -27.88 -9.07 -21.73
C PHE C 273 -26.70 -9.99 -22.05
N THR C 274 -26.84 -10.60 -23.21
CA THR C 274 -25.89 -11.51 -23.77
C THR C 274 -25.14 -10.93 -24.93
N ARG C 275 -24.14 -11.68 -25.36
CA ARG C 275 -23.29 -11.38 -26.47
C ARG C 275 -23.97 -11.36 -27.84
N ASP C 276 -24.97 -12.22 -27.99
CA ASP C 276 -25.71 -12.40 -29.22
C ASP C 276 -26.49 -11.20 -29.70
N GLY C 277 -26.91 -10.35 -28.77
CA GLY C 277 -27.70 -9.23 -29.16
C GLY C 277 -29.05 -9.25 -28.57
N VAL C 278 -29.28 -10.13 -27.60
CA VAL C 278 -30.58 -10.12 -26.97
C VAL C 278 -30.45 -9.72 -25.50
N ALA C 279 -31.12 -8.64 -25.16
CA ALA C 279 -31.18 -8.09 -23.80
C ALA C 279 -32.60 -8.30 -23.27
N VAL C 280 -32.78 -9.31 -22.41
CA VAL C 280 -34.10 -9.63 -21.89
C VAL C 280 -34.06 -9.57 -20.36
N MET C 281 -35.25 -9.52 -19.76
CA MET C 281 -35.42 -9.53 -18.31
C MET C 281 -36.40 -10.64 -17.97
N PRO C 282 -35.96 -11.89 -17.99
CA PRO C 282 -36.89 -13.01 -17.83
C PRO C 282 -37.34 -13.21 -16.39
N ASP C 283 -38.56 -13.69 -16.24
CA ASP C 283 -39.13 -14.03 -14.94
C ASP C 283 -38.80 -15.50 -14.67
N ASP C 284 -37.78 -15.74 -13.86
CA ASP C 284 -37.37 -17.10 -13.53
C ASP C 284 -38.33 -17.74 -12.54
N THR C 310 -32.45 -17.74 -24.59
CA THR C 310 -32.27 -18.27 -25.95
C THR C 310 -33.59 -18.25 -26.72
N LYS C 311 -34.69 -18.29 -25.98
CA LYS C 311 -36.03 -18.24 -26.53
C LYS C 311 -36.83 -17.19 -25.77
N PRO C 312 -37.93 -16.70 -26.36
CA PRO C 312 -38.83 -15.83 -25.60
C PRO C 312 -39.38 -16.56 -24.38
N GLN C 313 -39.30 -15.88 -23.24
CA GLN C 313 -39.78 -16.34 -21.94
C GLN C 313 -40.63 -15.21 -21.38
N PRO C 314 -41.51 -15.51 -20.43
CA PRO C 314 -42.26 -14.42 -19.77
C PRO C 314 -41.30 -13.50 -19.02
N GLN C 315 -41.48 -12.20 -19.21
CA GLN C 315 -40.57 -11.22 -18.64
C GLN C 315 -41.08 -10.70 -17.31
N LYS C 316 -40.13 -10.27 -16.46
CA LYS C 316 -40.45 -9.68 -15.16
C LYS C 316 -40.54 -8.17 -15.31
N TRP C 317 -41.75 -7.62 -15.12
CA TRP C 317 -41.96 -6.18 -15.20
C TRP C 317 -41.81 -5.58 -13.81
N CYS C 318 -40.84 -4.69 -13.67
CA CYS C 318 -40.44 -4.18 -12.36
C CYS C 318 -41.34 -3.05 -11.89
N THR C 319 -41.42 -2.90 -10.57
CA THR C 319 -42.10 -1.77 -9.96
C THR C 319 -41.18 -0.56 -9.95
N GLN C 320 -41.73 0.60 -9.59
CA GLN C 320 -40.89 1.77 -9.38
C GLN C 320 -39.95 1.58 -8.20
N ALA C 321 -40.41 0.87 -7.17
CA ALA C 321 -39.57 0.60 -6.01
C ALA C 321 -38.51 -0.45 -6.32
N GLU C 322 -38.89 -1.50 -7.06
CA GLU C 322 -37.93 -2.51 -7.47
C GLU C 322 -36.84 -1.92 -8.35
N ARG C 323 -37.22 -0.98 -9.24
CA ARG C 323 -36.23 -0.29 -10.05
C ARG C 323 -35.32 0.58 -9.17
N GLN C 324 -35.89 1.20 -8.13
CA GLN C 324 -35.10 2.05 -7.25
C GLN C 324 -34.11 1.24 -6.43
N LEU C 325 -34.53 0.07 -5.94
CA LEU C 325 -33.64 -0.75 -5.12
C LEU C 325 -32.41 -1.18 -5.91
N ALA C 326 -32.60 -1.58 -7.16
CA ALA C 326 -31.47 -2.02 -7.98
C ALA C 326 -30.49 -0.87 -8.21
N TYR C 327 -30.99 0.36 -8.30
CA TYR C 327 -30.11 1.52 -8.38
C TYR C 327 -29.46 1.82 -7.03
N ASP C 328 -30.15 1.48 -5.94
CA ASP C 328 -29.61 1.74 -4.60
C ASP C 328 -28.57 0.71 -4.18
N ASN C 329 -28.71 -0.54 -4.62
CA ASN C 329 -27.86 -1.63 -4.14
C ASN C 329 -26.76 -2.02 -5.11
N TYR C 330 -26.42 -1.13 -6.06
CA TYR C 330 -25.35 -1.26 -7.04
C TYR C 330 -25.68 -2.24 -8.16
N GLU C 331 -26.89 -2.78 -8.23
CA GLU C 331 -27.23 -3.72 -9.29
C GLU C 331 -27.57 -3.04 -10.60
N THR C 332 -27.86 -1.74 -10.57
CA THR C 332 -28.07 -0.95 -11.79
C THR C 332 -27.08 0.20 -11.77
N THR C 333 -26.10 0.15 -12.68
CA THR C 333 -25.06 1.17 -12.75
C THR C 333 -24.98 1.73 -14.17
N ASP C 334 -24.41 2.93 -14.27
CA ASP C 334 -24.25 3.58 -15.56
C ASP C 334 -23.12 2.90 -16.33
N ASP C 335 -23.45 1.85 -17.07
CA ASP C 335 -22.45 1.01 -17.72
C ASP C 335 -22.21 1.40 -19.18
N HIS C 336 -23.27 1.46 -19.99
CA HIS C 336 -23.11 1.51 -21.44
C HIS C 336 -24.08 2.53 -22.01
N GLY C 337 -23.64 3.20 -23.08
CA GLY C 337 -24.47 4.12 -23.82
C GLY C 337 -24.72 3.62 -25.23
N MET C 338 -25.99 3.61 -25.66
CA MET C 338 -26.36 3.10 -26.97
C MET C 338 -27.43 4.01 -27.56
N GLN C 339 -27.96 3.61 -28.71
CA GLN C 339 -29.02 4.35 -29.39
C GLN C 339 -30.19 3.41 -29.68
N ILE C 340 -31.38 3.82 -29.24
CA ILE C 340 -32.63 3.12 -29.56
C ILE C 340 -33.25 3.80 -30.77
N TYR C 341 -33.50 3.03 -31.83
CA TYR C 341 -34.01 3.60 -33.06
C TYR C 341 -35.23 2.87 -33.63
N GLY C 342 -35.74 1.84 -32.97
CA GLY C 342 -36.87 1.13 -33.51
C GLY C 342 -37.52 0.22 -32.49
N ILE C 343 -38.64 -0.38 -32.89
CA ILE C 343 -39.40 -1.31 -32.07
C ILE C 343 -39.64 -2.58 -32.87
N ALA C 344 -39.50 -3.73 -32.22
CA ALA C 344 -39.68 -5.02 -32.87
C ALA C 344 -40.37 -5.98 -31.92
N LYS C 345 -40.87 -7.08 -32.49
CA LYS C 345 -41.53 -8.14 -31.74
C LYS C 345 -40.84 -9.48 -32.02
N ASP C 346 -40.99 -10.39 -31.09
CA ASP C 346 -40.53 -11.75 -31.19
C ASP C 346 -41.65 -12.63 -31.74
N GLN C 347 -41.40 -13.92 -31.77
CA GLN C 347 -42.41 -14.87 -32.22
C GLN C 347 -43.60 -14.84 -31.36
N GLU C 348 -43.45 -14.72 -30.06
CA GLU C 348 -44.60 -14.72 -29.17
C GLU C 348 -45.28 -13.38 -29.00
N GLY C 349 -44.77 -12.36 -29.64
CA GLY C 349 -45.35 -11.05 -29.54
C GLY C 349 -44.80 -10.14 -28.47
N ASN C 350 -43.81 -10.59 -27.72
CA ASN C 350 -43.27 -9.71 -26.70
C ASN C 350 -42.44 -8.59 -27.34
N GLU C 351 -42.58 -7.40 -26.81
CA GLU C 351 -41.95 -6.28 -27.43
C GLU C 351 -40.49 -6.13 -27.28
N TYR C 352 -39.88 -5.45 -28.22
CA TYR C 352 -38.44 -5.20 -28.11
C TYR C 352 -38.08 -3.84 -28.68
N TYR C 353 -37.00 -3.26 -28.14
CA TYR C 353 -36.39 -2.06 -28.72
C TYR C 353 -35.14 -2.47 -29.49
N MET C 354 -35.01 -2.00 -30.72
CA MET C 354 -33.84 -2.27 -31.54
C MET C 354 -32.75 -1.26 -31.25
N VAL C 355 -31.58 -1.76 -30.86
CA VAL C 355 -30.50 -0.96 -30.30
C VAL C 355 -29.28 -1.05 -31.21
N LYS C 356 -28.70 0.11 -31.54
CA LYS C 356 -27.48 0.18 -32.34
C LYS C 356 -26.29 0.35 -31.40
N ASN C 357 -25.41 -0.65 -31.37
CA ASN C 357 -24.24 -0.64 -30.51
C ASN C 357 -23.04 -0.07 -31.26
N SER C 358 -21.93 0.06 -30.55
CA SER C 358 -20.68 0.60 -31.10
C SER C 358 -19.54 -0.40 -30.91
N TRP C 359 -19.84 -1.68 -31.06
CA TRP C 359 -18.86 -2.75 -30.89
C TRP C 359 -18.48 -3.40 -32.22
N GLY C 360 -18.66 -2.69 -33.33
CA GLY C 360 -18.43 -3.25 -34.63
C GLY C 360 -19.62 -4.02 -35.16
N THR C 361 -19.39 -4.69 -36.29
CA THR C 361 -20.43 -5.42 -37.00
C THR C 361 -20.24 -6.92 -36.92
N ASN C 362 -19.35 -7.40 -36.05
CA ASN C 362 -19.07 -8.83 -35.94
C ASN C 362 -19.94 -9.44 -34.84
N SER C 363 -21.24 -9.48 -35.13
CA SER C 363 -22.22 -10.09 -34.24
C SER C 363 -23.30 -10.75 -35.08
N LYS C 364 -24.24 -11.42 -34.40
CA LYS C 364 -25.28 -12.17 -35.12
C LYS C 364 -26.16 -11.23 -35.95
N TYR C 365 -26.44 -10.04 -35.43
CA TYR C 365 -27.24 -9.05 -36.14
C TYR C 365 -26.39 -7.88 -36.59
N ASN C 366 -25.09 -8.10 -36.76
CA ASN C 366 -24.18 -7.12 -37.34
C ASN C 366 -24.20 -5.79 -36.56
N GLY C 367 -24.03 -5.90 -35.25
CA GLY C 367 -23.96 -4.73 -34.40
C GLY C 367 -25.29 -4.14 -33.99
N ILE C 368 -26.39 -4.87 -34.17
CA ILE C 368 -27.72 -4.41 -33.75
C ILE C 368 -28.21 -5.38 -32.68
N TRP C 369 -28.64 -4.83 -31.55
CA TRP C 369 -29.09 -5.61 -30.41
C TRP C 369 -30.58 -5.36 -30.17
N TYR C 370 -31.26 -6.38 -29.65
CA TYR C 370 -32.69 -6.29 -29.33
C TYR C 370 -32.86 -6.30 -27.81
N ALA C 371 -33.28 -5.17 -27.26
CA ALA C 371 -33.51 -5.03 -25.83
C ALA C 371 -35.01 -5.03 -25.57
N SER C 372 -35.48 -5.98 -24.77
CA SER C 372 -36.89 -6.05 -24.44
C SER C 372 -37.34 -4.83 -23.65
N LYS C 373 -38.63 -4.49 -23.78
CA LYS C 373 -39.17 -3.34 -23.07
C LYS C 373 -39.12 -3.53 -21.56
N ALA C 374 -39.19 -4.77 -21.09
CA ALA C 374 -39.04 -5.03 -19.66
C ALA C 374 -37.62 -4.74 -19.20
N PHE C 375 -36.63 -5.12 -20.00
CA PHE C 375 -35.24 -4.83 -19.67
C PHE C 375 -34.99 -3.33 -19.64
N VAL C 376 -35.51 -2.60 -20.63
CA VAL C 376 -35.32 -1.16 -20.68
C VAL C 376 -36.00 -0.48 -19.50
N ARG C 377 -37.18 -0.98 -19.11
CA ARG C 377 -37.89 -0.41 -17.97
C ARG C 377 -37.10 -0.59 -16.67
N TYR C 378 -36.36 -1.69 -16.56
CA TYR C 378 -35.66 -2.03 -15.32
C TYR C 378 -34.26 -1.43 -15.23
N LYS C 379 -33.48 -1.48 -16.31
CA LYS C 379 -32.05 -1.22 -16.24
C LYS C 379 -31.63 0.09 -16.89
N THR C 380 -32.58 0.93 -17.32
CA THR C 380 -32.22 2.20 -17.95
C THR C 380 -31.73 3.19 -16.90
N MET C 381 -30.55 3.75 -17.13
CA MET C 381 -30.03 4.79 -16.26
C MET C 381 -30.64 6.15 -16.62
N ASN C 382 -30.50 6.56 -17.86
CA ASN C 382 -31.09 7.80 -18.35
C ASN C 382 -31.15 7.74 -19.87
N ILE C 383 -31.95 8.63 -20.45
CA ILE C 383 -32.06 8.75 -21.90
C ILE C 383 -32.02 10.23 -22.27
N VAL C 384 -31.66 10.48 -23.52
CA VAL C 384 -31.64 11.82 -24.08
C VAL C 384 -32.37 11.80 -25.42
N VAL C 385 -33.40 12.60 -25.51
CA VAL C 385 -34.16 12.74 -26.71
C VAL C 385 -34.46 14.17 -26.95
N HIS C 386 -34.76 14.47 -28.18
CA HIS C 386 -35.16 15.79 -28.57
C HIS C 386 -36.41 16.11 -27.81
N LYS C 387 -36.58 17.33 -27.31
CA LYS C 387 -37.77 17.66 -26.53
C LYS C 387 -39.10 17.46 -27.24
N ASP C 388 -39.12 17.64 -28.55
CA ASP C 388 -40.26 17.42 -29.41
C ASP C 388 -40.73 15.98 -29.46
N ALA C 389 -39.88 15.01 -29.12
CA ALA C 389 -40.28 13.64 -29.00
C ALA C 389 -41.11 13.39 -27.76
N LEU C 390 -41.16 14.31 -26.80
CA LEU C 390 -42.00 14.05 -25.64
C LEU C 390 -43.48 14.19 -26.00
N PRO C 391 -44.34 13.39 -25.39
CA PRO C 391 -45.78 13.63 -25.51
C PRO C 391 -46.12 14.99 -24.92
N LYS C 392 -47.16 15.61 -25.48
CA LYS C 392 -47.50 16.97 -25.08
C LYS C 392 -47.86 17.05 -23.60
N ALA C 393 -48.53 16.03 -23.08
CA ALA C 393 -48.94 16.04 -21.68
C ALA C 393 -47.73 15.90 -20.76
N ILE C 394 -46.84 14.95 -21.04
CA ILE C 394 -45.62 14.80 -20.25
C ILE C 394 -44.79 16.06 -20.33
N LYS C 395 -44.72 16.67 -21.52
CA LYS C 395 -43.90 17.85 -21.73
C LYS C 395 -44.43 19.06 -20.95
N ALA C 396 -45.74 19.16 -20.80
CA ALA C 396 -46.32 20.25 -20.00
C ALA C 396 -46.03 20.04 -18.52
N LYS C 397 -46.02 18.79 -18.06
CA LYS C 397 -45.75 18.50 -16.66
C LYS C 397 -44.34 18.93 -16.25
N LEU C 398 -43.40 18.95 -17.19
CA LEU C 398 -42.02 19.27 -16.87
C LEU C 398 -41.72 20.77 -16.83
N GLY C 399 -42.61 21.63 -17.29
CA GLY C 399 -42.33 23.05 -17.21
C GLY C 399 -41.47 23.60 -18.33
N ILE C 400 -41.16 22.79 -19.33
CA ILE C 400 -40.43 23.19 -20.54
C ILE C 400 -40.69 24.63 -20.98
N GLY D 29 37.33 30.67 15.46
CA GLY D 29 36.87 30.63 14.08
C GLY D 29 37.93 30.14 13.11
N PHE D 30 37.62 30.25 11.82
CA PHE D 30 38.53 29.82 10.76
C PHE D 30 39.09 31.04 10.04
N VAL D 31 40.39 31.00 9.76
CA VAL D 31 41.06 31.97 8.92
C VAL D 31 41.90 31.19 7.92
N PHE D 32 41.50 31.23 6.65
CA PHE D 32 42.15 30.46 5.60
C PHE D 32 43.11 31.34 4.80
N THR D 33 44.20 30.73 4.36
CA THR D 33 45.18 31.40 3.51
C THR D 33 45.41 30.52 2.28
N THR D 34 45.22 31.11 1.10
CA THR D 34 45.33 30.35 -0.13
C THR D 34 46.79 29.98 -0.42
N VAL D 35 47.03 28.71 -0.68
CA VAL D 35 48.34 28.23 -1.13
C VAL D 35 48.46 28.29 -2.65
N LYS D 36 47.45 27.80 -3.35
CA LYS D 36 47.38 27.87 -4.80
C LYS D 36 45.93 27.76 -5.22
N GLU D 37 45.53 28.57 -6.21
CA GLU D 37 44.18 28.53 -6.72
C GLU D 37 44.21 28.74 -8.23
N ASN D 38 43.29 28.08 -8.92
CA ASN D 38 43.22 28.06 -10.37
C ASN D 38 41.97 28.77 -10.88
N PRO D 39 41.97 29.25 -12.12
CA PRO D 39 40.82 30.02 -12.61
C PRO D 39 39.55 29.20 -12.67
N ILE D 40 38.45 29.81 -12.23
CA ILE D 40 37.13 29.20 -12.24
C ILE D 40 36.14 30.21 -12.82
N THR D 41 34.91 29.76 -13.03
CA THR D 41 33.85 30.60 -13.53
C THR D 41 33.06 31.17 -12.35
N SER D 42 32.05 31.98 -12.65
CA SER D 42 31.20 32.51 -11.59
C SER D 42 30.43 31.38 -10.91
N VAL D 43 30.11 31.58 -9.63
CA VAL D 43 29.37 30.57 -8.88
C VAL D 43 27.91 30.61 -9.33
N LYS D 44 27.38 29.43 -9.66
CA LYS D 44 25.99 29.31 -10.09
C LYS D 44 25.14 28.73 -8.96
N ASN D 45 23.84 28.68 -9.20
CA ASN D 45 22.89 28.16 -8.24
C ASN D 45 22.02 27.10 -8.86
N GLN D 46 22.13 25.88 -8.35
CA GLN D 46 21.30 24.76 -8.77
C GLN D 46 19.87 24.90 -8.34
N ASN D 47 19.67 25.53 -7.19
CA ASN D 47 18.38 25.79 -6.55
C ASN D 47 17.63 24.53 -6.17
N ARG D 48 16.35 24.44 -6.54
CA ARG D 48 15.50 23.35 -6.19
C ARG D 48 15.48 22.29 -7.23
N ALA D 49 16.63 21.68 -7.42
CA ALA D 49 16.79 20.60 -8.34
C ALA D 49 17.99 19.82 -7.99
N GLY D 50 17.96 18.54 -8.25
CA GLY D 50 19.07 17.66 -7.97
C GLY D 50 20.09 17.63 -9.11
N THR D 51 20.43 18.81 -9.64
CA THR D 51 21.30 18.93 -10.79
C THR D 51 22.73 19.32 -10.43
N CYS D 52 23.16 19.04 -9.21
CA CYS D 52 24.52 19.39 -8.81
C CYS D 52 25.56 18.68 -9.66
N TRP D 53 25.23 17.49 -10.17
CA TRP D 53 26.18 16.75 -11.00
C TRP D 53 26.50 17.50 -12.28
N CYS D 54 25.51 18.19 -12.85
CA CYS D 54 25.74 18.91 -14.11
C CYS D 54 26.39 20.27 -13.87
N TYR D 55 25.96 20.97 -12.82
CA TYR D 55 26.55 22.28 -12.52
C TYR D 55 28.02 22.14 -12.16
N SER D 56 28.37 21.09 -11.41
CA SER D 56 29.77 20.87 -11.07
C SER D 56 30.57 20.38 -12.27
N SER D 57 29.96 19.55 -13.12
CA SER D 57 30.64 19.09 -14.33
C SER D 57 30.95 20.26 -15.25
N TYR D 58 30.03 21.21 -15.38
CA TYR D 58 30.27 22.34 -16.26
C TYR D 58 31.19 23.37 -15.62
N SER D 59 31.18 23.47 -14.28
CA SER D 59 32.21 24.25 -13.61
C SER D 59 33.59 23.67 -13.88
N PHE D 60 33.68 22.34 -13.91
CA PHE D 60 34.95 21.68 -14.22
C PHE D 60 35.32 21.87 -15.68
N LEU D 61 34.36 21.69 -16.59
CA LEU D 61 34.64 21.83 -18.01
C LEU D 61 34.95 23.27 -18.40
N GLU D 62 34.32 24.24 -17.73
CA GLU D 62 34.61 25.64 -18.02
C GLU D 62 36.02 26.01 -17.56
N SER D 63 36.45 25.48 -16.41
CA SER D 63 37.83 25.67 -15.99
C SER D 63 38.80 24.99 -16.93
N GLU D 64 38.39 23.86 -17.53
CA GLU D 64 39.23 23.20 -18.52
C GLU D 64 39.36 24.03 -19.78
N LEU D 65 38.27 24.70 -20.19
CA LEU D 65 38.33 25.56 -21.37
C LEU D 65 39.21 26.77 -21.11
N LEU D 66 39.14 27.33 -19.90
CA LEU D 66 40.05 28.41 -19.51
C LEU D 66 41.49 27.91 -19.49
N ARG D 67 41.69 26.66 -19.03
CA ARG D 67 43.04 26.12 -18.93
C ARG D 67 43.70 25.98 -20.30
N MET D 68 42.93 25.61 -21.32
CA MET D 68 43.44 25.43 -22.67
C MET D 68 43.42 26.72 -23.49
N GLY D 69 43.20 27.86 -22.85
CA GLY D 69 43.22 29.12 -23.59
C GLY D 69 42.08 29.32 -24.57
N LYS D 70 40.91 28.73 -24.31
CA LYS D 70 39.74 28.88 -25.17
C LYS D 70 38.79 29.95 -24.67
N GLY D 71 39.05 30.55 -23.51
CA GLY D 71 38.20 31.60 -22.99
C GLY D 71 37.16 31.08 -22.01
N GLU D 72 36.31 32.00 -21.58
CA GLU D 72 35.27 31.70 -20.61
C GLU D 72 33.98 31.28 -21.32
N TYR D 73 33.30 30.27 -20.77
CA TYR D 73 32.05 29.78 -21.30
C TYR D 73 31.00 29.74 -20.20
N ASP D 74 29.73 29.80 -20.60
CA ASP D 74 28.60 29.62 -19.70
C ASP D 74 27.69 28.59 -20.37
N LEU D 75 27.99 27.32 -20.14
CA LEU D 75 27.29 26.23 -20.80
C LEU D 75 25.95 25.97 -20.11
N SER D 76 24.96 25.58 -20.91
CA SER D 76 23.60 25.39 -20.43
C SER D 76 23.48 24.03 -19.74
N GLU D 77 23.30 24.05 -18.42
CA GLU D 77 23.06 22.81 -17.70
C GLU D 77 21.71 22.19 -18.09
N MET D 78 20.71 23.04 -18.31
CA MET D 78 19.37 22.53 -18.58
C MET D 78 19.31 21.74 -19.88
N PHE D 79 20.18 22.06 -20.84
CA PHE D 79 20.22 21.29 -22.08
C PHE D 79 20.68 19.87 -21.82
N THR D 80 21.78 19.71 -21.09
CA THR D 80 22.27 18.37 -20.77
C THR D 80 21.36 17.67 -19.78
N VAL D 81 20.82 18.40 -18.81
CA VAL D 81 19.88 17.83 -17.85
C VAL D 81 18.65 17.29 -18.57
N TYR D 82 18.17 18.02 -19.57
CA TYR D 82 17.02 17.57 -20.35
C TYR D 82 17.31 16.26 -21.05
N ASN D 83 18.44 16.18 -21.77
CA ASN D 83 18.75 14.99 -22.55
C ASN D 83 19.13 13.82 -21.65
N THR D 84 19.76 14.08 -20.51
CA THR D 84 20.10 13.00 -19.59
C THR D 84 18.85 12.34 -19.01
N TYR D 85 17.85 13.15 -18.65
CA TYR D 85 16.61 12.57 -18.11
C TYR D 85 15.90 11.72 -19.15
N LEU D 86 15.98 12.12 -20.43
CA LEU D 86 15.40 11.31 -21.49
C LEU D 86 16.07 9.95 -21.58
N ASP D 87 17.40 9.92 -21.43
CA ASP D 87 18.12 8.65 -21.44
C ASP D 87 17.87 7.85 -20.16
N ARG D 88 17.74 8.53 -19.02
CA ARG D 88 17.48 7.82 -17.77
C ARG D 88 16.09 7.19 -17.77
N ALA D 89 15.11 7.86 -18.38
CA ALA D 89 13.78 7.27 -18.53
C ALA D 89 13.85 6.03 -19.41
N ASP D 90 14.66 6.07 -20.47
CA ASP D 90 14.84 4.90 -21.32
C ASP D 90 15.51 3.76 -20.55
N ALA D 91 16.47 4.08 -19.70
CA ALA D 91 17.13 3.06 -18.89
C ALA D 91 16.17 2.43 -17.89
N ALA D 92 15.31 3.25 -17.28
CA ALA D 92 14.33 2.72 -16.33
C ALA D 92 13.32 1.81 -17.02
N VAL D 93 12.87 2.20 -18.22
CA VAL D 93 11.86 1.41 -18.93
C VAL D 93 12.47 0.12 -19.45
N ARG D 94 13.70 0.18 -19.97
CA ARG D 94 14.34 -1.02 -20.49
C ARG D 94 14.61 -2.04 -19.38
N THR D 95 14.99 -1.56 -18.20
CA THR D 95 15.22 -2.42 -17.05
C THR D 95 13.97 -2.63 -16.21
N HIS D 96 12.80 -2.26 -16.73
CA HIS D 96 11.52 -2.50 -16.07
C HIS D 96 11.50 -1.92 -14.66
N GLY D 97 12.06 -0.73 -14.50
CA GLY D 97 12.05 -0.03 -13.23
C GLY D 97 13.24 -0.27 -12.34
N ASP D 98 14.16 -1.15 -12.73
CA ASP D 98 15.35 -1.39 -11.92
C ASP D 98 16.20 -0.13 -11.80
N VAL D 99 16.52 0.49 -12.93
CA VAL D 99 17.20 1.77 -12.91
C VAL D 99 16.23 2.82 -12.38
N SER D 100 16.58 3.44 -11.26
CA SER D 100 15.73 4.46 -10.67
C SER D 100 15.74 5.71 -11.55
N PHE D 101 14.59 6.37 -11.62
CA PHE D 101 14.43 7.61 -12.37
C PHE D 101 14.34 8.75 -11.36
N SER D 102 15.42 9.53 -11.26
CA SER D 102 15.48 10.64 -10.32
C SER D 102 16.28 11.76 -10.95
N GLN D 103 16.48 12.84 -10.18
CA GLN D 103 17.14 14.04 -10.69
C GLN D 103 18.66 13.91 -10.70
N GLY D 104 19.22 12.95 -9.99
CA GLY D 104 20.65 12.85 -9.83
C GLY D 104 21.38 12.46 -11.10
N GLY D 105 22.70 12.40 -10.99
CA GLY D 105 23.54 12.05 -12.11
C GLY D 105 24.99 11.94 -11.69
N SER D 106 25.86 11.89 -12.70
CA SER D 106 27.29 11.74 -12.47
C SER D 106 28.06 12.63 -13.44
N PHE D 107 29.38 12.70 -13.22
CA PHE D 107 30.23 13.44 -14.14
C PHE D 107 30.25 12.79 -15.52
N TYR D 108 30.13 11.46 -15.57
CA TYR D 108 30.12 10.77 -16.86
C TYR D 108 28.87 11.11 -17.67
N ASP D 109 27.78 11.48 -16.99
CA ASP D 109 26.58 11.92 -17.70
C ASP D 109 26.88 13.14 -18.57
N ALA D 110 27.71 14.06 -18.07
CA ALA D 110 28.09 15.23 -18.85
C ALA D 110 29.14 14.89 -19.89
N LEU D 111 30.09 14.02 -19.55
CA LEU D 111 31.10 13.62 -20.53
C LEU D 111 30.47 12.86 -21.69
N TYR D 112 29.55 11.94 -21.39
CA TYR D 112 28.79 11.26 -22.43
C TYR D 112 27.87 12.24 -23.16
N GLY D 113 27.29 13.20 -22.42
CA GLY D 113 26.31 14.08 -23.01
C GLY D 113 26.88 15.02 -24.05
N MET D 114 28.07 15.58 -23.79
CA MET D 114 28.66 16.52 -24.73
C MET D 114 29.04 15.84 -26.05
N GLU D 115 29.38 14.55 -25.99
CA GLU D 115 29.72 13.82 -27.21
C GLU D 115 28.47 13.35 -27.96
N THR D 116 27.38 13.11 -27.25
CA THR D 116 26.15 12.59 -27.85
C THR D 116 25.19 13.70 -28.24
N PHE D 117 24.88 14.61 -27.31
CA PHE D 117 23.94 15.69 -27.56
C PHE D 117 24.61 17.00 -27.95
N GLY D 118 25.85 17.21 -27.53
CA GLY D 118 26.53 18.47 -27.80
C GLY D 118 26.40 19.45 -26.66
N LEU D 119 26.67 20.71 -26.98
CA LEU D 119 26.61 21.79 -26.00
C LEU D 119 25.90 23.00 -26.60
N VAL D 120 25.16 23.71 -25.76
CA VAL D 120 24.55 24.98 -26.13
C VAL D 120 24.86 25.98 -25.02
N PRO D 121 24.93 27.28 -25.30
CA PRO D 121 25.22 28.25 -24.24
C PRO D 121 24.02 28.45 -23.33
N GLU D 122 24.30 29.06 -22.18
CA GLU D 122 23.27 29.22 -21.15
C GLU D 122 22.05 29.98 -21.66
N GLU D 123 22.27 31.00 -22.49
CA GLU D 123 21.17 31.84 -22.94
C GLU D 123 20.16 31.07 -23.79
N GLU D 124 20.54 29.93 -24.36
CA GLU D 124 19.60 29.19 -25.20
C GLU D 124 18.65 28.31 -24.40
N MET D 125 18.99 27.99 -23.15
CA MET D 125 18.08 27.24 -22.28
C MET D 125 18.34 27.70 -20.85
N ARG D 126 17.52 28.62 -20.37
CA ARG D 126 17.79 29.15 -19.04
C ARG D 126 16.94 28.41 -18.01
N PRO D 127 17.40 28.34 -16.75
CA PRO D 127 16.60 27.68 -15.73
C PRO D 127 15.39 28.52 -15.35
N GLY D 128 14.25 27.85 -15.17
CA GLY D 128 13.04 28.51 -14.74
C GLY D 128 12.34 29.36 -15.78
N MET D 129 12.89 29.45 -17.00
CA MET D 129 12.30 30.32 -18.02
C MET D 129 10.88 29.92 -18.38
N MET D 130 10.49 28.67 -18.15
CA MET D 130 9.18 28.19 -18.57
C MET D 130 8.09 28.36 -17.52
N TYR D 131 8.46 28.61 -16.26
CA TYR D 131 7.48 28.87 -15.21
C TYR D 131 7.73 30.21 -14.53
N ALA D 132 8.17 31.20 -15.33
CA ALA D 132 8.29 32.59 -14.87
C ALA D 132 9.25 32.73 -13.69
N ASP D 133 10.36 32.00 -13.74
CA ASP D 133 11.42 32.10 -12.75
C ASP D 133 12.76 32.24 -13.47
N THR D 134 13.82 32.39 -12.68
CA THR D 134 15.17 32.46 -13.21
C THR D 134 16.07 31.34 -12.72
N LEU D 135 15.64 30.55 -11.74
CA LEU D 135 16.39 29.40 -11.27
C LEU D 135 15.49 28.17 -11.31
N SER D 136 16.12 27.00 -11.18
CA SER D 136 15.43 25.74 -11.36
C SER D 136 14.53 25.41 -10.18
N ASN D 137 13.36 24.84 -10.50
CA ASN D 137 12.46 24.25 -9.51
C ASN D 137 11.75 23.09 -10.22
N HIS D 138 12.30 21.88 -10.07
CA HIS D 138 11.86 20.72 -10.82
C HIS D 138 11.00 19.77 -9.99
N THR D 139 10.38 20.26 -8.92
CA THR D 139 9.54 19.39 -8.09
C THR D 139 8.29 18.95 -8.84
N GLU D 140 7.61 19.88 -9.52
CA GLU D 140 6.41 19.51 -10.26
C GLU D 140 6.76 18.70 -11.50
N LEU D 141 7.85 19.05 -12.18
CA LEU D 141 8.29 18.27 -13.33
C LEU D 141 8.63 16.84 -12.90
N SER D 142 9.31 16.68 -11.76
CA SER D 142 9.62 15.34 -11.26
C SER D 142 8.34 14.59 -10.89
N ALA D 143 7.40 15.26 -10.23
CA ALA D 143 6.17 14.60 -9.82
C ALA D 143 5.43 14.00 -11.01
N LEU D 144 5.43 14.71 -12.14
CA LEU D 144 4.75 14.20 -13.33
C LEU D 144 5.57 13.12 -14.02
N THR D 145 6.86 13.37 -14.27
CA THR D 145 7.67 12.45 -15.05
C THR D 145 7.93 11.15 -14.29
N ASP D 146 8.12 11.23 -12.97
CA ASP D 146 8.28 10.00 -12.18
C ASP D 146 7.05 9.12 -12.29
N ALA D 147 5.86 9.71 -12.22
CA ALA D 147 4.63 8.95 -12.37
C ALA D 147 4.50 8.39 -13.78
N MET D 148 4.97 9.13 -14.78
CA MET D 148 4.88 8.65 -16.17
C MET D 148 5.82 7.47 -16.39
N VAL D 149 7.08 7.59 -15.96
CA VAL D 149 8.04 6.52 -16.15
C VAL D 149 7.61 5.27 -15.37
N ALA D 150 7.07 5.46 -14.17
CA ALA D 150 6.64 4.32 -13.36
C ALA D 150 5.45 3.61 -14.00
N ALA D 151 4.55 4.38 -14.64
CA ALA D 151 3.40 3.76 -15.30
C ALA D 151 3.82 2.88 -16.46
N ILE D 152 4.97 3.16 -17.06
CA ILE D 152 5.49 2.35 -18.16
C ILE D 152 6.42 1.26 -17.65
N ALA D 153 7.42 1.63 -16.85
CA ALA D 153 8.46 0.70 -16.45
C ALA D 153 7.96 -0.33 -15.45
N LYS D 154 7.06 0.07 -14.55
CA LYS D 154 6.58 -0.81 -13.49
C LYS D 154 5.09 -1.14 -13.60
N GLY D 155 4.45 -0.80 -14.71
CA GLY D 155 3.03 -1.08 -14.88
C GLY D 155 2.79 -2.49 -15.37
N LYS D 156 1.57 -2.71 -15.87
CA LYS D 156 1.16 -4.01 -16.38
C LYS D 156 1.00 -4.01 -17.90
N LEU D 157 1.49 -2.97 -18.58
CA LEU D 157 1.47 -2.95 -20.03
C LEU D 157 2.39 -4.02 -20.59
N ARG D 158 1.89 -4.79 -21.55
CA ARG D 158 2.66 -5.86 -22.17
C ARG D 158 3.13 -5.54 -23.58
N LYS D 159 2.67 -4.43 -24.16
CA LYS D 159 3.09 -4.02 -25.49
C LYS D 159 2.94 -2.50 -25.59
N LEU D 160 4.08 -1.80 -25.66
CA LEU D 160 4.06 -0.35 -25.73
C LEU D 160 3.78 0.12 -27.16
N GLN D 161 2.99 1.18 -27.27
CA GLN D 161 2.53 1.64 -28.58
C GLN D 161 3.64 2.39 -29.33
N SER D 162 3.56 2.31 -30.67
CA SER D 162 4.53 2.97 -31.53
C SER D 162 3.83 3.40 -32.82
N ASP D 163 4.43 4.37 -33.49
CA ASP D 163 3.88 4.91 -34.72
C ASP D 163 4.39 4.09 -35.92
N GLU D 164 4.10 4.57 -37.14
CA GLU D 164 4.52 3.84 -38.33
C GLU D 164 6.01 3.96 -38.61
N ASN D 165 6.73 4.79 -37.87
CA ASN D 165 8.18 4.87 -37.94
C ASN D 165 8.87 4.15 -36.79
N ASN D 166 8.12 3.31 -36.06
CA ASN D 166 8.62 2.53 -34.93
C ASN D 166 9.15 3.42 -33.80
N ALA D 167 8.64 4.64 -33.71
CA ALA D 167 9.01 5.55 -32.63
C ALA D 167 8.07 5.31 -31.45
N MET D 168 8.65 5.20 -30.26
CA MET D 168 7.86 4.92 -29.06
C MET D 168 7.04 6.15 -28.67
N LEU D 169 5.75 5.94 -28.40
CA LEU D 169 4.88 7.06 -28.06
C LEU D 169 5.17 7.58 -26.65
N TRP D 170 5.52 6.68 -25.72
CA TRP D 170 5.81 7.12 -24.35
C TRP D 170 7.05 8.01 -24.32
N LYS D 171 8.01 7.77 -25.22
CA LYS D 171 9.19 8.64 -25.28
C LYS D 171 8.81 10.04 -25.75
N LYS D 172 7.86 10.13 -26.68
CA LYS D 172 7.35 11.44 -27.08
C LYS D 172 6.68 12.15 -25.91
N ALA D 173 5.92 11.40 -25.12
CA ALA D 173 5.20 12.01 -23.99
C ALA D 173 6.17 12.51 -22.93
N VAL D 174 7.18 11.70 -22.58
CA VAL D 174 8.15 12.10 -21.57
C VAL D 174 8.96 13.30 -22.06
N ALA D 175 9.32 13.31 -23.34
CA ALA D 175 10.07 14.43 -23.89
C ALA D 175 9.23 15.70 -23.94
N ALA D 176 7.95 15.56 -24.28
CA ALA D 176 7.08 16.74 -24.36
C ALA D 176 6.90 17.40 -22.99
N VAL D 177 6.71 16.58 -21.94
CA VAL D 177 6.55 17.13 -20.60
C VAL D 177 7.84 17.80 -20.14
N HIS D 178 8.99 17.22 -20.49
CA HIS D 178 10.26 17.82 -20.11
C HIS D 178 10.47 19.16 -20.79
N GLN D 179 10.02 19.28 -22.05
CA GLN D 179 10.16 20.55 -22.76
C GLN D 179 9.26 21.63 -22.17
N ILE D 180 8.09 21.25 -21.66
CA ILE D 180 7.16 22.22 -21.10
C ILE D 180 7.74 22.84 -19.83
N TYR D 181 8.53 22.09 -19.07
CA TYR D 181 9.08 22.58 -17.82
C TYR D 181 10.52 23.04 -17.93
N LEU D 182 11.29 22.53 -18.90
CA LEU D 182 12.69 22.90 -19.05
C LEU D 182 12.99 23.75 -20.28
N GLY D 183 12.15 23.69 -21.30
CA GLY D 183 12.36 24.44 -22.53
C GLY D 183 12.62 23.54 -23.72
N VAL D 184 12.51 24.14 -24.90
CA VAL D 184 12.70 23.43 -26.16
C VAL D 184 14.18 23.49 -26.54
N PRO D 185 14.81 22.35 -26.83
CA PRO D 185 16.22 22.37 -27.24
C PRO D 185 16.39 23.03 -28.60
N PRO D 186 17.34 23.94 -28.73
CA PRO D 186 17.59 24.57 -30.03
C PRO D 186 18.34 23.62 -30.95
N GLU D 187 17.98 23.66 -32.23
CA GLU D 187 18.73 22.90 -33.22
C GLU D 187 19.80 23.75 -33.89
N LYS D 188 19.61 25.07 -33.94
CA LYS D 188 20.65 25.99 -34.38
C LYS D 188 20.51 27.28 -33.59
N PHE D 189 21.63 27.97 -33.40
CA PHE D 189 21.66 29.20 -32.61
C PHE D 189 22.89 30.00 -33.00
N THR D 190 22.84 31.30 -32.70
CA THR D 190 23.94 32.21 -32.99
C THR D 190 24.65 32.57 -31.69
N TYR D 191 25.98 32.39 -31.68
CA TYR D 191 26.80 32.67 -30.51
C TYR D 191 28.04 33.40 -30.97
N LYS D 192 28.18 34.66 -30.57
CA LYS D 192 29.36 35.46 -30.87
C LYS D 192 29.60 35.55 -32.38
N GLY D 193 28.52 35.75 -33.13
CA GLY D 193 28.60 36.04 -34.55
C GLY D 193 28.49 34.85 -35.48
N LYS D 194 28.52 33.63 -34.97
CA LYS D 194 28.50 32.44 -35.80
C LYS D 194 27.31 31.56 -35.42
N GLU D 195 26.71 30.94 -36.44
CA GLU D 195 25.59 30.04 -36.22
C GLU D 195 26.11 28.63 -35.93
N TYR D 196 25.58 28.03 -34.87
CA TYR D 196 26.04 26.72 -34.41
C TYR D 196 24.86 25.78 -34.26
N THR D 197 25.17 24.49 -34.30
CA THR D 197 24.31 23.44 -33.81
C THR D 197 24.90 22.88 -32.51
N PRO D 198 24.08 22.24 -31.66
CA PRO D 198 24.64 21.65 -30.45
C PRO D 198 25.84 20.75 -30.70
N LYS D 199 25.86 20.02 -31.82
CA LYS D 199 27.01 19.19 -32.15
C LYS D 199 28.18 20.04 -32.62
N SER D 200 27.92 21.04 -33.48
CA SER D 200 28.99 21.87 -34.00
C SER D 200 29.56 22.79 -32.93
N PHE D 201 28.71 23.25 -32.00
CA PHE D 201 29.18 24.08 -30.90
C PHE D 201 30.09 23.28 -29.96
N PHE D 202 29.80 22.00 -29.76
CA PHE D 202 30.69 21.16 -28.95
C PHE D 202 32.04 21.00 -29.63
N GLU D 203 32.05 20.90 -30.95
CA GLU D 203 33.31 20.77 -31.68
C GLU D 203 34.16 22.05 -31.60
N SER D 204 33.52 23.23 -31.56
CA SER D 204 34.24 24.48 -31.32
C SER D 204 35.13 24.34 -30.08
N THR D 205 34.59 23.79 -29.00
CA THR D 205 35.31 23.72 -27.72
C THR D 205 36.59 22.91 -27.84
N GLY D 206 36.61 21.86 -28.67
CA GLY D 206 37.79 21.05 -28.83
C GLY D 206 38.01 20.06 -27.71
N LEU D 207 37.10 19.97 -26.75
CA LEU D 207 37.22 18.97 -25.70
C LEU D 207 36.88 17.59 -26.25
N LYS D 208 37.40 16.57 -25.57
CA LYS D 208 37.15 15.18 -25.93
C LYS D 208 36.98 14.38 -24.65
N ALA D 209 35.88 13.62 -24.57
CA ALA D 209 35.61 12.83 -23.39
C ALA D 209 36.66 11.75 -23.17
N SER D 210 37.36 11.34 -24.23
CA SER D 210 38.41 10.34 -24.09
C SER D 210 39.57 10.85 -23.23
N ASP D 211 39.74 12.16 -23.16
CA ASP D 211 40.85 12.76 -22.42
C ASP D 211 40.58 12.90 -20.93
N TYR D 212 39.44 12.41 -20.43
CA TYR D 212 39.10 12.51 -19.01
C TYR D 212 38.82 11.13 -18.45
N VAL D 213 39.34 10.88 -17.24
CA VAL D 213 39.21 9.60 -16.58
C VAL D 213 38.58 9.79 -15.21
N SER D 214 37.83 8.78 -14.78
CA SER D 214 37.24 8.76 -13.45
C SER D 214 38.09 7.88 -12.53
N LEU D 215 38.32 8.35 -11.31
CA LEU D 215 39.19 7.67 -10.35
C LEU D 215 38.47 7.50 -9.02
N THR D 216 38.70 6.36 -8.39
CA THR D 216 38.13 6.06 -7.07
C THR D 216 39.13 5.21 -6.29
N SER D 217 38.77 4.87 -5.06
CA SER D 217 39.67 4.11 -4.18
C SER D 217 38.83 3.23 -3.26
N TYR D 218 38.71 1.95 -3.63
CA TYR D 218 37.97 0.98 -2.83
C TYR D 218 38.66 -0.37 -2.95
N THR D 219 38.31 -1.28 -2.04
CA THR D 219 38.95 -2.59 -1.98
C THR D 219 38.07 -3.74 -2.44
N HIS D 220 36.78 -3.52 -2.67
CA HIS D 220 35.92 -4.58 -3.19
C HIS D 220 36.15 -4.83 -4.68
N HIS D 221 37.21 -4.24 -5.24
CA HIS D 221 37.70 -4.50 -6.59
C HIS D 221 39.21 -4.42 -6.56
N PRO D 222 39.89 -5.16 -7.45
CA PRO D 222 41.36 -5.11 -7.47
C PRO D 222 41.87 -3.72 -7.81
N PHE D 223 42.99 -3.35 -7.21
CA PHE D 223 43.61 -2.07 -7.49
C PHE D 223 44.13 -2.01 -8.92
N TYR D 224 44.21 -0.78 -9.45
CA TYR D 224 44.72 -0.53 -10.80
C TYR D 224 43.87 -1.21 -11.88
N THR D 225 42.59 -1.43 -11.58
CA THR D 225 41.63 -1.93 -12.55
C THR D 225 40.46 -0.96 -12.68
N GLN D 226 39.59 -1.24 -13.64
CA GLN D 226 38.41 -0.44 -13.89
C GLN D 226 37.15 -1.20 -13.50
N PHE D 227 36.23 -0.51 -12.84
CA PHE D 227 34.94 -1.08 -12.46
C PHE D 227 33.92 0.04 -12.39
N PRO D 228 32.65 -0.26 -12.65
CA PRO D 228 31.60 0.78 -12.52
C PRO D 228 31.14 0.89 -11.07
N LEU D 229 31.11 2.11 -10.57
CA LEU D 229 30.71 2.34 -9.19
C LEU D 229 29.25 1.95 -9.00
N GLU D 230 28.98 1.18 -7.94
CA GLU D 230 27.63 0.64 -7.69
C GLU D 230 26.80 1.67 -6.93
N ILE D 231 26.47 2.76 -7.63
CA ILE D 231 25.64 3.82 -7.08
C ILE D 231 24.50 4.10 -8.04
N GLN D 232 23.39 4.59 -7.49
CA GLN D 232 22.16 4.72 -8.28
C GLN D 232 22.32 5.69 -9.44
N ASP D 233 23.07 6.78 -9.22
CA ASP D 233 23.23 7.79 -10.27
C ASP D 233 24.23 7.37 -11.34
N ASN D 234 24.90 6.24 -11.18
CA ASN D 234 25.77 5.68 -12.23
C ASN D 234 25.03 4.67 -13.09
N TRP D 235 23.78 4.97 -13.46
CA TRP D 235 22.99 4.05 -14.26
C TRP D 235 23.56 3.85 -15.66
N ARG D 236 24.38 4.78 -16.15
CA ARG D 236 25.11 4.55 -17.39
C ARG D 236 26.25 3.56 -17.21
N HIS D 237 26.58 3.21 -15.97
CA HIS D 237 27.65 2.25 -15.66
C HIS D 237 28.99 2.72 -16.23
N GLY D 238 29.29 4.01 -16.04
CA GLY D 238 30.60 4.51 -16.39
C GLY D 238 31.64 3.95 -15.44
N MET D 239 32.80 3.62 -15.99
CA MET D 239 33.84 2.94 -15.22
C MET D 239 34.78 3.94 -14.57
N SER D 240 35.46 3.49 -13.53
CA SER D 240 36.41 4.31 -12.80
C SER D 240 37.65 3.50 -12.50
N TYR D 241 38.81 4.15 -12.56
CA TYR D 241 40.07 3.49 -12.23
C TYR D 241 40.23 3.41 -10.72
N ASN D 242 40.64 2.24 -10.24
CA ASN D 242 40.78 1.97 -8.81
C ASN D 242 42.24 2.19 -8.41
N LEU D 243 42.46 3.08 -7.45
CA LEU D 243 43.79 3.40 -6.95
C LEU D 243 43.86 3.17 -5.44
N PRO D 244 45.03 2.82 -4.92
CA PRO D 244 45.21 2.83 -3.47
C PRO D 244 44.97 4.22 -2.90
N LEU D 245 44.56 4.26 -1.62
CA LEU D 245 44.10 5.52 -1.04
C LEU D 245 45.20 6.57 -1.04
N ASP D 246 46.44 6.16 -0.75
CA ASP D 246 47.54 7.13 -0.71
C ASP D 246 47.86 7.66 -2.09
N GLU D 247 47.93 6.79 -3.09
CA GLU D 247 48.13 7.24 -4.46
C GLU D 247 46.93 8.03 -4.97
N PHE D 248 45.73 7.70 -4.48
CA PHE D 248 44.54 8.44 -4.86
C PHE D 248 44.63 9.90 -4.43
N MET D 249 45.09 10.14 -3.21
CA MET D 249 45.24 11.51 -2.73
C MET D 249 46.40 12.23 -3.40
N GLU D 250 47.36 11.49 -3.96
CA GLU D 250 48.45 12.12 -4.70
C GLU D 250 47.95 12.81 -5.97
N VAL D 251 46.89 12.28 -6.58
CA VAL D 251 46.34 12.89 -7.80
C VAL D 251 45.70 14.24 -7.47
N PHE D 252 45.15 14.39 -6.27
CA PHE D 252 44.54 15.66 -5.88
C PHE D 252 45.57 16.79 -5.92
N ASP D 253 46.69 16.61 -5.20
CA ASP D 253 47.68 17.69 -5.13
C ASP D 253 48.40 17.88 -6.46
N ASN D 254 48.66 16.78 -7.17
CA ASN D 254 49.36 16.90 -8.45
C ASN D 254 48.52 17.65 -9.48
N ALA D 255 47.20 17.42 -9.48
CA ALA D 255 46.32 18.11 -10.42
C ALA D 255 46.27 19.61 -10.14
N ILE D 256 46.11 19.98 -8.87
CA ILE D 256 46.02 21.38 -8.50
C ILE D 256 47.35 22.10 -8.73
N ASN D 257 48.46 21.46 -8.34
CA ASN D 257 49.76 22.11 -8.44
C ASN D 257 50.24 22.28 -9.88
N THR D 258 49.75 21.45 -10.81
CA THR D 258 50.14 21.56 -12.21
C THR D 258 49.20 22.44 -13.02
N GLY D 259 48.11 22.91 -12.43
CA GLY D 259 47.20 23.82 -13.11
C GLY D 259 45.85 23.26 -13.50
N TYR D 260 45.46 22.09 -12.99
CA TYR D 260 44.20 21.47 -13.32
C TYR D 260 43.22 21.58 -12.17
N THR D 261 41.93 21.44 -12.49
CA THR D 261 40.86 21.36 -11.50
C THR D 261 40.31 19.94 -11.45
N ILE D 262 39.55 19.66 -10.40
CA ILE D 262 39.05 18.33 -10.13
C ILE D 262 37.53 18.38 -9.99
N ALA D 263 36.83 17.54 -10.74
CA ALA D 263 35.40 17.31 -10.53
C ALA D 263 35.25 16.37 -9.34
N TRP D 264 34.76 16.89 -8.25
CA TRP D 264 34.69 16.15 -7.04
C TRP D 264 33.36 15.70 -6.57
N GLY D 265 33.23 14.39 -6.45
CA GLY D 265 32.05 13.70 -5.97
C GLY D 265 32.26 13.16 -4.57
N SER D 266 31.49 13.66 -3.62
CA SER D 266 31.68 13.19 -2.24
C SER D 266 30.42 13.24 -1.40
N ASP D 267 30.42 12.43 -0.35
CA ASP D 267 29.28 12.41 0.55
C ASP D 267 29.43 13.59 1.49
N VAL D 268 28.40 14.41 1.57
CA VAL D 268 28.39 15.57 2.41
C VAL D 268 27.41 15.44 3.54
N SER D 269 26.86 14.27 3.74
CA SER D 269 25.91 14.03 4.81
C SER D 269 26.63 13.57 6.08
N GLU D 270 27.53 14.43 6.55
CA GLU D 270 28.30 14.21 7.76
C GLU D 270 28.14 15.42 8.66
N SER D 271 28.39 15.21 9.96
CA SER D 271 28.34 16.33 10.90
C SER D 271 29.45 17.34 10.60
N GLY D 272 30.55 16.89 10.00
CA GLY D 272 31.65 17.77 9.67
C GLY D 272 31.38 18.71 8.52
N PHE D 273 30.43 18.38 7.64
CA PHE D 273 30.13 19.25 6.51
C PHE D 273 29.16 20.31 7.02
N THR D 274 29.58 21.55 6.96
CA THR D 274 28.81 22.64 7.53
C THR D 274 28.30 23.58 6.50
N ARG D 275 27.28 24.34 6.86
CA ARG D 275 26.68 25.43 6.13
C ARG D 275 27.57 26.69 6.20
N ASP D 276 28.55 26.71 7.08
CA ASP D 276 29.47 27.80 7.25
C ASP D 276 30.65 27.78 6.28
N GLY D 277 30.68 26.84 5.35
CA GLY D 277 31.71 26.80 4.34
C GLY D 277 32.87 25.90 4.52
N VAL D 278 32.79 25.07 5.52
CA VAL D 278 33.87 24.20 5.81
C VAL D 278 33.48 22.74 5.86
N ALA D 279 34.42 21.85 5.64
CA ALA D 279 34.07 20.44 5.74
C ALA D 279 35.23 19.72 6.41
N VAL D 280 35.06 19.36 7.68
CA VAL D 280 36.14 18.78 8.46
C VAL D 280 35.75 17.39 8.92
N MET D 281 36.75 16.62 9.33
CA MET D 281 36.57 15.28 9.89
C MET D 281 37.34 15.25 11.21
N PRO D 282 36.79 15.85 12.26
CA PRO D 282 37.54 15.97 13.51
C PRO D 282 37.61 14.66 14.28
N ASP D 283 38.72 14.49 14.99
CA ASP D 283 38.92 13.34 15.86
C ASP D 283 38.45 13.67 17.27
N ASP D 284 37.73 12.72 17.88
CA ASP D 284 37.27 12.87 19.25
C ASP D 284 37.93 11.85 20.16
N LYS D 307 33.42 22.21 20.43
CA LYS D 307 33.71 23.02 19.26
C LYS D 307 34.40 22.21 18.18
N LEU D 308 33.71 21.18 17.68
CA LEU D 308 34.29 20.29 16.67
C LEU D 308 34.21 20.85 15.26
N ASN D 309 33.25 21.73 14.98
CA ASN D 309 33.04 22.25 13.64
C ASN D 309 33.23 23.76 13.53
N THR D 310 33.64 24.43 14.61
CA THR D 310 33.82 25.87 14.59
C THR D 310 35.29 26.30 14.57
N LYS D 311 36.20 25.46 15.04
CA LYS D 311 37.62 25.78 15.05
C LYS D 311 38.41 24.64 14.43
N PRO D 312 39.63 24.91 13.97
CA PRO D 312 40.52 23.82 13.52
C PRO D 312 40.82 22.85 14.65
N GLN D 313 40.66 21.55 14.36
CA GLN D 313 40.92 20.49 15.31
C GLN D 313 41.74 19.39 14.67
N PRO D 314 42.37 18.53 15.46
CA PRO D 314 43.08 17.38 14.88
C PRO D 314 42.12 16.47 14.12
N GLN D 315 42.52 16.11 12.91
CA GLN D 315 41.65 15.36 12.02
C GLN D 315 41.89 13.87 12.14
N LYS D 316 40.85 13.09 11.84
CA LYS D 316 40.94 11.64 11.82
C LYS D 316 41.30 11.21 10.40
N TRP D 317 42.44 10.56 10.25
CA TRP D 317 42.94 10.14 8.95
C TRP D 317 42.62 8.66 8.77
N CYS D 318 41.60 8.38 7.97
CA CYS D 318 41.05 7.05 7.84
C CYS D 318 42.02 6.10 7.15
N THR D 319 41.90 4.82 7.47
CA THR D 319 42.63 3.79 6.75
C THR D 319 41.89 3.43 5.47
N GLN D 320 42.51 2.57 4.67
CA GLN D 320 41.80 2.04 3.51
C GLN D 320 40.62 1.17 3.94
N ALA D 321 40.77 0.45 5.05
CA ALA D 321 39.68 -0.39 5.53
C ALA D 321 38.56 0.45 6.15
N GLU D 322 38.91 1.48 6.93
CA GLU D 322 37.89 2.34 7.51
C GLU D 322 37.12 3.08 6.43
N ARG D 323 37.80 3.49 5.35
CA ARG D 323 37.10 4.11 4.23
C ARG D 323 36.18 3.10 3.55
N GLN D 324 36.61 1.84 3.45
CA GLN D 324 35.79 0.82 2.81
C GLN D 324 34.53 0.53 3.62
N LEU D 325 34.67 0.48 4.95
CA LEU D 325 33.51 0.17 5.80
C LEU D 325 32.43 1.22 5.66
N ALA D 326 32.81 2.50 5.61
CA ALA D 326 31.83 3.57 5.49
C ALA D 326 31.07 3.49 4.16
N TYR D 327 31.74 3.03 3.10
CA TYR D 327 31.04 2.82 1.84
C TYR D 327 30.16 1.58 1.89
N ASP D 328 30.55 0.57 2.67
CA ASP D 328 29.79 -0.66 2.75
C ASP D 328 28.56 -0.53 3.65
N ASN D 329 28.63 0.28 4.70
CA ASN D 329 27.59 0.34 5.71
C ASN D 329 26.68 1.55 5.55
N TYR D 330 26.66 2.18 4.37
CA TYR D 330 25.80 3.31 4.00
C TYR D 330 26.26 4.63 4.58
N GLU D 331 27.41 4.69 5.26
CA GLU D 331 27.87 5.95 5.84
C GLU D 331 28.51 6.86 4.81
N THR D 332 28.92 6.33 3.66
CA THR D 332 29.42 7.13 2.54
C THR D 332 28.56 6.85 1.32
N THR D 333 27.79 7.85 0.90
CA THR D 333 26.88 7.73 -0.23
C THR D 333 27.15 8.84 -1.22
N ASP D 334 26.73 8.62 -2.47
CA ASP D 334 26.91 9.61 -3.52
C ASP D 334 25.92 10.76 -3.32
N ASP D 335 26.32 11.76 -2.54
CA ASP D 335 25.43 12.85 -2.17
C ASP D 335 25.56 14.07 -3.07
N HIS D 336 26.77 14.60 -3.23
CA HIS D 336 26.95 15.92 -3.81
C HIS D 336 28.13 15.90 -4.78
N GLY D 337 28.00 16.68 -5.85
CA GLY D 337 29.08 16.88 -6.80
C GLY D 337 29.57 18.31 -6.80
N MET D 338 30.88 18.50 -6.70
CA MET D 338 31.46 19.84 -6.62
C MET D 338 32.72 19.87 -7.47
N GLN D 339 33.43 21.00 -7.42
CA GLN D 339 34.69 21.18 -8.13
C GLN D 339 35.75 21.65 -7.15
N ILE D 340 36.88 20.93 -7.12
CA ILE D 340 38.04 21.31 -6.33
C ILE D 340 38.99 22.09 -7.23
N TYR D 341 39.34 23.32 -6.81
CA TYR D 341 40.18 24.18 -7.64
C TYR D 341 41.36 24.80 -6.89
N GLY D 342 41.57 24.48 -5.62
CA GLY D 342 42.67 25.11 -4.91
C GLY D 342 42.99 24.41 -3.60
N ILE D 343 44.06 24.90 -2.98
CA ILE D 343 44.55 24.39 -1.70
C ILE D 343 44.74 25.56 -0.75
N ALA D 344 44.36 25.38 0.51
CA ALA D 344 44.50 26.42 1.52
C ALA D 344 44.93 25.81 2.85
N LYS D 345 45.43 26.66 3.74
CA LYS D 345 45.88 26.24 5.06
C LYS D 345 45.18 27.05 6.15
N ASP D 346 45.08 26.44 7.33
CA ASP D 346 44.59 27.13 8.53
C ASP D 346 45.76 27.75 9.30
N GLN D 347 45.47 28.20 10.52
CA GLN D 347 46.49 28.72 11.42
C GLN D 347 47.47 27.64 11.89
N GLU D 348 47.01 26.39 12.04
CA GLU D 348 47.86 25.33 12.55
C GLU D 348 48.45 24.44 11.47
N GLY D 349 48.34 24.87 10.21
CA GLY D 349 49.04 24.19 9.14
C GLY D 349 48.32 23.03 8.49
N ASN D 350 47.11 22.70 8.94
CA ASN D 350 46.39 21.60 8.31
C ASN D 350 45.87 22.03 6.95
N GLU D 351 45.82 21.08 6.05
CA GLU D 351 45.59 21.35 4.64
C GLU D 351 44.10 21.25 4.29
N TYR D 352 43.66 22.08 3.35
CA TYR D 352 42.27 22.11 2.89
C TYR D 352 42.23 22.25 1.37
N TYR D 353 41.16 21.75 0.77
CA TYR D 353 40.89 21.95 -0.64
C TYR D 353 39.84 23.03 -0.80
N MET D 354 40.08 23.96 -1.72
CA MET D 354 39.12 25.02 -2.00
C MET D 354 38.09 24.47 -2.99
N VAL D 355 36.83 24.52 -2.61
CA VAL D 355 35.75 23.84 -3.33
C VAL D 355 34.77 24.89 -3.82
N LYS D 356 34.42 24.80 -5.10
CA LYS D 356 33.42 25.68 -5.71
C LYS D 356 32.08 24.94 -5.72
N ASN D 357 31.13 25.44 -4.94
CA ASN D 357 29.82 24.81 -4.84
C ASN D 357 28.85 25.42 -5.85
N SER D 358 27.65 24.87 -5.91
CA SER D 358 26.61 25.32 -6.83
C SER D 358 25.34 25.69 -6.07
N TRP D 359 25.48 26.25 -4.88
CA TRP D 359 24.35 26.64 -4.04
C TRP D 359 24.16 28.15 -3.95
N GLY D 360 24.67 28.89 -4.94
CA GLY D 360 24.62 30.33 -4.87
C GLY D 360 25.76 30.92 -4.08
N THR D 361 25.67 32.23 -3.85
CA THR D 361 26.72 32.97 -3.16
C THR D 361 26.30 33.45 -1.78
N ASN D 362 25.17 32.95 -1.26
CA ASN D 362 24.68 33.38 0.05
C ASN D 362 25.19 32.41 1.12
N SER D 363 26.51 32.47 1.33
CA SER D 363 27.18 31.67 2.34
C SER D 363 28.34 32.50 2.90
N LYS D 364 29.05 31.91 3.86
CA LYS D 364 30.11 32.63 4.55
C LYS D 364 31.23 33.05 3.59
N TYR D 365 31.55 32.19 2.63
CA TYR D 365 32.61 32.45 1.67
C TYR D 365 32.07 32.62 0.24
N ASN D 366 30.82 33.07 0.12
CA ASN D 366 30.18 33.34 -1.18
C ASN D 366 30.17 32.09 -2.06
N GLY D 367 29.67 31.00 -1.52
CA GLY D 367 29.52 29.79 -2.29
C GLY D 367 30.78 28.95 -2.41
N ILE D 368 31.78 29.21 -1.57
CA ILE D 368 33.06 28.50 -1.61
C ILE D 368 33.22 27.75 -0.30
N TRP D 369 33.54 26.47 -0.40
CA TRP D 369 33.77 25.62 0.77
C TRP D 369 35.23 25.22 0.88
N TYR D 370 35.69 25.07 2.12
CA TYR D 370 37.03 24.59 2.41
C TYR D 370 36.91 23.20 3.02
N ALA D 371 37.30 22.17 2.26
CA ALA D 371 37.22 20.80 2.70
C ALA D 371 38.61 20.29 3.06
N SER D 372 38.77 19.84 4.30
CA SER D 372 40.05 19.32 4.74
C SER D 372 40.39 18.05 3.97
N LYS D 373 41.69 17.82 3.82
CA LYS D 373 42.24 16.69 3.07
C LYS D 373 41.81 15.37 3.72
N ALA D 374 41.63 15.37 5.06
CA ALA D 374 41.15 14.20 5.80
C ALA D 374 39.69 13.90 5.46
N PHE D 375 38.86 14.95 5.37
CA PHE D 375 37.48 14.76 4.94
C PHE D 375 37.44 14.25 3.51
N VAL D 376 38.26 14.84 2.63
CA VAL D 376 38.29 14.41 1.23
C VAL D 376 38.79 12.98 1.12
N ARG D 377 39.79 12.62 1.93
CA ARG D 377 40.32 11.26 1.91
C ARG D 377 39.26 10.24 2.33
N TYR D 378 38.37 10.63 3.25
CA TYR D 378 37.40 9.71 3.82
C TYR D 378 36.11 9.61 3.00
N LYS D 379 35.59 10.75 2.53
CA LYS D 379 34.23 10.81 2.02
C LYS D 379 34.15 10.97 0.50
N THR D 380 35.27 10.92 -0.21
CA THR D 380 35.24 11.05 -1.66
C THR D 380 34.70 9.78 -2.30
N MET D 381 33.68 9.92 -3.14
CA MET D 381 33.17 8.79 -3.90
C MET D 381 34.01 8.53 -5.14
N ASN D 382 34.16 9.55 -5.98
CA ASN D 382 34.99 9.45 -7.18
C ASN D 382 35.34 10.85 -7.64
N ILE D 383 36.35 10.93 -8.51
CA ILE D 383 36.78 12.20 -9.09
C ILE D 383 37.01 12.00 -10.58
N VAL D 384 36.96 13.11 -11.32
CA VAL D 384 37.24 13.13 -12.75
C VAL D 384 38.25 14.24 -13.02
N VAL D 385 39.36 13.89 -13.65
CA VAL D 385 40.40 14.86 -14.02
C VAL D 385 40.89 14.56 -15.43
N HIS D 386 41.56 15.55 -16.02
CA HIS D 386 42.27 15.32 -17.27
C HIS D 386 43.39 14.30 -17.06
N LYS D 387 43.70 13.53 -18.12
CA LYS D 387 44.72 12.48 -17.99
C LYS D 387 46.04 13.06 -17.54
N ASP D 388 46.42 14.19 -18.13
CA ASP D 388 47.72 14.81 -17.86
C ASP D 388 47.81 15.41 -16.47
N ALA D 389 46.73 15.39 -15.69
CA ALA D 389 46.81 15.84 -14.30
C ALA D 389 47.32 14.75 -13.37
N LEU D 390 47.32 13.49 -13.81
CA LEU D 390 47.84 12.40 -13.01
C LEU D 390 49.38 12.41 -13.03
N PRO D 391 50.01 12.03 -11.93
CA PRO D 391 51.46 11.81 -11.96
C PRO D 391 51.83 10.71 -12.94
N LYS D 392 53.03 10.83 -13.50
CA LYS D 392 53.46 9.91 -14.56
C LYS D 392 53.54 8.48 -14.05
N ALA D 393 53.99 8.29 -12.81
CA ALA D 393 54.11 6.94 -12.27
C ALA D 393 52.74 6.31 -12.05
N ILE D 394 51.82 7.06 -11.46
CA ILE D 394 50.46 6.57 -11.25
C ILE D 394 49.79 6.29 -12.59
N LYS D 395 50.04 7.16 -13.58
CA LYS D 395 49.40 6.99 -14.88
C LYS D 395 49.88 5.73 -15.59
N ALA D 396 51.15 5.37 -15.39
CA ALA D 396 51.69 4.16 -15.99
C ALA D 396 51.09 2.91 -15.37
N LYS D 397 50.84 2.96 -14.05
CA LYS D 397 50.25 1.81 -13.36
C LYS D 397 48.84 1.51 -13.87
N LEU D 398 48.11 2.52 -14.31
CA LEU D 398 46.72 2.36 -14.76
C LEU D 398 46.60 1.99 -16.23
N GLY D 399 47.67 2.04 -17.02
CA GLY D 399 47.59 1.67 -18.42
C GLY D 399 47.16 2.77 -19.38
N ILE D 400 46.96 4.00 -18.90
CA ILE D 400 46.73 5.16 -19.76
C ILE D 400 47.83 5.29 -20.81
N LYS D 401 47.56 6.07 -21.85
CA LYS D 401 48.57 6.45 -22.83
C LYS D 401 48.87 7.94 -22.70
N GLY E 29 1.30 -32.87 -38.77
CA GLY E 29 2.25 -32.86 -37.67
C GLY E 29 3.66 -32.49 -38.10
N PHE E 30 4.60 -32.64 -37.19
CA PHE E 30 6.01 -32.35 -37.43
C PHE E 30 6.80 -33.65 -37.50
N VAL E 31 7.69 -33.74 -38.48
CA VAL E 31 8.66 -34.82 -38.57
C VAL E 31 10.02 -34.18 -38.82
N PHE E 32 10.91 -34.26 -37.83
CA PHE E 32 12.21 -33.62 -37.91
C PHE E 32 13.29 -34.63 -38.25
N THR E 33 14.26 -34.18 -39.06
CA THR E 33 15.40 -34.98 -39.44
C THR E 33 16.66 -34.17 -39.17
N THR E 34 17.59 -34.75 -38.42
CA THR E 34 18.79 -34.02 -38.02
C THR E 34 19.71 -33.83 -39.22
N VAL E 35 20.14 -32.60 -39.43
CA VAL E 35 21.17 -32.30 -40.42
C VAL E 35 22.56 -32.40 -39.80
N LYS E 36 22.74 -31.75 -38.65
CA LYS E 36 23.96 -31.87 -37.87
C LYS E 36 23.64 -31.46 -36.44
N GLU E 37 24.14 -32.24 -35.48
CA GLU E 37 24.01 -31.92 -34.06
C GLU E 37 25.28 -32.36 -33.36
N ASN E 38 25.64 -31.63 -32.31
CA ASN E 38 26.90 -31.87 -31.64
C ASN E 38 26.67 -32.50 -30.27
N PRO E 39 27.66 -33.19 -29.71
CA PRO E 39 27.45 -33.93 -28.47
C PRO E 39 27.03 -33.02 -27.31
N ILE E 40 26.05 -33.48 -26.55
CA ILE E 40 25.54 -32.79 -25.37
C ILE E 40 25.46 -33.79 -24.23
N THR E 41 25.15 -33.27 -23.04
CA THR E 41 24.99 -34.10 -21.87
C THR E 41 23.52 -34.46 -21.70
N SER E 42 23.20 -35.21 -20.65
CA SER E 42 21.81 -35.55 -20.38
C SER E 42 21.00 -34.30 -20.06
N VAL E 43 19.71 -34.37 -20.36
CA VAL E 43 18.82 -33.24 -20.07
C VAL E 43 18.54 -33.20 -18.58
N LYS E 44 18.71 -32.03 -17.97
CA LYS E 44 18.46 -31.84 -16.55
C LYS E 44 17.15 -31.10 -16.34
N ASN E 45 16.77 -30.96 -15.09
CA ASN E 45 15.56 -30.30 -14.70
C ASN E 45 15.77 -29.26 -13.62
N GLN E 46 15.55 -28.02 -13.95
CA GLN E 46 15.62 -26.92 -13.03
C GLN E 46 14.54 -26.88 -12.02
N ASN E 47 13.40 -27.45 -12.36
CA ASN E 47 12.20 -27.53 -11.56
C ASN E 47 11.62 -26.21 -11.11
N ARG E 48 11.30 -26.04 -9.85
CA ARG E 48 10.70 -24.86 -9.36
C ARG E 48 11.65 -23.82 -8.94
N ALA E 49 12.35 -23.31 -9.90
CA ALA E 49 13.34 -22.29 -9.62
C ALA E 49 13.69 -21.58 -10.92
N GLY E 50 13.99 -20.28 -10.81
CA GLY E 50 14.37 -19.50 -11.96
C GLY E 50 15.85 -19.61 -12.30
N THR E 51 16.37 -20.84 -12.29
CA THR E 51 17.79 -21.09 -12.47
C THR E 51 18.13 -21.56 -13.88
N CYS E 52 17.30 -21.23 -14.88
CA CYS E 52 17.55 -21.65 -16.25
C CYS E 52 18.88 -21.10 -16.77
N TRP E 53 19.28 -19.92 -16.29
CA TRP E 53 20.52 -19.32 -16.76
C TRP E 53 21.73 -20.18 -16.41
N CYS E 54 21.70 -20.84 -15.27
CA CYS E 54 22.84 -21.66 -14.86
C CYS E 54 22.79 -23.04 -15.49
N TYR E 55 21.60 -23.64 -15.59
CA TYR E 55 21.49 -24.96 -16.19
C TYR E 55 21.84 -24.94 -17.66
N SER E 56 21.44 -23.89 -18.38
CA SER E 56 21.79 -23.78 -19.80
C SER E 56 23.26 -23.43 -19.97
N SER E 57 23.80 -22.60 -19.08
CA SER E 57 25.22 -22.28 -19.14
C SER E 57 26.07 -23.54 -18.95
N TYR E 58 25.65 -24.41 -18.04
CA TYR E 58 26.41 -25.62 -17.78
C TYR E 58 26.15 -26.69 -18.83
N SER E 59 24.98 -26.70 -19.45
CA SER E 59 24.78 -27.52 -20.64
C SER E 59 25.72 -27.09 -21.75
N PHE E 60 25.93 -25.78 -21.88
CA PHE E 60 26.87 -25.25 -22.88
C PHE E 60 28.30 -25.57 -22.48
N LEU E 61 28.65 -25.35 -21.21
CA LEU E 61 30.02 -25.61 -20.77
C LEU E 61 30.35 -27.09 -20.79
N GLU E 62 29.37 -27.96 -20.51
CA GLU E 62 29.63 -29.40 -20.59
C GLU E 62 29.83 -29.84 -22.02
N SER E 63 29.08 -29.26 -22.96
CA SER E 63 29.32 -29.54 -24.37
C SER E 63 30.69 -29.01 -24.81
N GLU E 64 31.14 -27.91 -24.20
CA GLU E 64 32.48 -27.40 -24.51
C GLU E 64 33.55 -28.35 -24.01
N LEU E 65 33.35 -28.94 -22.84
CA LEU E 65 34.33 -29.88 -22.30
C LEU E 65 34.40 -31.15 -23.15
N LEU E 66 33.25 -31.61 -23.66
CA LEU E 66 33.26 -32.74 -24.57
C LEU E 66 33.99 -32.39 -25.86
N ARG E 67 33.76 -31.17 -26.38
CA ARG E 67 34.42 -30.74 -27.61
C ARG E 67 35.93 -30.60 -27.42
N MET E 68 36.37 -30.18 -26.25
CA MET E 68 37.78 -30.01 -25.96
C MET E 68 38.44 -31.30 -25.48
N GLY E 69 37.76 -32.44 -25.65
CA GLY E 69 38.34 -33.72 -25.28
C GLY E 69 38.55 -33.91 -23.80
N LYS E 70 37.74 -33.27 -22.96
CA LYS E 70 37.90 -33.38 -21.52
C LYS E 70 36.95 -34.38 -20.87
N GLY E 71 36.03 -34.95 -21.62
CA GLY E 71 35.13 -35.93 -21.07
C GLY E 71 33.79 -35.35 -20.66
N GLU E 72 32.98 -36.21 -20.04
CA GLU E 72 31.66 -35.83 -19.58
C GLU E 72 31.75 -35.26 -18.17
N TYR E 73 31.02 -34.17 -17.94
CA TYR E 73 30.97 -33.51 -16.65
C TYR E 73 29.52 -33.31 -16.23
N ASP E 74 29.32 -33.20 -14.93
CA ASP E 74 28.01 -32.86 -14.34
C ASP E 74 28.28 -31.76 -13.32
N LEU E 75 28.28 -30.52 -13.78
CA LEU E 75 28.63 -29.39 -12.92
C LEU E 75 27.46 -29.00 -12.01
N SER E 76 27.80 -28.58 -10.80
CA SER E 76 26.78 -28.27 -9.79
C SER E 76 26.21 -26.88 -10.06
N GLU E 77 24.95 -26.82 -10.47
CA GLU E 77 24.28 -25.54 -10.63
C GLU E 77 24.07 -24.85 -9.29
N MET E 78 23.74 -25.62 -8.25
CA MET E 78 23.42 -25.03 -6.95
C MET E 78 24.61 -24.31 -6.35
N PHE E 79 25.82 -24.75 -6.66
CA PHE E 79 27.01 -24.05 -6.16
C PHE E 79 27.11 -22.66 -6.76
N THR E 80 26.96 -22.55 -8.08
CA THR E 80 27.04 -21.25 -8.73
C THR E 80 25.81 -20.41 -8.41
N VAL E 81 24.63 -21.04 -8.34
CA VAL E 81 23.41 -20.30 -7.99
C VAL E 81 23.55 -19.69 -6.60
N TYR E 82 24.14 -20.42 -5.66
CA TYR E 82 24.34 -19.90 -4.31
C TYR E 82 25.25 -18.68 -4.33
N ASN E 83 26.40 -18.77 -5.00
CA ASN E 83 27.36 -17.68 -4.99
C ASN E 83 26.87 -16.48 -5.80
N THR E 84 26.11 -16.72 -6.87
CA THR E 84 25.59 -15.61 -7.66
C THR E 84 24.58 -14.79 -6.86
N TYR E 85 23.70 -15.45 -6.12
CA TYR E 85 22.70 -14.74 -5.33
C TYR E 85 23.37 -13.89 -4.25
N LEU E 86 24.48 -14.37 -3.69
CA LEU E 86 25.22 -13.57 -2.71
C LEU E 86 25.74 -12.29 -3.35
N ASP E 87 26.23 -12.38 -4.59
CA ASP E 87 26.70 -11.19 -5.30
C ASP E 87 25.52 -10.31 -5.73
N ARG E 88 24.39 -10.91 -6.10
CA ARG E 88 23.24 -10.13 -6.49
C ARG E 88 22.65 -9.37 -5.30
N ALA E 89 22.67 -9.99 -4.12
CA ALA E 89 22.22 -9.29 -2.92
C ALA E 89 23.12 -8.11 -2.61
N ASP E 90 24.43 -8.27 -2.81
CA ASP E 90 25.36 -7.16 -2.60
C ASP E 90 25.10 -6.04 -3.59
N ALA E 91 24.79 -6.39 -4.85
CA ALA E 91 24.48 -5.37 -5.84
C ALA E 91 23.20 -4.62 -5.48
N ALA E 92 22.19 -5.34 -4.98
CA ALA E 92 20.93 -4.70 -4.59
C ALA E 92 21.14 -3.75 -3.41
N VAL E 93 21.96 -4.16 -2.44
CA VAL E 93 22.19 -3.34 -1.26
C VAL E 93 23.03 -2.12 -1.60
N ARG E 94 24.05 -2.31 -2.45
CA ARG E 94 24.94 -1.20 -2.80
C ARG E 94 24.19 -0.14 -3.59
N THR E 95 23.28 -0.57 -4.47
CA THR E 95 22.46 0.35 -5.26
C THR E 95 21.15 0.71 -4.58
N HIS E 96 21.00 0.40 -3.29
CA HIS E 96 19.83 0.78 -2.50
C HIS E 96 18.53 0.31 -3.15
N GLY E 97 18.54 -0.91 -3.67
CA GLY E 97 17.36 -1.52 -4.23
C GLY E 97 17.19 -1.36 -5.73
N ASP E 98 18.06 -0.61 -6.40
CA ASP E 98 17.94 -0.44 -7.84
C ASP E 98 18.12 -1.78 -8.56
N VAL E 99 19.20 -2.49 -8.25
CA VAL E 99 19.36 -3.85 -8.77
C VAL E 99 18.33 -4.75 -8.11
N SER E 100 17.43 -5.32 -8.89
CA SER E 100 16.42 -6.20 -8.36
C SER E 100 17.05 -7.50 -7.88
N PHE E 101 16.52 -8.06 -6.80
CA PHE E 101 16.98 -9.33 -6.26
C PHE E 101 15.95 -10.40 -6.59
N SER E 102 16.27 -11.25 -7.56
CA SER E 102 15.36 -12.31 -7.99
C SER E 102 16.19 -13.53 -8.38
N GLN E 103 15.52 -14.56 -8.88
CA GLN E 103 16.17 -15.83 -9.17
C GLN E 103 16.90 -15.83 -10.50
N GLY E 104 16.66 -14.87 -11.37
CA GLY E 104 17.22 -14.88 -12.71
C GLY E 104 18.72 -14.66 -12.74
N GLY E 105 19.26 -14.71 -13.95
CA GLY E 105 20.69 -14.53 -14.14
C GLY E 105 21.03 -14.50 -15.62
N SER E 106 22.32 -14.62 -15.91
CA SER E 106 22.80 -14.54 -17.27
C SER E 106 23.89 -15.58 -17.50
N PHE E 107 24.30 -15.75 -18.76
CA PHE E 107 25.42 -16.62 -19.08
C PHE E 107 26.72 -16.08 -18.50
N TYR E 108 26.86 -14.75 -18.43
CA TYR E 108 28.07 -14.18 -17.86
C TYR E 108 28.18 -14.45 -16.36
N ASP E 109 27.04 -14.66 -15.69
CA ASP E 109 27.07 -15.04 -14.28
C ASP E 109 27.85 -16.32 -14.08
N ALA E 110 27.69 -17.29 -14.99
CA ALA E 110 28.43 -18.54 -14.90
C ALA E 110 29.87 -18.39 -15.35
N LEU E 111 30.12 -17.58 -16.39
CA LEU E 111 31.49 -17.34 -16.83
C LEU E 111 32.27 -16.58 -15.77
N TYR E 112 31.66 -15.56 -15.17
CA TYR E 112 32.30 -14.87 -14.06
C TYR E 112 32.42 -15.78 -12.84
N GLY E 113 31.41 -16.62 -12.62
CA GLY E 113 31.40 -17.44 -11.42
C GLY E 113 32.49 -18.51 -11.41
N MET E 114 32.72 -19.14 -12.56
CA MET E 114 33.74 -20.19 -12.62
C MET E 114 35.14 -19.63 -12.43
N GLU E 115 35.36 -18.37 -12.82
CA GLU E 115 36.66 -17.74 -12.60
C GLU E 115 36.80 -17.20 -11.19
N THR E 116 35.70 -16.81 -10.55
CA THR E 116 35.74 -16.22 -9.22
C THR E 116 35.53 -17.24 -8.11
N PHE E 117 34.48 -18.05 -8.21
CA PHE E 117 34.18 -19.04 -7.18
C PHE E 117 34.69 -20.43 -7.51
N GLY E 118 34.86 -20.74 -8.78
CA GLY E 118 35.28 -22.07 -9.20
C GLY E 118 34.12 -22.96 -9.58
N LEU E 119 34.41 -24.26 -9.62
CA LEU E 119 33.42 -25.26 -10.00
C LEU E 119 33.51 -26.44 -9.05
N VAL E 120 32.36 -27.04 -8.73
CA VAL E 120 32.31 -28.28 -7.96
C VAL E 120 31.38 -29.25 -8.69
N PRO E 121 31.56 -30.56 -8.53
CA PRO E 121 30.68 -31.52 -9.20
C PRO E 121 29.30 -31.54 -8.57
N GLU E 122 28.36 -32.13 -9.31
CA GLU E 122 26.96 -32.12 -8.90
C GLU E 122 26.77 -32.80 -7.55
N GLU E 123 27.46 -33.90 -7.31
CA GLU E 123 27.25 -34.65 -6.07
C GLU E 123 27.63 -33.87 -4.81
N GLU E 124 28.44 -32.81 -4.93
CA GLU E 124 28.81 -32.05 -3.75
C GLU E 124 27.77 -31.02 -3.34
N MET E 125 26.88 -30.63 -4.24
CA MET E 125 25.76 -29.74 -3.89
C MET E 125 24.59 -30.11 -4.79
N ARG E 126 23.70 -30.93 -4.27
CA ARG E 126 22.64 -31.37 -5.14
C ARG E 126 21.38 -30.53 -4.91
N PRO E 127 20.51 -30.39 -5.90
CA PRO E 127 19.28 -29.63 -5.68
C PRO E 127 18.32 -30.39 -4.78
N GLY E 128 17.66 -29.66 -3.89
CA GLY E 128 16.68 -30.25 -2.99
C GLY E 128 17.23 -31.07 -1.86
N MET E 129 18.56 -31.21 -1.75
CA MET E 129 19.15 -32.06 -0.71
C MET E 129 18.82 -31.58 0.70
N MET E 130 18.48 -30.30 0.87
CA MET E 130 18.26 -29.75 2.21
C MET E 130 16.81 -29.84 2.67
N TYR E 131 15.87 -30.07 1.76
CA TYR E 131 14.47 -30.25 2.13
C TYR E 131 13.93 -31.59 1.63
N ALA E 132 14.78 -32.61 1.66
CA ALA E 132 14.38 -34.00 1.39
C ALA E 132 13.77 -34.17 0.00
N ASP E 133 14.36 -33.52 -0.99
CA ASP E 133 13.95 -33.66 -2.38
C ASP E 133 15.18 -33.90 -3.26
N THR E 134 14.92 -34.12 -4.55
CA THR E 134 15.96 -34.31 -5.55
C THR E 134 15.95 -33.23 -6.62
N LEU E 135 14.93 -32.37 -6.64
CA LEU E 135 14.85 -31.26 -7.58
C LEU E 135 14.67 -29.95 -6.81
N SER E 136 14.92 -28.85 -7.50
CA SER E 136 14.92 -27.53 -6.85
C SER E 136 13.50 -27.04 -6.60
N ASN E 137 13.31 -26.40 -5.45
CA ASN E 137 12.08 -25.67 -5.14
C ASN E 137 12.49 -24.50 -4.24
N HIS E 138 12.73 -23.35 -4.86
CA HIS E 138 13.29 -22.19 -4.17
C HIS E 138 12.24 -21.12 -3.86
N THR E 139 10.96 -21.49 -3.81
CA THR E 139 9.92 -20.50 -3.53
C THR E 139 10.03 -19.98 -2.11
N GLU E 140 10.24 -20.86 -1.13
CA GLU E 140 10.39 -20.43 0.25
C GLU E 140 11.71 -19.71 0.47
N LEU E 141 12.78 -20.20 -0.16
CA LEU E 141 14.07 -19.52 -0.07
C LEU E 141 13.99 -18.11 -0.63
N SER E 142 13.30 -17.94 -1.76
CA SER E 142 13.13 -16.61 -2.32
C SER E 142 12.27 -15.73 -1.41
N ALA E 143 11.21 -16.29 -0.84
CA ALA E 143 10.33 -15.51 0.03
C ALA E 143 11.09 -14.93 1.21
N LEU E 144 12.03 -15.68 1.78
CA LEU E 144 12.81 -15.19 2.90
C LEU E 144 13.87 -14.19 2.46
N THR E 145 14.68 -14.57 1.45
CA THR E 145 15.80 -13.74 1.05
C THR E 145 15.36 -12.45 0.39
N ASP E 146 14.27 -12.48 -0.38
CA ASP E 146 13.75 -11.23 -0.95
C ASP E 146 13.39 -10.24 0.15
N ALA E 147 12.72 -10.72 1.21
CA ALA E 147 12.37 -9.85 2.31
C ALA E 147 13.61 -9.36 3.06
N MET E 148 14.63 -10.22 3.17
CA MET E 148 15.85 -9.83 3.87
C MET E 148 16.60 -8.74 3.10
N VAL E 149 16.82 -8.95 1.80
CA VAL E 149 17.53 -7.98 0.99
C VAL E 149 16.77 -6.67 0.93
N ALA E 150 15.44 -6.74 0.82
CA ALA E 150 14.64 -5.52 0.76
C ALA E 150 14.70 -4.75 2.07
N ALA E 151 14.74 -5.46 3.21
CA ALA E 151 14.83 -4.79 4.49
C ALA E 151 16.13 -4.01 4.64
N ILE E 152 17.18 -4.43 3.94
CA ILE E 152 18.46 -3.72 3.96
C ILE E 152 18.53 -2.68 2.85
N ALA E 153 18.25 -3.10 1.61
CA ALA E 153 18.45 -2.22 0.46
C ALA E 153 17.41 -1.12 0.39
N LYS E 154 16.17 -1.40 0.78
CA LYS E 154 15.07 -0.46 0.65
C LYS E 154 14.53 0.01 1.98
N GLY E 155 15.20 -0.30 3.09
CA GLY E 155 14.74 0.09 4.40
C GLY E 155 15.17 1.49 4.76
N LYS E 156 15.06 1.80 6.05
CA LYS E 156 15.45 3.10 6.57
C LYS E 156 16.70 3.02 7.46
N LEU E 157 17.41 1.91 7.43
CA LEU E 157 18.67 1.79 8.16
C LEU E 157 19.70 2.73 7.57
N ARG E 158 20.39 3.49 8.42
CA ARG E 158 21.37 4.46 7.97
C ARG E 158 22.81 4.03 8.21
N LYS E 159 23.03 2.92 8.93
CA LYS E 159 24.38 2.41 9.17
C LYS E 159 24.26 0.91 9.43
N LEU E 160 24.78 0.11 8.49
CA LEU E 160 24.71 -1.33 8.60
C LEU E 160 25.80 -1.85 9.54
N GLN E 161 25.46 -2.84 10.34
CA GLN E 161 26.35 -3.31 11.39
C GLN E 161 27.46 -4.19 10.81
N SER E 162 28.61 -4.18 11.50
CA SER E 162 29.77 -4.95 11.08
C SER E 162 30.54 -5.41 12.31
N ASP E 163 31.33 -6.45 12.15
CA ASP E 163 32.10 -7.01 13.25
C ASP E 163 33.44 -6.29 13.34
N GLU E 164 34.33 -6.78 14.21
CA GLU E 164 35.62 -6.14 14.43
C GLU E 164 36.58 -6.33 13.27
N ASN E 165 36.21 -7.13 12.26
CA ASN E 165 37.01 -7.29 11.04
C ASN E 165 36.37 -6.58 9.84
N ASN E 166 35.40 -5.69 10.10
CA ASN E 166 34.69 -4.93 9.08
C ASN E 166 33.89 -5.83 8.14
N ALA E 167 33.50 -7.01 8.59
CA ALA E 167 32.65 -7.89 7.81
C ALA E 167 31.18 -7.56 8.08
N MET E 168 30.40 -7.42 7.01
CA MET E 168 29.01 -7.02 7.15
C MET E 168 28.17 -8.16 7.72
N LEU E 169 27.37 -7.85 8.74
CA LEU E 169 26.55 -8.88 9.38
C LEU E 169 25.40 -9.32 8.50
N TRP E 170 24.81 -8.40 7.73
CA TRP E 170 23.70 -8.78 6.86
C TRP E 170 24.15 -9.76 5.78
N LYS E 171 25.41 -9.65 5.34
CA LYS E 171 25.92 -10.61 4.37
C LYS E 171 26.05 -12.00 4.99
N LYS E 172 26.42 -12.06 6.27
CA LYS E 172 26.44 -13.35 6.98
C LYS E 172 25.05 -13.95 7.07
N ALA E 173 24.04 -13.12 7.34
CA ALA E 173 22.68 -13.62 7.48
C ALA E 173 22.14 -14.14 6.15
N VAL E 174 22.36 -13.38 5.07
CA VAL E 174 21.87 -13.80 3.76
C VAL E 174 22.58 -15.08 3.31
N ALA E 175 23.88 -15.18 3.59
CA ALA E 175 24.61 -16.40 3.25
C ALA E 175 24.14 -17.58 4.08
N ALA E 176 23.86 -17.35 5.37
CA ALA E 176 23.42 -18.44 6.24
C ALA E 176 22.07 -18.99 5.79
N VAL E 177 21.13 -18.12 5.43
CA VAL E 177 19.83 -18.59 4.96
C VAL E 177 19.97 -19.33 3.64
N HIS E 178 20.85 -18.86 2.76
CA HIS E 178 21.06 -19.54 1.49
C HIS E 178 21.65 -20.93 1.67
N GLN E 179 22.56 -21.09 2.64
CA GLN E 179 23.12 -22.41 2.91
C GLN E 179 22.10 -23.37 3.50
N ILE E 180 21.16 -22.85 4.28
CA ILE E 180 20.16 -23.72 4.90
C ILE E 180 19.24 -24.33 3.84
N TYR E 181 18.99 -23.61 2.75
CA TYR E 181 18.10 -24.10 1.70
C TYR E 181 18.83 -24.71 0.52
N LEU E 182 20.09 -24.33 0.28
CA LEU E 182 20.84 -24.85 -0.86
C LEU E 182 21.98 -25.78 -0.48
N GLY E 183 22.50 -25.68 0.74
CA GLY E 183 23.61 -26.50 1.17
C GLY E 183 24.85 -25.67 1.45
N VAL E 184 25.80 -26.31 2.14
CA VAL E 184 27.06 -25.67 2.50
C VAL E 184 28.07 -25.88 1.37
N PRO E 185 28.69 -24.82 0.86
CA PRO E 185 29.70 -24.98 -0.18
C PRO E 185 30.93 -25.69 0.36
N PRO E 186 31.43 -26.71 -0.35
CA PRO E 186 32.63 -27.40 0.11
C PRO E 186 33.86 -26.55 -0.13
N GLU E 187 34.79 -26.61 0.82
CA GLU E 187 36.08 -25.97 0.65
C GLU E 187 37.11 -26.94 0.08
N LYS E 188 36.91 -28.22 0.33
CA LYS E 188 37.70 -29.30 -0.26
C LYS E 188 36.79 -30.49 -0.48
N PHE E 189 37.10 -31.28 -1.51
CA PHE E 189 36.30 -32.46 -1.82
C PHE E 189 37.14 -33.41 -2.68
N THR E 190 36.73 -34.68 -2.68
CA THR E 190 37.40 -35.71 -3.47
C THR E 190 36.51 -36.10 -4.63
N TYR E 191 37.06 -36.05 -5.84
CA TYR E 191 36.33 -36.37 -7.05
C TYR E 191 37.21 -37.25 -7.93
N LYS E 192 36.78 -38.50 -8.13
CA LYS E 192 37.47 -39.44 -9.01
C LYS E 192 38.93 -39.62 -8.59
N GLY E 193 39.15 -39.72 -7.27
CA GLY E 193 40.43 -40.09 -6.72
C GLY E 193 41.32 -38.93 -6.32
N LYS E 194 40.96 -37.69 -6.65
CA LYS E 194 41.80 -36.53 -6.38
C LYS E 194 41.06 -35.52 -5.51
N GLU E 195 41.79 -34.88 -4.60
CA GLU E 195 41.22 -33.86 -3.74
C GLU E 195 41.27 -32.51 -4.44
N TYR E 196 40.16 -31.79 -4.42
CA TYR E 196 40.03 -30.52 -5.12
C TYR E 196 39.50 -29.45 -4.19
N THR E 197 39.78 -28.22 -4.56
CA THR E 197 39.04 -27.05 -4.10
C THR E 197 38.20 -26.54 -5.26
N PRO E 198 37.13 -25.80 -4.98
CA PRO E 198 36.33 -25.23 -6.09
C PRO E 198 37.17 -24.50 -7.12
N LYS E 199 38.24 -23.83 -6.68
CA LYS E 199 39.13 -23.16 -7.62
C LYS E 199 40.02 -24.13 -8.37
N SER E 200 40.56 -25.14 -7.67
CA SER E 200 41.46 -26.09 -8.31
C SER E 200 40.71 -27.02 -9.27
N PHE E 201 39.46 -27.35 -8.95
CA PHE E 201 38.66 -28.16 -9.86
C PHE E 201 38.34 -27.41 -11.14
N PHE E 202 38.16 -26.09 -11.06
CA PHE E 202 37.93 -25.29 -12.25
C PHE E 202 39.16 -25.26 -13.15
N GLU E 203 40.35 -25.18 -12.56
CA GLU E 203 41.57 -25.18 -13.35
C GLU E 203 41.79 -26.53 -14.02
N SER E 204 41.43 -27.62 -13.33
CA SER E 204 41.47 -28.94 -13.95
C SER E 204 40.73 -28.97 -15.27
N THR E 205 39.54 -28.37 -15.32
CA THR E 205 38.73 -28.39 -16.55
C THR E 205 39.43 -27.69 -17.70
N GLY E 206 40.24 -26.68 -17.41
CA GLY E 206 40.94 -25.96 -18.45
C GLY E 206 40.13 -24.92 -19.17
N LEU E 207 38.91 -24.66 -18.74
CA LEU E 207 38.10 -23.61 -19.35
C LEU E 207 38.63 -22.24 -18.97
N LYS E 208 38.33 -21.25 -19.82
CA LYS E 208 38.72 -19.86 -19.59
C LYS E 208 37.58 -18.97 -20.06
N ALA E 209 37.16 -18.04 -19.19
CA ALA E 209 36.07 -17.14 -19.56
C ALA E 209 36.45 -16.23 -20.72
N SER E 210 37.75 -15.99 -20.92
CA SER E 210 38.19 -15.16 -22.03
C SER E 210 37.86 -15.78 -23.39
N ASP E 211 37.71 -17.11 -23.45
CA ASP E 211 37.44 -17.77 -24.72
C ASP E 211 35.99 -17.70 -25.13
N TYR E 212 35.14 -17.00 -24.38
CA TYR E 212 33.72 -16.94 -24.69
C TYR E 212 33.27 -15.49 -24.81
N VAL E 213 32.46 -15.21 -25.83
CA VAL E 213 31.98 -13.87 -26.11
C VAL E 213 30.46 -13.89 -26.15
N SER E 214 29.86 -12.77 -25.77
CA SER E 214 28.42 -12.58 -25.84
C SER E 214 28.09 -11.77 -27.08
N LEU E 215 27.04 -12.19 -27.79
CA LEU E 215 26.65 -11.57 -29.06
C LEU E 215 25.18 -11.20 -29.02
N THR E 216 24.86 -10.06 -29.61
CA THR E 216 23.48 -9.60 -29.71
C THR E 216 23.31 -8.86 -31.02
N SER E 217 22.09 -8.40 -31.30
CA SER E 217 21.80 -7.72 -32.56
C SER E 217 20.69 -6.71 -32.30
N TYR E 218 21.08 -5.45 -32.11
CA TYR E 218 20.11 -4.38 -31.90
C TYR E 218 20.65 -3.09 -32.52
N THR E 219 19.76 -2.12 -32.69
CA THR E 219 20.10 -0.87 -33.37
C THR E 219 20.21 0.34 -32.44
N HIS E 220 19.80 0.22 -31.18
CA HIS E 220 19.96 1.34 -30.25
C HIS E 220 21.40 1.49 -29.78
N HIS E 221 22.33 0.79 -30.40
CA HIS E 221 23.78 0.93 -30.22
C HIS E 221 24.44 0.70 -31.58
N PRO E 222 25.59 1.31 -31.82
CA PRO E 222 26.28 1.11 -33.10
C PRO E 222 26.69 -0.34 -33.28
N PHE E 223 26.66 -0.79 -34.53
CA PHE E 223 27.06 -2.16 -34.85
C PHE E 223 28.57 -2.32 -34.62
N TYR E 224 28.97 -3.57 -34.37
CA TYR E 224 30.38 -3.93 -34.18
C TYR E 224 30.99 -3.24 -32.95
N THR E 225 30.17 -2.90 -31.97
CA THR E 225 30.63 -2.37 -30.70
C THR E 225 30.14 -3.25 -29.56
N GLN E 226 30.62 -2.96 -28.36
CA GLN E 226 30.22 -3.67 -27.15
C GLN E 226 29.38 -2.76 -26.27
N PHE E 227 28.30 -3.31 -25.72
CA PHE E 227 27.45 -2.60 -24.78
C PHE E 227 26.81 -3.61 -23.85
N PRO E 228 26.50 -3.23 -22.62
CA PRO E 228 25.80 -4.16 -21.72
C PRO E 228 24.30 -4.11 -21.98
N LEU E 229 23.70 -5.29 -22.15
CA LEU E 229 22.27 -5.36 -22.43
C LEU E 229 21.47 -4.84 -21.24
N GLU E 230 20.51 -3.96 -21.53
CA GLU E 230 19.73 -3.30 -20.50
C GLU E 230 18.57 -4.20 -20.07
N ILE E 231 18.94 -5.29 -19.39
CA ILE E 231 17.99 -6.27 -18.88
C ILE E 231 18.29 -6.50 -17.41
N GLN E 232 17.25 -6.89 -16.66
CA GLN E 232 17.36 -6.96 -15.20
C GLN E 232 18.37 -7.99 -14.76
N ASP E 233 18.43 -9.13 -15.43
CA ASP E 233 19.35 -10.19 -15.01
C ASP E 233 20.80 -9.93 -15.40
N ASN E 234 21.06 -8.87 -16.14
CA ASN E 234 22.43 -8.44 -16.44
C ASN E 234 22.93 -7.40 -15.45
N TRP E 235 22.64 -7.60 -14.16
CA TRP E 235 23.06 -6.64 -13.14
C TRP E 235 24.58 -6.58 -13.01
N ARG E 236 25.31 -7.60 -13.47
CA ARG E 236 26.75 -7.51 -13.56
C ARG E 236 27.21 -6.61 -14.71
N HIS E 237 26.30 -6.22 -15.59
CA HIS E 237 26.60 -5.35 -16.73
C HIS E 237 27.67 -5.96 -17.63
N GLY E 238 27.53 -7.25 -17.92
CA GLY E 238 28.40 -7.89 -18.89
C GLY E 238 28.12 -7.40 -20.29
N MET E 239 29.19 -7.28 -21.09
CA MET E 239 29.09 -6.72 -22.42
C MET E 239 28.74 -7.79 -23.45
N SER E 240 28.18 -7.32 -24.57
CA SER E 240 27.82 -8.16 -25.70
C SER E 240 28.24 -7.45 -26.97
N TYR E 241 28.75 -8.20 -27.94
CA TYR E 241 29.10 -7.64 -29.23
C TYR E 241 27.84 -7.49 -30.08
N ASN E 242 27.70 -6.34 -30.73
CA ASN E 242 26.53 -6.03 -31.53
C ASN E 242 26.83 -6.34 -32.99
N LEU E 243 26.02 -7.21 -33.59
CA LEU E 243 26.18 -7.59 -34.98
C LEU E 243 24.89 -7.31 -35.75
N PRO E 244 24.97 -7.04 -37.05
CA PRO E 244 23.76 -6.98 -37.87
C PRO E 244 23.04 -8.32 -37.84
N LEU E 245 21.72 -8.27 -38.06
CA LEU E 245 20.90 -9.46 -37.84
C LEU E 245 21.32 -10.61 -38.74
N ASP E 246 21.67 -10.32 -39.99
CA ASP E 246 22.07 -11.38 -40.92
C ASP E 246 23.41 -11.97 -40.52
N GLU E 247 24.38 -11.13 -40.17
CA GLU E 247 25.66 -11.62 -39.67
C GLU E 247 25.49 -12.30 -38.32
N PHE E 248 24.53 -11.86 -37.52
CA PHE E 248 24.26 -12.50 -36.24
C PHE E 248 23.81 -13.95 -36.42
N MET E 249 22.90 -14.18 -37.38
CA MET E 249 22.45 -15.53 -37.66
C MET E 249 23.54 -16.36 -38.34
N GLU E 250 24.54 -15.72 -38.93
CA GLU E 250 25.65 -16.46 -39.52
C GLU E 250 26.45 -17.21 -38.46
N VAL E 251 26.52 -16.66 -37.24
CA VAL E 251 27.25 -17.33 -36.17
C VAL E 251 26.54 -18.59 -35.73
N PHE E 252 25.21 -18.60 -35.80
CA PHE E 252 24.44 -19.79 -35.42
C PHE E 252 24.82 -20.99 -36.28
N ASP E 253 24.74 -20.85 -37.60
CA ASP E 253 25.03 -21.98 -38.48
C ASP E 253 26.51 -22.31 -38.48
N ASN E 254 27.38 -21.31 -38.43
CA ASN E 254 28.82 -21.57 -38.45
C ASN E 254 29.26 -22.30 -37.19
N ALA E 255 28.69 -21.94 -36.03
CA ALA E 255 29.06 -22.62 -34.79
C ALA E 255 28.62 -24.07 -34.81
N ILE E 256 27.39 -24.33 -35.25
CA ILE E 256 26.89 -25.71 -35.28
C ILE E 256 27.65 -26.53 -36.32
N ASN E 257 27.88 -25.95 -37.50
CA ASN E 257 28.54 -26.68 -38.58
C ASN E 257 30.01 -26.94 -38.30
N THR E 258 30.65 -26.13 -37.46
CA THR E 258 32.05 -26.32 -37.13
C THR E 258 32.25 -27.18 -35.89
N GLY E 259 31.18 -27.56 -35.21
CA GLY E 259 31.26 -28.43 -34.06
C GLY E 259 31.03 -27.78 -32.71
N TYR E 260 30.54 -26.55 -32.67
CA TYR E 260 30.33 -25.84 -31.41
C TYR E 260 28.85 -25.79 -31.08
N THR E 261 28.56 -25.55 -29.80
CA THR E 261 27.21 -25.32 -29.32
C THR E 261 27.05 -23.87 -28.92
N ILE E 262 25.80 -23.45 -28.74
CA ILE E 262 25.46 -22.06 -28.47
C ILE E 262 24.62 -21.99 -27.20
N ALA E 263 25.05 -21.13 -26.27
CA ALA E 263 24.23 -20.77 -25.12
C ALA E 263 23.20 -19.75 -25.60
N TRP E 264 21.93 -20.15 -25.61
CA TRP E 264 20.87 -19.40 -26.28
C TRP E 264 19.96 -18.76 -25.24
N GLY E 265 20.02 -17.45 -25.12
CA GLY E 265 19.09 -16.68 -24.31
C GLY E 265 18.08 -16.00 -25.21
N SER E 266 16.80 -16.27 -24.94
CA SER E 266 15.76 -15.85 -25.87
C SER E 266 14.44 -15.61 -25.13
N ASP E 267 13.54 -14.93 -25.83
CA ASP E 267 12.16 -14.77 -25.37
C ASP E 267 11.38 -16.03 -25.72
N VAL E 268 10.66 -16.58 -24.73
CA VAL E 268 9.80 -17.74 -24.95
C VAL E 268 8.35 -17.44 -24.63
N SER E 269 8.01 -16.18 -24.36
CA SER E 269 6.64 -15.78 -24.07
C SER E 269 5.91 -15.37 -25.35
N GLU E 270 5.85 -16.32 -26.28
CA GLU E 270 5.17 -16.16 -27.55
C GLU E 270 4.19 -17.31 -27.74
N SER E 271 3.18 -17.07 -28.58
CA SER E 271 2.23 -18.12 -28.91
C SER E 271 2.90 -19.27 -29.67
N GLY E 272 3.96 -18.96 -30.41
CA GLY E 272 4.66 -19.98 -31.17
C GLY E 272 5.47 -20.94 -30.32
N PHE E 273 5.88 -20.52 -29.12
CA PHE E 273 6.66 -21.38 -28.24
C PHE E 273 5.69 -22.27 -27.48
N THR E 274 5.65 -23.55 -27.82
CA THR E 274 4.68 -24.49 -27.27
C THR E 274 5.36 -25.45 -26.30
N ARG E 275 4.54 -26.04 -25.43
CA ARG E 275 4.99 -27.09 -24.54
C ARG E 275 5.18 -28.42 -25.26
N ASP E 276 4.89 -28.48 -26.55
CA ASP E 276 5.01 -29.70 -27.34
C ASP E 276 6.42 -29.93 -27.87
N GLY E 277 7.35 -29.00 -27.65
CA GLY E 277 8.70 -29.13 -28.13
C GLY E 277 9.00 -28.39 -29.41
N VAL E 278 8.12 -27.47 -29.83
CA VAL E 278 8.33 -26.67 -31.03
C VAL E 278 8.26 -25.20 -30.65
N ALA E 279 9.04 -24.39 -31.37
CA ALA E 279 9.04 -22.94 -31.20
C ALA E 279 9.05 -22.32 -32.61
N VAL E 280 7.91 -21.82 -33.04
CA VAL E 280 7.75 -21.31 -34.40
C VAL E 280 7.34 -19.83 -34.34
N MET E 281 7.49 -19.18 -35.49
CA MET E 281 7.09 -17.78 -35.67
C MET E 281 6.22 -17.72 -36.92
N PRO E 282 4.97 -18.15 -36.82
CA PRO E 282 4.11 -18.22 -38.02
C PRO E 282 3.62 -16.86 -38.46
N ASP E 283 3.43 -16.74 -39.78
CA ASP E 283 2.86 -15.54 -40.37
C ASP E 283 1.35 -15.71 -40.41
N ASP E 284 0.64 -14.95 -39.58
CA ASP E 284 -0.80 -15.12 -39.45
C ASP E 284 -1.52 -14.82 -40.76
N GLU E 285 -1.08 -13.78 -41.48
CA GLU E 285 -1.76 -13.39 -42.70
C GLU E 285 -1.66 -14.48 -43.76
N LYS E 286 -0.48 -15.11 -43.89
CA LYS E 286 -0.31 -16.15 -44.89
C LYS E 286 -1.06 -17.42 -44.50
N VAL E 287 -1.07 -17.78 -43.22
CA VAL E 287 -1.77 -18.98 -42.79
C VAL E 287 -3.28 -18.81 -42.99
N GLN E 288 -3.80 -17.60 -42.78
CA GLN E 288 -5.22 -17.38 -43.03
C GLN E 288 -5.51 -17.18 -44.51
N GLU E 289 -4.51 -16.78 -45.28
CA GLU E 289 -4.65 -16.78 -46.74
C GLU E 289 -4.71 -18.21 -47.28
N LEU E 290 -3.77 -19.05 -46.86
CA LEU E 290 -3.80 -20.46 -47.25
C LEU E 290 -4.97 -21.20 -46.61
N SER E 291 -5.55 -20.65 -45.55
CA SER E 291 -6.78 -21.20 -45.00
C SER E 291 -7.93 -20.94 -45.97
N GLY E 292 -8.93 -21.82 -45.92
CA GLY E 292 -10.13 -21.61 -46.71
C GLY E 292 -11.01 -20.49 -46.20
N SER E 293 -10.83 -20.09 -44.94
CA SER E 293 -11.67 -19.08 -44.34
C SER E 293 -11.14 -17.67 -44.67
N ASP E 294 -12.01 -16.69 -44.49
CA ASP E 294 -11.66 -15.30 -44.72
C ASP E 294 -10.97 -14.73 -43.47
N MET E 295 -10.74 -13.42 -43.46
CA MET E 295 -10.15 -12.78 -42.29
C MET E 295 -11.08 -12.79 -41.10
N ALA E 296 -12.38 -12.88 -41.31
CA ALA E 296 -13.36 -12.93 -40.22
C ALA E 296 -13.41 -14.31 -39.60
N GLU E 304 -6.97 -23.07 -32.02
CA GLU E 304 -7.06 -24.53 -31.97
C GLU E 304 -7.27 -25.10 -33.37
N GLU E 305 -8.30 -24.61 -34.07
CA GLU E 305 -8.57 -25.05 -35.43
C GLU E 305 -7.70 -24.34 -36.47
N LYS E 306 -7.02 -23.26 -36.08
CA LYS E 306 -6.15 -22.57 -37.03
C LYS E 306 -4.90 -23.37 -37.34
N LYS E 307 -4.48 -24.23 -36.41
CA LYS E 307 -3.31 -25.10 -36.59
C LYS E 307 -2.05 -24.28 -36.89
N LEU E 308 -1.80 -23.28 -36.05
CA LEU E 308 -0.71 -22.34 -36.30
C LEU E 308 0.63 -22.91 -35.87
N ASN E 309 0.59 -23.65 -34.78
CA ASN E 309 1.75 -24.23 -34.20
C ASN E 309 1.85 -25.71 -34.26
N THR E 310 0.92 -26.38 -34.93
CA THR E 310 0.95 -27.83 -34.93
C THR E 310 1.54 -28.48 -36.15
N LYS E 311 1.67 -27.73 -37.19
CA LYS E 311 2.31 -28.18 -38.41
C LYS E 311 3.17 -27.12 -39.00
N PRO E 312 4.01 -27.48 -39.94
CA PRO E 312 4.86 -26.48 -40.57
C PRO E 312 4.03 -25.47 -41.30
N GLN E 313 4.36 -24.22 -41.12
CA GLN E 313 3.69 -23.10 -41.76
C GLN E 313 4.67 -22.10 -42.22
N PRO E 314 4.23 -21.26 -43.13
CA PRO E 314 5.12 -20.16 -43.57
C PRO E 314 5.43 -19.24 -42.41
N GLN E 315 6.71 -18.95 -42.24
CA GLN E 315 7.20 -18.17 -41.10
C GLN E 315 7.37 -16.71 -41.46
N LYS E 316 7.31 -15.87 -40.43
CA LYS E 316 7.52 -14.43 -40.57
C LYS E 316 9.00 -14.14 -40.38
N TRP E 317 9.66 -13.69 -41.44
CA TRP E 317 11.08 -13.39 -41.42
CA TRP E 317 11.09 -13.39 -41.44
C TRP E 317 11.26 -11.92 -41.12
N CYS E 318 11.43 -11.61 -39.84
CA CYS E 318 11.45 -10.23 -39.36
C CYS E 318 12.64 -9.45 -39.91
N THR E 319 12.44 -8.14 -40.04
CA THR E 319 13.53 -7.23 -40.37
C THR E 319 14.28 -6.84 -39.10
N GLN E 320 15.37 -6.08 -39.29
CA GLN E 320 16.09 -5.54 -38.13
C GLN E 320 15.24 -4.54 -37.37
N ALA E 321 14.39 -3.77 -38.06
CA ALA E 321 13.55 -2.81 -37.37
C ALA E 321 12.43 -3.50 -36.60
N GLU E 322 11.82 -4.52 -37.21
CA GLU E 322 10.77 -5.27 -36.51
C GLU E 322 11.32 -5.96 -35.28
N ARG E 323 12.55 -6.47 -35.35
CA ARG E 323 13.18 -7.07 -34.18
C ARG E 323 13.46 -6.02 -33.10
N GLN E 324 13.86 -4.81 -33.52
CA GLN E 324 14.15 -3.75 -32.55
C GLN E 324 12.88 -3.29 -31.86
N LEU E 325 11.77 -3.18 -32.60
CA LEU E 325 10.52 -2.71 -32.01
C LEU E 325 10.05 -3.65 -30.92
N ALA E 326 10.15 -4.97 -31.15
CA ALA E 326 9.70 -5.94 -30.16
C ALA E 326 10.52 -5.85 -28.88
N TYR E 327 11.81 -5.53 -28.99
CA TYR E 327 12.62 -5.32 -27.80
C TYR E 327 12.29 -3.99 -27.12
N ASP E 328 11.88 -2.99 -27.90
CA ASP E 328 11.57 -1.69 -27.34
C ASP E 328 10.19 -1.65 -26.68
N ASN E 329 9.22 -2.42 -27.20
CA ASN E 329 7.85 -2.34 -26.74
C ASN E 329 7.47 -3.49 -25.81
N TYR E 330 8.46 -4.17 -25.24
CA TYR E 330 8.32 -5.26 -24.26
C TYR E 330 7.89 -6.58 -24.87
N GLU E 331 7.79 -6.69 -26.20
CA GLU E 331 7.36 -7.94 -26.81
C GLU E 331 8.48 -8.98 -26.88
N THR E 332 9.74 -8.56 -26.74
CA THR E 332 10.87 -9.49 -26.63
C THR E 332 11.59 -9.19 -25.32
N THR E 333 11.52 -10.12 -24.38
CA THR E 333 12.12 -9.96 -23.06
C THR E 333 13.04 -11.13 -22.76
N ASP E 334 13.98 -10.91 -21.86
CA ASP E 334 14.95 -11.92 -21.45
C ASP E 334 14.24 -12.91 -20.53
N ASP E 335 13.63 -13.93 -21.12
CA ASP E 335 12.80 -14.89 -20.40
C ASP E 335 13.54 -16.16 -20.01
N HIS E 336 14.16 -16.84 -20.97
CA HIS E 336 14.63 -18.20 -20.79
C HIS E 336 16.01 -18.36 -21.40
N GLY E 337 16.82 -19.20 -20.75
CA GLY E 337 18.14 -19.56 -21.26
C GLY E 337 18.17 -21.04 -21.61
N MET E 338 18.64 -21.33 -22.82
CA MET E 338 18.69 -22.69 -23.33
C MET E 338 20.01 -22.90 -24.06
N GLN E 339 20.16 -24.07 -24.68
CA GLN E 339 21.34 -24.38 -25.47
C GLN E 339 20.93 -24.86 -26.84
N ILE E 340 21.47 -24.22 -27.87
CA ILE E 340 21.31 -24.66 -29.26
C ILE E 340 22.52 -25.50 -29.60
N TYR E 341 22.28 -26.74 -30.02
CA TYR E 341 23.37 -27.67 -30.28
C TYR E 341 23.31 -28.36 -31.64
N GLY E 342 22.33 -28.02 -32.47
CA GLY E 342 22.25 -28.69 -33.76
C GLY E 342 21.29 -27.98 -34.67
N ILE E 343 21.24 -28.45 -35.91
CA ILE E 343 20.35 -27.93 -36.94
C ILE E 343 19.57 -29.09 -37.53
N ALA E 344 18.28 -28.88 -37.74
CA ALA E 344 17.45 -29.94 -38.30
C ALA E 344 16.42 -29.33 -39.26
N LYS E 345 15.87 -30.16 -40.13
CA LYS E 345 14.82 -29.73 -41.02
C LYS E 345 13.62 -30.65 -40.89
N ASP E 346 12.45 -30.12 -41.28
CA ASP E 346 11.19 -30.85 -41.23
C ASP E 346 10.96 -31.66 -42.50
N GLN E 347 9.72 -32.14 -42.65
CA GLN E 347 9.31 -32.81 -43.88
C GLN E 347 9.35 -31.86 -45.07
N GLU E 348 9.10 -30.58 -44.84
CA GLU E 348 9.00 -29.59 -45.91
C GLU E 348 10.28 -28.76 -46.07
N GLY E 349 11.38 -29.14 -45.41
CA GLY E 349 12.66 -28.53 -45.69
C GLY E 349 12.99 -27.28 -44.90
N ASN E 350 12.12 -26.82 -44.02
CA ASN E 350 12.39 -25.62 -43.24
C ASN E 350 13.45 -25.90 -42.18
N GLU E 351 14.25 -24.89 -41.86
CA GLU E 351 15.36 -25.10 -40.95
C GLU E 351 14.92 -24.84 -39.52
N TYR E 352 15.50 -25.62 -38.60
CA TYR E 352 15.23 -25.49 -37.18
C TYR E 352 16.54 -25.62 -36.42
N TYR E 353 16.60 -25.01 -35.24
CA TYR E 353 17.70 -25.20 -34.33
C TYR E 353 17.27 -26.18 -33.26
N MET E 354 18.11 -27.17 -32.99
CA MET E 354 17.80 -28.15 -31.96
C MET E 354 18.21 -27.59 -30.60
N VAL E 355 17.25 -27.53 -29.69
CA VAL E 355 17.40 -26.79 -28.43
C VAL E 355 17.31 -27.79 -27.28
N LYS E 356 18.28 -27.74 -26.38
CA LYS E 356 18.28 -28.56 -25.17
C LYS E 356 17.75 -27.72 -24.02
N ASN E 357 16.58 -28.08 -23.50
CA ASN E 357 15.96 -27.35 -22.42
C ASN E 357 16.37 -27.96 -21.07
N SER E 358 15.91 -27.33 -19.99
CA SER E 358 16.22 -27.77 -18.64
C SER E 358 14.94 -27.99 -17.84
N TRP E 359 13.91 -28.52 -18.51
CA TRP E 359 12.61 -28.75 -17.89
C TRP E 359 12.33 -30.25 -17.70
N GLY E 360 13.38 -31.07 -17.67
CA GLY E 360 13.18 -32.50 -17.60
C GLY E 360 12.96 -33.10 -18.97
N THR E 361 12.63 -34.39 -18.97
CA THR E 361 12.45 -35.16 -20.19
C THR E 361 11.00 -35.56 -20.43
N ASN E 362 10.05 -34.99 -19.70
CA ASN E 362 8.64 -35.36 -19.85
C ASN E 362 7.99 -34.40 -20.85
N SER E 363 8.43 -34.52 -22.10
CA SER E 363 7.89 -33.77 -23.21
C SER E 363 7.95 -34.65 -24.45
N LYS E 364 7.45 -34.13 -25.57
CA LYS E 364 7.32 -34.94 -26.77
C LYS E 364 8.68 -35.43 -27.28
N TYR E 365 9.72 -34.61 -27.17
CA TYR E 365 11.06 -34.96 -27.61
C TYR E 365 12.02 -35.13 -26.44
N ASN E 366 11.49 -35.49 -25.27
CA ASN E 366 12.28 -35.75 -24.06
C ASN E 366 13.17 -34.55 -23.70
N GLY E 367 12.54 -33.38 -23.59
CA GLY E 367 13.26 -32.20 -23.17
C GLY E 367 14.03 -31.50 -24.26
N ILE E 368 13.74 -31.80 -25.53
CA ILE E 368 14.42 -31.21 -26.67
C ILE E 368 13.40 -30.41 -27.47
N TRP E 369 13.73 -29.18 -27.80
CA TRP E 369 12.86 -28.31 -28.58
C TRP E 369 13.47 -28.03 -29.96
N TYR E 370 12.57 -27.86 -30.93
CA TYR E 370 12.95 -27.48 -32.29
C TYR E 370 12.46 -26.06 -32.52
N ALA E 371 13.40 -25.11 -32.59
CA ALA E 371 13.07 -23.71 -32.79
C ALA E 371 13.39 -23.32 -34.23
N SER E 372 12.38 -22.84 -34.95
CA SER E 372 12.58 -22.40 -36.33
C SER E 372 13.52 -21.20 -36.35
N LYS E 373 14.25 -21.07 -37.46
CA LYS E 373 15.20 -19.97 -37.59
C LYS E 373 14.51 -18.62 -37.59
N ALA E 374 13.26 -18.56 -38.04
CA ALA E 374 12.52 -17.30 -37.96
C ALA E 374 12.24 -16.91 -36.52
N PHE E 375 11.90 -17.89 -35.68
CA PHE E 375 11.70 -17.62 -34.26
C PHE E 375 13.00 -17.19 -33.60
N VAL E 376 14.10 -17.89 -33.89
CA VAL E 376 15.39 -17.55 -33.30
C VAL E 376 15.86 -16.18 -33.78
N ARG E 377 15.64 -15.88 -35.06
CA ARG E 377 16.02 -14.58 -35.60
C ARG E 377 15.24 -13.45 -34.94
N TYR E 378 13.99 -13.70 -34.55
CA TYR E 378 13.10 -12.68 -34.03
C TYR E 378 13.23 -12.50 -32.52
N LYS E 379 13.33 -13.59 -31.75
CA LYS E 379 13.14 -13.54 -30.31
C LYS E 379 14.42 -13.75 -29.52
N THR E 380 15.57 -13.85 -30.18
CA THR E 380 16.83 -14.05 -29.46
C THR E 380 17.27 -12.77 -28.78
N MET E 381 17.53 -12.84 -27.48
CA MET E 381 18.08 -11.70 -26.76
C MET E 381 19.60 -11.61 -26.94
N ASN E 382 20.30 -12.69 -26.60
CA ASN E 382 21.74 -12.75 -26.79
C ASN E 382 22.18 -14.20 -26.80
N ILE E 383 23.41 -14.44 -27.27
CA ILE E 383 24.01 -15.76 -27.29
C ILE E 383 25.44 -15.66 -26.79
N VAL E 384 25.96 -16.81 -26.36
CA VAL E 384 27.35 -16.93 -25.93
C VAL E 384 27.96 -18.13 -26.65
N VAL E 385 29.09 -17.90 -27.32
CA VAL E 385 29.80 -18.95 -28.04
C VAL E 385 31.29 -18.79 -27.80
N HIS E 386 32.04 -19.87 -28.07
CA HIS E 386 33.48 -19.79 -28.12
C HIS E 386 33.92 -18.86 -29.25
N LYS E 387 35.05 -18.19 -29.04
CA LYS E 387 35.55 -17.25 -30.05
C LYS E 387 35.77 -17.95 -31.38
N ASP E 388 36.35 -19.17 -31.34
CA ASP E 388 36.68 -19.92 -32.54
C ASP E 388 35.46 -20.43 -33.29
N ALA E 389 34.25 -20.23 -32.74
CA ALA E 389 33.03 -20.55 -33.47
C ALA E 389 32.60 -19.44 -34.42
N LEU E 390 33.17 -18.24 -34.26
CA LEU E 390 32.86 -17.11 -35.13
C LEU E 390 33.53 -17.27 -36.48
N PRO E 391 32.88 -16.85 -37.57
CA PRO E 391 33.56 -16.76 -38.86
C PRO E 391 34.70 -15.75 -38.78
N LYS E 392 35.73 -15.98 -39.61
CA LYS E 392 36.92 -15.13 -39.55
C LYS E 392 36.58 -13.69 -39.91
N ALA E 393 35.68 -13.49 -40.86
CA ALA E 393 35.31 -12.13 -41.25
C ALA E 393 34.54 -11.43 -40.14
N ILE E 394 33.57 -12.11 -39.53
CA ILE E 394 32.85 -11.55 -38.40
C ILE E 394 33.80 -11.29 -37.24
N LYS E 395 34.78 -12.17 -37.04
CA LYS E 395 35.74 -12.00 -35.95
C LYS E 395 36.62 -10.78 -36.19
N ALA E 396 36.95 -10.50 -37.46
CA ALA E 396 37.77 -9.33 -37.77
C ALA E 396 36.99 -8.03 -37.57
N LYS E 397 35.69 -8.02 -37.91
CA LYS E 397 34.90 -6.81 -37.76
C LYS E 397 34.77 -6.40 -36.30
N LEU E 398 34.71 -7.38 -35.39
CA LEU E 398 34.58 -7.11 -33.96
C LEU E 398 35.91 -6.91 -33.26
N GLY E 399 37.03 -7.25 -33.90
CA GLY E 399 38.34 -7.07 -33.32
C GLY E 399 38.82 -8.18 -32.41
N ILE E 400 38.03 -9.24 -32.20
CA ILE E 400 38.54 -10.40 -31.47
C ILE E 400 39.82 -10.92 -32.13
N LYS E 401 40.79 -11.28 -31.31
CA LYS E 401 42.01 -11.90 -31.81
C LYS E 401 41.88 -13.42 -31.74
N GLY F 29 12.17 21.68 44.19
CA GLY F 29 12.68 20.41 43.72
C GLY F 29 12.26 19.24 44.58
N PHE F 30 12.86 18.08 44.32
CA PHE F 30 12.56 16.86 45.06
C PHE F 30 13.75 16.51 45.95
N VAL F 31 13.45 16.12 47.20
CA VAL F 31 14.46 15.58 48.10
C VAL F 31 13.88 14.29 48.68
N PHE F 32 14.45 13.15 48.30
CA PHE F 32 13.93 11.86 48.71
C PHE F 32 14.74 11.29 49.86
N THR F 33 14.06 10.61 50.77
CA THR F 33 14.68 9.93 51.90
C THR F 33 14.17 8.50 51.93
N THR F 34 15.09 7.55 51.94
CA THR F 34 14.71 6.14 51.89
C THR F 34 14.08 5.72 53.20
N VAL F 35 12.91 5.08 53.10
CA VAL F 35 12.28 4.46 54.28
C VAL F 35 12.74 3.02 54.44
N LYS F 36 12.67 2.24 53.36
CA LYS F 36 13.20 0.89 53.34
C LYS F 36 13.44 0.49 51.90
N GLU F 37 14.59 -0.13 51.63
CA GLU F 37 14.92 -0.65 50.32
C GLU F 37 15.71 -1.93 50.49
N ASN F 38 15.57 -2.84 49.54
CA ASN F 38 16.18 -4.15 49.64
C ASN F 38 17.34 -4.28 48.66
N PRO F 39 18.28 -5.20 48.92
CA PRO F 39 19.48 -5.26 48.08
C PRO F 39 19.15 -5.56 46.62
N ILE F 40 19.83 -4.85 45.73
CA ILE F 40 19.70 -5.02 44.29
C ILE F 40 21.09 -5.12 43.68
N THR F 41 21.12 -5.42 42.37
CA THR F 41 22.37 -5.50 41.65
C THR F 41 22.65 -4.16 40.99
N SER F 42 23.77 -4.08 40.26
CA SER F 42 24.12 -2.86 39.55
C SER F 42 23.08 -2.57 38.47
N VAL F 43 22.93 -1.28 38.15
CA VAL F 43 22.00 -0.87 37.11
C VAL F 43 22.59 -1.21 35.75
N LYS F 44 21.80 -1.88 34.92
CA LYS F 44 22.22 -2.26 33.58
C LYS F 44 21.56 -1.35 32.55
N ASN F 45 21.91 -1.57 31.28
CA ASN F 45 21.48 -0.71 30.19
C ASN F 45 21.02 -1.59 29.03
N GLN F 46 19.74 -1.63 28.77
CA GLN F 46 19.14 -2.35 27.68
C GLN F 46 19.49 -1.76 26.34
N ASN F 47 19.79 -0.48 26.33
CA ASN F 47 20.16 0.31 25.18
C ASN F 47 19.14 0.33 24.08
N ARG F 48 19.52 0.11 22.85
CA ARG F 48 18.67 0.15 21.70
C ARG F 48 18.01 -1.13 21.41
N ALA F 49 17.16 -1.52 22.30
CA ALA F 49 16.44 -2.78 22.15
C ALA F 49 15.26 -2.79 23.08
N GLY F 50 14.17 -3.42 22.65
CA GLY F 50 12.97 -3.53 23.46
C GLY F 50 13.02 -4.68 24.44
N THR F 51 14.14 -4.84 25.12
CA THR F 51 14.38 -5.97 26.01
C THR F 51 14.19 -5.63 27.48
N CYS F 52 13.40 -4.59 27.78
CA CYS F 52 13.18 -4.20 29.17
C CYS F 52 12.54 -5.32 29.98
N TRP F 53 11.74 -6.17 29.33
CA TRP F 53 11.09 -7.27 30.04
C TRP F 53 12.10 -8.24 30.62
N CYS F 54 13.21 -8.45 29.90
CA CYS F 54 14.22 -9.40 30.38
C CYS F 54 15.17 -8.75 31.38
N TYR F 55 15.56 -7.50 31.14
CA TYR F 55 16.47 -6.81 32.05
C TYR F 55 15.82 -6.60 33.41
N SER F 56 14.54 -6.26 33.43
CA SER F 56 13.84 -6.08 34.70
C SER F 56 13.57 -7.43 35.38
N SER F 57 13.27 -8.45 34.58
CA SER F 57 13.06 -9.79 35.15
C SER F 57 14.33 -10.28 35.83
N TYR F 58 15.49 -10.02 35.22
CA TYR F 58 16.74 -10.48 35.82
C TYR F 58 17.19 -9.59 36.96
N SER F 59 16.83 -8.31 36.95
CA SER F 59 17.03 -7.48 38.13
C SER F 59 16.22 -8.02 39.30
N PHE F 60 15.00 -8.48 39.03
CA PHE F 60 14.16 -9.08 40.06
C PHE F 60 14.72 -10.43 40.51
N LEU F 61 15.11 -11.26 39.55
CA LEU F 61 15.63 -12.60 39.85
C LEU F 61 16.97 -12.52 40.57
N GLU F 62 17.80 -11.52 40.26
CA GLU F 62 19.06 -11.35 40.97
C GLU F 62 18.84 -10.92 42.41
N SER F 63 17.85 -10.04 42.65
CA SER F 63 17.50 -9.68 44.01
C SER F 63 16.93 -10.88 44.77
N GLU F 64 16.24 -11.77 44.07
CA GLU F 64 15.74 -12.98 44.72
C GLU F 64 16.89 -13.90 45.14
N LEU F 65 17.92 -13.99 44.30
CA LEU F 65 19.08 -14.80 44.65
C LEU F 65 19.82 -14.20 45.84
N LEU F 66 19.92 -12.87 45.89
CA LEU F 66 20.50 -12.21 47.05
C LEU F 66 19.64 -12.46 48.29
N ARG F 67 18.33 -12.42 48.15
CA ARG F 67 17.43 -12.64 49.28
C ARG F 67 17.53 -14.07 49.80
N MET F 68 17.72 -15.02 48.90
CA MET F 68 17.81 -16.43 49.27
C MET F 68 19.23 -16.85 49.66
N GLY F 69 20.12 -15.89 49.90
CA GLY F 69 21.46 -16.19 50.34
C GLY F 69 22.32 -16.90 49.33
N LYS F 70 22.07 -16.67 48.03
CA LYS F 70 22.84 -17.34 46.99
C LYS F 70 23.93 -16.47 46.39
N GLY F 71 24.02 -15.21 46.78
CA GLY F 71 25.07 -14.34 46.28
C GLY F 71 24.63 -13.49 45.11
N GLU F 72 25.60 -12.77 44.54
CA GLU F 72 25.33 -11.90 43.40
C GLU F 72 25.47 -12.68 42.11
N TYR F 73 24.56 -12.42 41.18
CA TYR F 73 24.58 -13.04 39.86
C TYR F 73 24.47 -11.94 38.81
N ASP F 74 24.98 -12.24 37.62
CA ASP F 74 24.83 -11.39 36.45
C ASP F 74 24.34 -12.29 35.33
N LEU F 75 23.03 -12.48 35.24
CA LEU F 75 22.44 -13.40 34.29
C LEU F 75 22.39 -12.78 32.90
N SER F 76 22.58 -13.62 31.88
CA SER F 76 22.66 -13.15 30.50
C SER F 76 21.26 -12.91 29.96
N GLU F 77 20.92 -11.63 29.73
CA GLU F 77 19.65 -11.31 29.09
C GLU F 77 19.60 -11.81 27.65
N MET F 78 20.73 -11.69 26.95
CA MET F 78 20.75 -12.05 25.53
C MET F 78 20.47 -13.53 25.31
N PHE F 79 20.82 -14.38 26.27
CA PHE F 79 20.52 -15.81 26.15
C PHE F 79 19.02 -16.05 26.15
N THR F 80 18.30 -15.46 27.12
CA THR F 80 16.86 -15.64 27.18
C THR F 80 16.17 -14.87 26.06
N VAL F 81 16.67 -13.69 25.71
CA VAL F 81 16.11 -12.91 24.62
C VAL F 81 16.20 -13.70 23.31
N TYR F 82 17.32 -14.37 23.09
CA TYR F 82 17.48 -15.18 21.88
C TYR F 82 16.45 -16.29 21.82
N ASN F 83 16.31 -17.06 22.90
CA ASN F 83 15.40 -18.20 22.89
C ASN F 83 13.95 -17.75 22.89
N THR F 84 13.63 -16.62 23.53
CA THR F 84 12.26 -16.13 23.54
C THR F 84 11.80 -15.73 22.14
N TYR F 85 12.67 -15.05 21.38
CA TYR F 85 12.31 -14.64 20.03
C TYR F 85 12.06 -15.84 19.12
N LEU F 86 12.82 -16.92 19.32
CA LEU F 86 12.58 -18.14 18.54
C LEU F 86 11.17 -18.69 18.82
N ASP F 87 10.75 -18.66 20.09
CA ASP F 87 9.41 -19.12 20.43
C ASP F 87 8.34 -18.15 19.92
N ARG F 88 8.63 -16.84 19.95
CA ARG F 88 7.66 -15.87 19.46
C ARG F 88 7.48 -15.98 17.96
N ALA F 89 8.56 -16.27 17.23
CA ALA F 89 8.45 -16.48 15.79
C ALA F 89 7.59 -17.71 15.49
N ASP F 90 7.72 -18.77 16.29
CA ASP F 90 6.88 -19.95 16.11
C ASP F 90 5.42 -19.63 16.39
N ALA F 91 5.16 -18.81 17.41
CA ALA F 91 3.79 -18.43 17.72
C ALA F 91 3.18 -17.60 16.59
N ALA F 92 3.98 -16.68 16.02
CA ALA F 92 3.49 -15.86 14.91
C ALA F 92 3.18 -16.71 13.69
N VAL F 93 4.04 -17.68 13.38
CA VAL F 93 3.83 -18.52 12.21
C VAL F 93 2.66 -19.47 12.42
N ARG F 94 2.54 -20.03 13.63
CA ARG F 94 1.45 -20.95 13.90
C ARG F 94 0.10 -20.26 13.84
N THR F 95 0.02 -19.02 14.32
CA THR F 95 -1.21 -18.23 14.27
C THR F 95 -1.32 -17.40 13.01
N HIS F 96 -0.47 -17.68 12.00
CA HIS F 96 -0.55 -17.02 10.69
C HIS F 96 -0.49 -15.49 10.82
N GLY F 97 0.38 -15.01 11.70
CA GLY F 97 0.60 -13.58 11.85
C GLY F 97 -0.23 -12.91 12.91
N ASP F 98 -1.14 -13.64 13.57
CA ASP F 98 -1.95 -13.02 14.63
C ASP F 98 -1.07 -12.56 15.78
N VAL F 99 -0.23 -13.45 16.30
CA VAL F 99 0.76 -13.07 17.30
C VAL F 99 1.80 -12.18 16.63
N SER F 100 1.89 -10.93 17.09
CA SER F 100 2.86 -10.00 16.53
C SER F 100 4.28 -10.44 16.91
N PHE F 101 5.22 -10.23 15.99
CA PHE F 101 6.62 -10.52 16.22
C PHE F 101 7.37 -9.21 16.42
N SER F 102 7.74 -8.92 17.66
CA SER F 102 8.42 -7.69 18.00
C SER F 102 9.42 -7.98 19.11
N GLN F 103 10.07 -6.92 19.59
CA GLN F 103 11.13 -7.07 20.59
C GLN F 103 10.60 -7.24 22.00
N GLY F 104 9.33 -6.93 22.24
CA GLY F 104 8.79 -6.94 23.58
C GLY F 104 8.66 -8.33 24.19
N GLY F 105 8.21 -8.34 25.43
CA GLY F 105 8.06 -9.58 26.16
C GLY F 105 7.40 -9.33 27.50
N SER F 106 7.46 -10.33 28.37
CA SER F 106 6.83 -10.27 29.67
C SER F 106 7.73 -10.91 30.72
N PHE F 107 7.34 -10.74 31.98
CA PHE F 107 8.04 -11.41 33.07
C PHE F 107 7.89 -12.91 32.98
N TYR F 108 6.74 -13.39 32.50
CA TYR F 108 6.54 -14.83 32.34
C TYR F 108 7.45 -15.42 31.28
N ASP F 109 7.87 -14.60 30.31
CA ASP F 109 8.84 -15.07 29.32
C ASP F 109 10.12 -15.51 29.99
N ALA F 110 10.56 -14.77 31.02
CA ALA F 110 11.76 -15.14 31.75
C ALA F 110 11.50 -16.29 32.73
N LEU F 111 10.33 -16.30 33.36
CA LEU F 111 9.99 -17.40 34.27
C LEU F 111 9.85 -18.71 33.50
N TYR F 112 9.19 -18.67 32.34
CA TYR F 112 9.14 -19.84 31.47
C TYR F 112 10.51 -20.16 30.89
N GLY F 113 11.30 -19.13 30.59
CA GLY F 113 12.57 -19.36 29.91
C GLY F 113 13.58 -20.07 30.78
N MET F 114 13.68 -19.70 32.06
CA MET F 114 14.66 -20.33 32.92
C MET F 114 14.35 -21.81 33.17
N GLU F 115 13.07 -22.18 33.12
CA GLU F 115 12.70 -23.58 33.30
C GLU F 115 12.87 -24.37 32.01
N THR F 116 12.72 -23.73 30.85
CA THR F 116 12.79 -24.40 29.56
C THR F 116 14.19 -24.36 28.96
N PHE F 117 14.79 -23.16 28.88
CA PHE F 117 16.11 -23.00 28.28
C PHE F 117 17.24 -22.99 29.30
N GLY F 118 16.96 -22.59 30.53
CA GLY F 118 17.98 -22.48 31.54
C GLY F 118 18.53 -21.07 31.67
N LEU F 119 19.69 -20.98 32.30
CA LEU F 119 20.36 -19.71 32.54
C LEU F 119 21.85 -19.83 32.25
N VAL F 120 22.43 -18.78 31.70
CA VAL F 120 23.88 -18.70 31.52
C VAL F 120 24.34 -17.33 32.04
N PRO F 121 25.59 -17.19 32.49
CA PRO F 121 26.05 -15.89 32.97
C PRO F 121 26.24 -14.90 31.83
N GLU F 122 26.35 -13.63 32.21
CA GLU F 122 26.41 -12.55 31.21
C GLU F 122 27.57 -12.71 30.26
N GLU F 123 28.74 -13.11 30.77
CA GLU F 123 29.93 -13.19 29.93
C GLU F 123 29.83 -14.24 28.83
N GLU F 124 28.90 -15.20 28.93
CA GLU F 124 28.81 -16.22 27.88
C GLU F 124 28.03 -15.75 26.66
N MET F 125 27.18 -14.73 26.80
CA MET F 125 26.51 -14.12 25.65
C MET F 125 26.27 -12.66 26.01
N ARG F 126 27.17 -11.79 25.57
CA ARG F 126 27.11 -10.41 25.99
C ARG F 126 26.42 -9.56 24.92
N PRO F 127 25.80 -8.44 25.28
CA PRO F 127 25.16 -7.60 24.27
C PRO F 127 26.17 -6.88 23.40
N GLY F 128 25.87 -6.80 22.11
CA GLY F 128 26.74 -6.12 21.17
C GLY F 128 28.01 -6.85 20.80
N MET F 129 28.21 -8.06 21.34
CA MET F 129 29.46 -8.78 21.10
C MET F 129 29.68 -9.08 19.63
N MET F 130 28.62 -9.16 18.83
CA MET F 130 28.76 -9.60 17.45
C MET F 130 28.95 -8.46 16.45
N TYR F 131 28.69 -7.22 16.85
CA TYR F 131 28.92 -6.06 15.98
C TYR F 131 29.85 -5.05 16.65
N ALA F 132 30.84 -5.56 17.40
CA ALA F 132 31.94 -4.75 17.93
C ALA F 132 31.45 -3.63 18.86
N ASP F 133 30.47 -3.93 19.69
CA ASP F 133 29.98 -3.02 20.72
C ASP F 133 29.83 -3.75 22.04
N THR F 134 29.43 -3.01 23.07
CA THR F 134 29.21 -3.56 24.39
C THR F 134 27.76 -3.43 24.87
N LEU F 135 26.91 -2.72 24.13
CA LEU F 135 25.50 -2.60 24.46
C LEU F 135 24.67 -3.03 23.25
N SER F 136 23.39 -3.31 23.51
CA SER F 136 22.52 -3.86 22.49
C SER F 136 22.08 -2.80 21.50
N ASN F 137 22.00 -3.20 20.23
CA ASN F 137 21.36 -2.39 19.19
C ASN F 137 20.77 -3.39 18.21
N HIS F 138 19.49 -3.71 18.39
CA HIS F 138 18.82 -4.76 17.64
C HIS F 138 17.94 -4.22 16.53
N THR F 139 18.20 -3.00 16.05
CA THR F 139 17.37 -2.43 15.00
C THR F 139 17.54 -3.19 13.70
N GLU F 140 18.77 -3.52 13.32
CA GLU F 140 18.99 -4.26 12.08
C GLU F 140 18.53 -5.71 12.23
N LEU F 141 18.77 -6.32 13.39
CA LEU F 141 18.28 -7.68 13.62
C LEU F 141 16.77 -7.75 13.52
N SER F 142 16.07 -6.76 14.09
CA SER F 142 14.61 -6.74 13.98
C SER F 142 14.16 -6.53 12.55
N ALA F 143 14.84 -5.65 11.81
CA ALA F 143 14.46 -5.38 10.43
C ALA F 143 14.51 -6.64 9.59
N LEU F 144 15.51 -7.50 9.83
CA LEU F 144 15.63 -8.74 9.08
C LEU F 144 14.61 -9.77 9.54
N THR F 145 14.55 -10.02 10.85
CA THR F 145 13.71 -11.10 11.37
C THR F 145 12.22 -10.78 11.23
N ASP F 146 11.83 -9.51 11.39
CA ASP F 146 10.44 -9.14 11.15
C ASP F 146 10.02 -9.46 9.72
N ALA F 147 10.89 -9.14 8.75
CA ALA F 147 10.58 -9.45 7.36
C ALA F 147 10.56 -10.95 7.11
N MET F 148 11.43 -11.71 7.79
CA MET F 148 11.48 -13.15 7.60
C MET F 148 10.21 -13.81 8.15
N VAL F 149 9.84 -13.47 9.39
CA VAL F 149 8.66 -14.08 10.00
C VAL F 149 7.40 -13.70 9.23
N ALA F 150 7.33 -12.44 8.77
CA ALA F 150 6.16 -12.01 8.02
C ALA F 150 6.04 -12.73 6.69
N ALA F 151 7.17 -13.01 6.03
CA ALA F 151 7.15 -13.73 4.77
C ALA F 151 6.60 -15.14 4.95
N ILE F 152 6.74 -15.71 6.14
CA ILE F 152 6.22 -17.03 6.43
C ILE F 152 4.81 -16.95 7.00
N ALA F 153 4.61 -16.11 8.02
CA ALA F 153 3.34 -16.10 8.74
C ALA F 153 2.24 -15.44 7.92
N LYS F 154 2.57 -14.40 7.15
CA LYS F 154 1.57 -13.64 6.40
C LYS F 154 1.74 -13.77 4.89
N GLY F 155 2.58 -14.67 4.41
CA GLY F 155 2.80 -14.84 2.99
C GLY F 155 1.76 -15.75 2.37
N LYS F 156 2.08 -16.22 1.16
CA LYS F 156 1.20 -17.12 0.42
C LYS F 156 1.79 -18.53 0.28
N LEU F 157 2.80 -18.86 1.08
CA LEU F 157 3.34 -20.20 1.09
C LEU F 157 2.30 -21.17 1.63
N ARG F 158 2.11 -22.29 0.93
CA ARG F 158 1.10 -23.25 1.35
C ARG F 158 1.69 -24.51 1.96
N LYS F 159 3.00 -24.69 1.89
CA LYS F 159 3.63 -25.87 2.48
C LYS F 159 5.06 -25.48 2.83
N LEU F 160 5.34 -25.38 4.12
CA LEU F 160 6.67 -24.99 4.58
C LEU F 160 7.62 -26.18 4.51
N GLN F 161 8.85 -25.92 4.08
CA GLN F 161 9.79 -26.97 3.80
C GLN F 161 10.38 -27.54 5.10
N SER F 162 10.75 -28.82 5.03
CA SER F 162 11.32 -29.51 6.18
C SER F 162 12.35 -30.52 5.68
N ASP F 163 13.23 -30.93 6.58
CA ASP F 163 14.30 -31.85 6.24
C ASP F 163 13.82 -33.30 6.37
N GLU F 164 14.77 -34.24 6.37
CA GLU F 164 14.41 -35.65 6.52
C GLU F 164 13.92 -35.95 7.94
N ASN F 165 14.40 -35.21 8.93
CA ASN F 165 13.97 -35.37 10.31
C ASN F 165 12.75 -34.53 10.64
N ASN F 166 12.05 -34.01 9.63
CA ASN F 166 10.83 -33.22 9.79
C ASN F 166 11.07 -31.92 10.55
N ALA F 167 12.30 -31.41 10.50
CA ALA F 167 12.63 -30.13 11.12
C ALA F 167 12.36 -29.00 10.13
N MET F 168 11.70 -27.94 10.60
CA MET F 168 11.32 -26.85 9.73
C MET F 168 12.54 -26.03 9.31
N LEU F 169 12.65 -25.76 8.00
CA LEU F 169 13.81 -25.02 7.50
C LEU F 169 13.75 -23.54 7.89
N TRP F 170 12.53 -22.96 7.89
CA TRP F 170 12.42 -21.55 8.25
C TRP F 170 12.84 -21.31 9.70
N LYS F 171 12.63 -22.28 10.58
CA LYS F 171 13.11 -22.15 11.95
C LYS F 171 14.62 -22.15 12.01
N LYS F 172 15.27 -22.94 11.16
CA LYS F 172 16.73 -22.91 11.07
C LYS F 172 17.21 -21.54 10.60
N ALA F 173 16.51 -20.94 9.64
CA ALA F 173 16.91 -19.64 9.11
C ALA F 173 16.77 -18.55 10.16
N VAL F 174 15.63 -18.53 10.86
CA VAL F 174 15.41 -17.50 11.88
C VAL F 174 16.40 -17.66 13.03
N ALA F 175 16.69 -18.91 13.41
CA ALA F 175 17.67 -19.13 14.47
C ALA F 175 19.07 -18.73 14.03
N ALA F 176 19.42 -19.00 12.77
CA ALA F 176 20.74 -18.65 12.27
C ALA F 176 20.94 -17.13 12.24
N VAL F 177 19.93 -16.38 11.80
CA VAL F 177 20.04 -14.94 11.76
C VAL F 177 20.14 -14.36 13.17
N HIS F 178 19.39 -14.91 14.12
CA HIS F 178 19.46 -14.44 15.49
C HIS F 178 20.84 -14.69 16.10
N GLN F 179 21.46 -15.83 15.77
CA GLN F 179 22.79 -16.13 16.30
C GLN F 179 23.84 -15.19 15.72
N ILE F 180 23.67 -14.78 14.47
CA ILE F 180 24.63 -13.89 13.83
C ILE F 180 24.64 -12.52 14.50
N TYR F 181 23.49 -12.07 15.01
CA TYR F 181 23.41 -10.76 15.65
C TYR F 181 23.47 -10.80 17.18
N LEU F 182 23.10 -11.93 17.80
CA LEU F 182 23.09 -12.03 19.24
C LEU F 182 24.19 -12.92 19.80
N GLY F 183 24.71 -13.86 19.02
CA GLY F 183 25.73 -14.78 19.47
C GLY F 183 25.23 -16.21 19.49
N VAL F 184 26.19 -17.13 19.60
CA VAL F 184 25.87 -18.56 19.64
C VAL F 184 25.61 -18.96 21.08
N PRO F 185 24.48 -19.59 21.37
CA PRO F 185 24.19 -20.04 22.74
C PRO F 185 25.15 -21.16 23.14
N PRO F 186 25.74 -21.07 24.33
CA PRO F 186 26.64 -22.12 24.78
C PRO F 186 25.86 -23.37 25.22
N GLU F 187 26.42 -24.52 24.88
CA GLU F 187 25.90 -25.79 25.37
C GLU F 187 26.60 -26.24 26.63
N LYS F 188 27.85 -25.81 26.80
CA LYS F 188 28.63 -26.02 28.01
C LYS F 188 29.50 -24.81 28.26
N PHE F 189 29.77 -24.52 29.52
CA PHE F 189 30.61 -23.39 29.90
C PHE F 189 31.12 -23.60 31.31
N THR F 190 32.22 -22.92 31.62
CA THR F 190 32.83 -22.98 32.94
C THR F 190 32.59 -21.66 33.66
N TYR F 191 32.06 -21.76 34.88
CA TYR F 191 31.73 -20.58 35.67
C TYR F 191 32.20 -20.83 37.10
N LYS F 192 33.19 -20.06 37.55
CA LYS F 192 33.69 -20.12 38.91
C LYS F 192 34.17 -21.53 39.27
N GLY F 193 34.87 -22.17 38.32
CA GLY F 193 35.53 -23.42 38.57
C GLY F 193 34.76 -24.66 38.18
N LYS F 194 33.48 -24.53 37.83
CA LYS F 194 32.63 -25.67 37.55
C LYS F 194 32.06 -25.59 36.13
N GLU F 195 31.94 -26.75 35.49
CA GLU F 195 31.36 -26.85 34.16
C GLU F 195 29.85 -26.96 34.26
N TYR F 196 29.14 -26.14 33.48
CA TYR F 196 27.69 -26.09 33.53
C TYR F 196 27.10 -26.23 32.13
N THR F 197 25.85 -26.65 32.10
CA THR F 197 24.95 -26.47 30.98
C THR F 197 23.92 -25.42 31.35
N PRO F 198 23.29 -24.76 30.38
CA PRO F 198 22.23 -23.79 30.72
C PRO F 198 21.19 -24.37 31.67
N LYS F 199 20.86 -25.65 31.55
CA LYS F 199 19.93 -26.26 32.48
C LYS F 199 20.57 -26.51 33.84
N SER F 200 21.81 -26.99 33.87
CA SER F 200 22.46 -27.29 35.13
C SER F 200 22.81 -26.02 35.90
N PHE F 201 23.15 -24.94 35.19
CA PHE F 201 23.39 -23.67 35.86
C PHE F 201 22.12 -23.11 36.48
N PHE F 202 20.97 -23.33 35.83
CA PHE F 202 19.71 -22.89 36.41
C PHE F 202 19.36 -23.67 37.67
N GLU F 203 19.65 -24.98 37.66
CA GLU F 203 19.38 -25.79 38.84
C GLU F 203 20.28 -25.40 40.01
N SER F 204 21.54 -25.04 39.70
CA SER F 204 22.45 -24.52 40.72
C SER F 204 21.82 -23.37 41.50
N THR F 205 21.18 -22.43 40.79
CA THR F 205 20.61 -21.25 41.44
C THR F 205 19.52 -21.62 42.44
N GLY F 206 18.79 -22.71 42.18
CA GLY F 206 17.73 -23.11 43.07
C GLY F 206 16.42 -22.37 42.88
N LEU F 207 16.32 -21.52 41.86
CA LEU F 207 15.07 -20.85 41.58
C LEU F 207 14.05 -21.82 41.01
N LYS F 208 12.77 -21.50 41.23
CA LYS F 208 11.66 -22.29 40.70
C LYS F 208 10.57 -21.33 40.26
N ALA F 209 10.11 -21.50 39.02
CA ALA F 209 9.07 -20.61 38.50
C ALA F 209 7.76 -20.75 39.25
N SER F 210 7.53 -21.90 39.89
CA SER F 210 6.31 -22.10 40.66
C SER F 210 6.22 -21.15 41.86
N ASP F 211 7.36 -20.65 42.35
CA ASP F 211 7.36 -19.78 43.52
C ASP F 211 7.01 -18.34 43.19
N TYR F 212 6.68 -18.02 41.94
CA TYR F 212 6.38 -16.66 41.53
C TYR F 212 5.02 -16.59 40.88
N VAL F 213 4.26 -15.56 41.24
CA VAL F 213 2.90 -15.36 40.74
C VAL F 213 2.80 -13.98 40.11
N SER F 214 1.94 -13.86 39.12
CA SER F 214 1.64 -12.59 38.47
C SER F 214 0.34 -12.03 39.03
N LEU F 215 0.34 -10.73 39.32
CA LEU F 215 -0.81 -10.07 39.95
C LEU F 215 -1.22 -8.85 39.14
N THR F 216 -2.53 -8.62 39.06
CA THR F 216 -3.07 -7.46 38.38
C THR F 216 -4.34 -7.02 39.11
N SER F 217 -4.96 -5.95 38.61
CA SER F 217 -6.15 -5.40 39.27
C SER F 217 -7.04 -4.78 38.19
N TYR F 218 -8.06 -5.52 37.76
CA TYR F 218 -9.01 -5.03 36.76
C TYR F 218 -10.38 -5.61 37.06
N THR F 219 -11.40 -5.01 36.42
CA THR F 219 -12.78 -5.40 36.67
C THR F 219 -13.43 -6.16 35.53
N HIS F 220 -12.81 -6.22 34.36
CA HIS F 220 -13.38 -7.00 33.26
C HIS F 220 -13.20 -8.51 33.45
N HIS F 221 -12.75 -8.92 34.63
CA HIS F 221 -12.70 -10.31 35.06
C HIS F 221 -13.03 -10.34 36.54
N PRO F 222 -13.60 -11.44 37.04
CA PRO F 222 -13.92 -11.52 38.46
C PRO F 222 -12.67 -11.46 39.33
N PHE F 223 -12.82 -10.83 40.49
CA PHE F 223 -11.72 -10.75 41.43
C PHE F 223 -11.37 -12.13 41.98
N TYR F 224 -10.12 -12.28 42.42
CA TYR F 224 -9.62 -13.52 43.01
C TYR F 224 -9.68 -14.69 42.04
N THR F 225 -9.61 -14.40 40.75
CA THR F 225 -9.51 -15.39 39.70
C THR F 225 -8.24 -15.16 38.88
N GLN F 226 -7.96 -16.10 37.99
CA GLN F 226 -6.81 -16.02 37.10
C GLN F 226 -7.27 -15.79 35.67
N PHE F 227 -6.61 -14.89 34.97
CA PHE F 227 -6.88 -14.65 33.55
C PHE F 227 -5.60 -14.16 32.89
N PRO F 228 -5.42 -14.44 31.61
CA PRO F 228 -4.24 -13.92 30.89
C PRO F 228 -4.50 -12.50 30.41
N LEU F 229 -3.57 -11.60 30.71
CA LEU F 229 -3.72 -10.20 30.31
C LEU F 229 -3.72 -10.08 28.80
N GLU F 230 -4.69 -9.34 28.27
CA GLU F 230 -4.89 -9.22 26.82
C GLU F 230 -3.96 -8.13 26.27
N ILE F 231 -2.67 -8.43 26.28
CA ILE F 231 -1.65 -7.53 25.77
C ILE F 231 -0.77 -8.29 24.79
N GLN F 232 -0.17 -7.56 23.85
CA GLN F 232 0.54 -8.19 22.74
C GLN F 232 1.74 -8.98 23.22
N ASP F 233 2.46 -8.48 24.22
CA ASP F 233 3.66 -9.16 24.68
C ASP F 233 3.35 -10.36 25.57
N ASN F 234 2.08 -10.59 25.89
CA ASN F 234 1.65 -11.80 26.59
C ASN F 234 1.21 -12.88 25.62
N TRP F 235 1.95 -13.06 24.53
CA TRP F 235 1.59 -14.08 23.54
C TRP F 235 1.71 -15.48 24.10
N ARG F 236 2.48 -15.69 25.17
CA ARG F 236 2.46 -16.96 25.87
C ARG F 236 1.19 -17.14 26.68
N HIS F 237 0.40 -16.08 26.87
CA HIS F 237 -0.85 -16.13 27.61
C HIS F 237 -0.64 -16.61 29.05
N GLY F 238 0.38 -16.06 29.69
CA GLY F 238 0.58 -16.33 31.11
C GLY F 238 -0.52 -15.71 31.95
N MET F 239 -0.91 -16.43 33.00
CA MET F 239 -2.05 -16.01 33.80
C MET F 239 -1.62 -15.05 34.91
N SER F 240 -2.57 -14.26 35.38
CA SER F 240 -2.35 -13.32 36.47
C SER F 240 -3.53 -13.37 37.42
N TYR F 241 -3.24 -13.26 38.72
CA TYR F 241 -4.30 -13.22 39.73
C TYR F 241 -4.88 -11.81 39.79
N ASN F 242 -6.21 -11.74 39.83
CA ASN F 242 -6.93 -10.47 39.86
C ASN F 242 -7.29 -10.10 41.30
N LEU F 243 -6.83 -8.95 41.75
CA LEU F 243 -7.08 -8.46 43.10
C LEU F 243 -7.74 -7.09 43.05
N PRO F 244 -8.55 -6.75 44.06
CA PRO F 244 -9.01 -5.37 44.18
C PRO F 244 -7.84 -4.41 44.33
N LEU F 245 -8.05 -3.15 43.92
CA LEU F 245 -6.95 -2.20 43.80
C LEU F 245 -6.26 -1.97 45.14
N ASP F 246 -7.03 -1.88 46.23
CA ASP F 246 -6.43 -1.62 47.53
C ASP F 246 -5.64 -2.83 48.04
N GLU F 247 -6.19 -4.04 47.88
CA GLU F 247 -5.44 -5.23 48.23
C GLU F 247 -4.25 -5.41 47.31
N PHE F 248 -4.37 -4.98 46.05
CA PHE F 248 -3.27 -5.03 45.10
C PHE F 248 -2.10 -4.17 45.56
N MET F 249 -2.39 -2.94 46.00
CA MET F 249 -1.33 -2.06 46.48
C MET F 249 -0.81 -2.50 47.84
N GLU F 250 -1.58 -3.28 48.61
CA GLU F 250 -1.08 -3.80 49.87
C GLU F 250 0.05 -4.79 49.65
N VAL F 251 0.01 -5.51 48.52
CA VAL F 251 1.08 -6.44 48.20
C VAL F 251 2.39 -5.71 47.93
N PHE F 252 2.30 -4.51 47.36
CA PHE F 252 3.49 -3.72 47.10
C PHE F 252 4.24 -3.42 48.39
N ASP F 253 3.55 -2.83 49.36
CA ASP F 253 4.20 -2.44 50.61
C ASP F 253 4.59 -3.65 51.45
N ASN F 254 3.75 -4.69 51.46
CA ASN F 254 4.07 -5.87 52.24
C ASN F 254 5.31 -6.59 51.69
N ALA F 255 5.45 -6.61 50.36
CA ALA F 255 6.62 -7.24 49.77
C ALA F 255 7.90 -6.49 50.11
N ILE F 256 7.87 -5.16 50.01
CA ILE F 256 9.05 -4.35 50.31
C ILE F 256 9.37 -4.43 51.80
N ASN F 257 8.35 -4.33 52.65
CA ASN F 257 8.58 -4.31 54.09
C ASN F 257 9.05 -5.65 54.63
N THR F 258 8.74 -6.75 53.94
CA THR F 258 9.17 -8.07 54.37
C THR F 258 10.51 -8.50 53.77
N GLY F 259 11.06 -7.71 52.85
CA GLY F 259 12.36 -7.99 52.27
C GLY F 259 12.35 -8.45 50.82
N TYR F 260 11.23 -8.35 50.12
CA TYR F 260 11.13 -8.81 48.74
C TYR F 260 11.13 -7.63 47.78
N THR F 261 11.47 -7.92 46.52
CA THR F 261 11.38 -6.95 45.45
C THR F 261 10.24 -7.32 44.50
N ILE F 262 9.89 -6.37 43.65
CA ILE F 262 8.73 -6.51 42.77
C ILE F 262 9.17 -6.29 41.33
N ALA F 263 8.83 -7.24 40.46
CA ALA F 263 8.96 -7.04 39.02
C ALA F 263 7.78 -6.20 38.57
N TRP F 264 8.04 -4.97 38.14
CA TRP F 264 7.00 -3.97 37.91
C TRP F 264 6.86 -3.72 36.42
N GLY F 265 5.74 -4.17 35.85
CA GLY F 265 5.38 -3.83 34.49
C GLY F 265 4.29 -2.78 34.51
N SER F 266 4.54 -1.67 33.83
CA SER F 266 3.67 -0.51 33.97
C SER F 266 3.68 0.34 32.71
N ASP F 267 2.70 1.23 32.63
CA ASP F 267 2.64 2.26 31.60
C ASP F 267 3.54 3.42 32.02
N VAL F 268 4.42 3.85 31.11
CA VAL F 268 5.28 5.00 31.35
C VAL F 268 5.06 6.09 30.31
N SER F 269 4.04 5.97 29.48
CA SER F 269 3.71 6.99 28.48
C SER F 269 2.72 8.00 29.04
N GLU F 270 3.14 8.65 30.12
CA GLU F 270 2.38 9.70 30.77
C GLU F 270 3.26 10.93 30.93
N SER F 271 2.61 12.09 31.07
CA SER F 271 3.35 13.33 31.28
C SER F 271 4.09 13.33 32.61
N GLY F 272 3.57 12.59 33.59
CA GLY F 272 4.21 12.53 34.90
C GLY F 272 5.51 11.74 34.91
N PHE F 273 5.68 10.81 33.97
CA PHE F 273 6.91 10.01 33.92
C PHE F 273 7.95 10.80 33.14
N THR F 274 8.94 11.34 33.84
CA THR F 274 9.96 12.19 33.24
C THR F 274 11.29 11.46 33.18
N ARG F 275 12.17 11.93 32.29
CA ARG F 275 13.51 11.37 32.19
C ARG F 275 14.43 11.80 33.32
N ASP F 276 13.98 12.64 34.25
CA ASP F 276 14.84 13.09 35.33
C ASP F 276 14.78 12.16 36.55
N GLY F 277 14.04 11.06 36.48
CA GLY F 277 13.98 10.10 37.57
C GLY F 277 12.78 10.15 38.48
N VAL F 278 11.72 10.85 38.10
CA VAL F 278 10.50 10.88 38.88
C VAL F 278 9.33 10.43 38.01
N ALA F 279 8.34 9.81 38.65
CA ALA F 279 7.10 9.40 37.98
C ALA F 279 5.97 9.77 38.93
N VAL F 280 5.25 10.85 38.59
CA VAL F 280 4.23 11.39 39.47
C VAL F 280 2.88 11.37 38.76
N MET F 281 1.82 11.49 39.56
CA MET F 281 0.44 11.54 39.06
C MET F 281 -0.23 12.75 39.69
N PRO F 282 0.08 13.96 39.20
CA PRO F 282 -0.44 15.17 39.83
C PRO F 282 -1.90 15.42 39.48
N ASP F 283 -2.61 16.03 40.43
CA ASP F 283 -3.99 16.45 40.21
C ASP F 283 -3.96 17.86 39.63
N ASP F 284 -4.16 17.97 38.32
CA ASP F 284 -4.04 19.25 37.64
C ASP F 284 -5.04 20.26 38.18
N GLU F 285 -6.28 19.81 38.45
CA GLU F 285 -7.30 20.72 38.95
C GLU F 285 -6.90 21.33 40.28
N LYS F 286 -6.38 20.52 41.20
CA LYS F 286 -5.96 21.03 42.49
C LYS F 286 -4.80 22.00 42.34
N VAL F 287 -3.70 21.53 41.73
CA VAL F 287 -2.49 22.34 41.57
C VAL F 287 -2.82 23.72 41.02
N GLN F 288 -3.76 23.78 40.06
CA GLN F 288 -4.19 25.06 39.53
C GLN F 288 -4.89 25.89 40.60
N GLU F 289 -5.70 25.25 41.45
CA GLU F 289 -6.44 25.98 42.49
C GLU F 289 -5.50 26.60 43.52
N LEU F 290 -4.40 25.93 43.83
CA LEU F 290 -3.42 26.46 44.78
C LEU F 290 -2.48 27.44 44.09
N LEU F 301 -0.52 28.97 32.18
CA LEU F 301 0.82 29.44 31.88
C LEU F 301 1.60 28.46 31.02
N LYS F 302 2.88 28.31 31.33
CA LYS F 302 3.79 27.39 30.67
C LYS F 302 4.26 26.33 31.65
N PRO F 303 4.61 25.13 31.17
CA PRO F 303 4.99 24.05 32.09
C PRO F 303 6.08 24.41 33.09
N GLU F 304 7.07 25.21 32.71
CA GLU F 304 8.11 25.61 33.65
C GLU F 304 7.53 26.43 34.80
N GLU F 305 6.41 27.11 34.57
CA GLU F 305 5.71 27.83 35.62
C GLU F 305 4.62 26.98 36.27
N LYS F 306 4.15 25.93 35.60
CA LYS F 306 3.13 25.06 36.18
C LYS F 306 3.71 24.22 37.32
N LYS F 307 4.92 23.68 37.12
CA LYS F 307 5.63 22.89 38.14
C LYS F 307 4.86 21.61 38.49
N LEU F 308 4.34 20.93 37.47
CA LEU F 308 3.54 19.73 37.72
C LEU F 308 4.40 18.51 38.05
N ASN F 309 5.59 18.41 37.46
CA ASN F 309 6.46 17.25 37.67
C ASN F 309 7.80 17.61 38.32
N THR F 310 7.97 18.86 38.77
CA THR F 310 9.25 19.31 39.27
C THR F 310 9.34 19.40 40.79
N LYS F 311 8.22 19.58 41.47
CA LYS F 311 8.15 19.65 42.92
C LYS F 311 7.04 18.73 43.40
N PRO F 312 7.04 18.35 44.68
CA PRO F 312 5.92 17.59 45.22
C PRO F 312 4.60 18.34 45.10
N GLN F 313 3.60 17.68 44.56
CA GLN F 313 2.26 18.22 44.39
C GLN F 313 1.21 17.24 44.87
N PRO F 314 -0.01 17.71 45.13
CA PRO F 314 -1.10 16.77 45.48
C PRO F 314 -1.39 15.82 44.34
N GLN F 315 -1.48 14.54 44.67
CA GLN F 315 -1.64 13.49 43.68
C GLN F 315 -3.11 13.11 43.47
N LYS F 316 -3.40 12.62 42.27
CA LYS F 316 -4.73 12.12 41.94
C LYS F 316 -4.77 10.62 42.24
N TRP F 317 -5.67 10.22 43.14
CA TRP F 317 -5.78 8.83 43.54
C TRP F 317 -6.96 8.21 42.78
N CYS F 318 -6.65 7.39 41.78
CA CYS F 318 -7.67 6.86 40.89
C CYS F 318 -8.56 5.87 41.61
N THR F 319 -9.80 5.78 41.13
CA THR F 319 -10.72 4.75 41.59
C THR F 319 -10.46 3.46 40.82
N GLN F 320 -11.16 2.40 41.23
CA GLN F 320 -11.07 1.16 40.46
C GLN F 320 -11.67 1.33 39.06
N ALA F 321 -12.71 2.17 38.93
CA ALA F 321 -13.31 2.40 37.62
C ALA F 321 -12.43 3.28 36.75
N GLU F 322 -11.82 4.32 37.34
CA GLU F 322 -10.92 5.19 36.58
C GLU F 322 -9.71 4.41 36.09
N ARG F 323 -9.19 3.50 36.91
CA ARG F 323 -8.09 2.65 36.46
C ARG F 323 -8.53 1.73 35.34
N GLN F 324 -9.76 1.22 35.40
CA GLN F 324 -10.26 0.32 34.35
C GLN F 324 -10.44 1.08 33.04
N LEU F 325 -10.95 2.31 33.11
CA LEU F 325 -11.19 3.08 31.90
C LEU F 325 -9.90 3.34 31.15
N ALA F 326 -8.83 3.69 31.86
CA ALA F 326 -7.55 3.96 31.20
C ALA F 326 -7.00 2.73 30.50
N TYR F 327 -7.24 1.54 31.05
CA TYR F 327 -6.84 0.32 30.37
C TYR F 327 -7.75 0.02 29.18
N ASP F 328 -9.02 0.43 29.27
CA ASP F 328 -9.97 0.16 28.19
C ASP F 328 -9.80 1.13 27.03
N ASN F 329 -9.41 2.37 27.29
CA ASN F 329 -9.38 3.41 26.27
C ASN F 329 -7.98 3.70 25.76
N TYR F 330 -7.04 2.78 25.98
CA TYR F 330 -5.65 2.82 25.51
C TYR F 330 -4.75 3.77 26.29
N GLU F 331 -5.24 4.39 27.37
CA GLU F 331 -4.41 5.30 28.14
C GLU F 331 -3.44 4.58 29.07
N THR F 332 -3.68 3.29 29.35
CA THR F 332 -2.74 2.47 30.11
C THR F 332 -2.37 1.27 29.25
N THR F 333 -1.11 1.23 28.83
CA THR F 333 -0.62 0.17 27.96
C THR F 333 0.60 -0.49 28.59
N ASP F 334 0.86 -1.72 28.17
CA ASP F 334 2.01 -2.51 28.64
C ASP F 334 3.26 -1.96 27.96
N ASP F 335 3.85 -0.92 28.56
CA ASP F 335 4.95 -0.19 27.95
C ASP F 335 6.33 -0.65 28.42
N HIS F 336 6.56 -0.68 29.73
CA HIS F 336 7.90 -0.80 30.28
C HIS F 336 7.90 -1.76 31.45
N GLY F 337 9.01 -2.49 31.59
CA GLY F 337 9.24 -3.38 32.71
C GLY F 337 10.41 -2.88 33.54
N MET F 338 10.19 -2.78 34.86
CA MET F 338 11.18 -2.28 35.79
C MET F 338 11.12 -3.15 37.04
N GLN F 339 11.90 -2.75 38.05
CA GLN F 339 11.93 -3.44 39.34
C GLN F 339 11.70 -2.43 40.45
N ILE F 340 10.71 -2.70 41.30
CA ILE F 340 10.47 -1.92 42.50
C ILE F 340 11.16 -2.61 43.66
N TYR F 341 12.04 -1.90 44.34
CA TYR F 341 12.85 -2.49 45.40
C TYR F 341 12.84 -1.72 46.70
N GLY F 342 12.09 -0.62 46.80
CA GLY F 342 12.09 0.14 48.04
C GLY F 342 10.97 1.15 48.06
N ILE F 343 10.84 1.80 49.22
CA ILE F 343 9.85 2.84 49.44
C ILE F 343 10.57 4.07 50.00
N ALA F 344 10.18 5.25 49.53
CA ALA F 344 10.83 6.49 49.97
C ALA F 344 9.78 7.59 50.11
N LYS F 345 10.18 8.67 50.78
CA LYS F 345 9.35 9.84 50.99
C LYS F 345 10.06 11.06 50.43
N ASP F 346 9.29 12.07 50.05
CA ASP F 346 9.86 13.35 49.67
C ASP F 346 10.01 14.23 50.92
N GLN F 347 10.33 15.50 50.72
CA GLN F 347 10.38 16.46 51.82
C GLN F 347 9.01 16.65 52.48
N GLU F 348 7.93 16.53 51.70
CA GLU F 348 6.59 16.81 52.20
C GLU F 348 5.83 15.56 52.61
N GLY F 349 6.52 14.42 52.73
CA GLY F 349 5.94 13.23 53.32
C GLY F 349 5.19 12.32 52.38
N ASN F 350 5.09 12.65 51.10
CA ASN F 350 4.40 11.78 50.16
C ASN F 350 5.24 10.56 49.83
N GLU F 351 4.58 9.44 49.58
CA GLU F 351 5.27 8.17 49.42
C GLU F 351 5.60 7.91 47.95
N TYR F 352 6.73 7.25 47.75
CA TYR F 352 7.21 6.88 46.42
C TYR F 352 7.76 5.46 46.48
N TYR F 353 7.72 4.78 45.35
CA TYR F 353 8.38 3.49 45.20
C TYR F 353 9.71 3.72 44.49
N MET F 354 10.78 3.14 45.03
CA MET F 354 12.08 3.28 44.41
C MET F 354 12.22 2.25 43.31
N VAL F 355 12.50 2.72 42.10
CA VAL F 355 12.42 1.91 40.89
C VAL F 355 13.81 1.81 40.29
N LYS F 356 14.24 0.59 39.98
CA LYS F 356 15.51 0.34 39.31
C LYS F 356 15.21 0.16 37.82
N ASN F 357 15.70 1.09 37.01
CA ASN F 357 15.47 1.06 35.58
C ASN F 357 16.61 0.32 34.88
N SER F 358 16.47 0.15 33.57
CA SER F 358 17.46 -0.53 32.75
C SER F 358 17.93 0.37 31.61
N TRP F 359 18.05 1.66 31.88
CA TRP F 359 18.46 2.65 30.89
C TRP F 359 19.86 3.19 31.15
N GLY F 360 20.69 2.45 31.89
CA GLY F 360 22.00 2.95 32.26
C GLY F 360 21.93 3.84 33.49
N THR F 361 23.07 4.46 33.80
CA THR F 361 23.21 5.27 35.00
C THR F 361 23.37 6.75 34.69
N ASN F 362 23.13 7.17 33.44
CA ASN F 362 23.30 8.58 33.08
C ASN F 362 21.95 9.29 33.22
N SER F 363 21.52 9.39 34.47
CA SER F 363 20.31 10.09 34.85
C SER F 363 20.53 10.74 36.21
N LYS F 364 19.51 11.47 36.69
CA LYS F 364 19.69 12.26 37.90
C LYS F 364 20.01 11.39 39.11
N TYR F 365 19.42 10.20 39.20
CA TYR F 365 19.65 9.29 40.31
C TYR F 365 20.40 8.03 39.87
N ASN F 366 21.19 8.14 38.80
CA ASN F 366 22.02 7.06 38.27
C ASN F 366 21.17 5.82 37.95
N GLY F 367 20.13 6.02 37.14
CA GLY F 367 19.31 4.92 36.69
C GLY F 367 18.25 4.48 37.67
N ILE F 368 17.94 5.29 38.67
CA ILE F 368 16.95 4.97 39.69
C ILE F 368 15.81 5.97 39.58
N TRP F 369 14.58 5.48 39.53
CA TRP F 369 13.40 6.32 39.45
C TRP F 369 12.59 6.25 40.75
N TYR F 370 11.93 7.35 41.06
CA TYR F 370 11.03 7.45 42.19
C TYR F 370 9.61 7.58 41.63
N ALA F 371 8.82 6.53 41.75
CA ALA F 371 7.45 6.51 41.27
C ALA F 371 6.50 6.64 42.45
N SER F 372 5.69 7.68 42.44
CA SER F 372 4.72 7.88 43.51
C SER F 372 3.68 6.76 43.52
N LYS F 373 3.14 6.48 44.71
CA LYS F 373 2.14 5.43 44.83
C LYS F 373 0.90 5.73 44.01
N ALA F 374 0.58 7.02 43.82
CA ALA F 374 -0.56 7.36 42.97
C ALA F 374 -0.31 6.99 41.52
N PHE F 375 0.92 7.22 41.04
CA PHE F 375 1.27 6.81 39.67
C PHE F 375 1.24 5.28 39.55
N VAL F 376 1.84 4.59 40.52
CA VAL F 376 1.90 3.14 40.47
C VAL F 376 0.51 2.54 40.59
N ARG F 377 -0.34 3.13 41.44
CA ARG F 377 -1.70 2.65 41.59
C ARG F 377 -2.49 2.76 40.30
N TYR F 378 -2.21 3.81 39.51
CA TYR F 378 -2.96 4.12 38.31
C TYR F 378 -2.45 3.39 37.06
N LYS F 379 -1.13 3.32 36.89
CA LYS F 379 -0.55 2.93 35.61
C LYS F 379 0.10 1.55 35.63
N THR F 380 -0.03 0.79 36.71
CA THR F 380 0.56 -0.54 36.76
C THR F 380 -0.24 -1.50 35.91
N MET F 381 0.44 -2.22 35.01
CA MET F 381 -0.20 -3.25 34.21
C MET F 381 -0.31 -4.55 35.02
N ASN F 382 0.83 -5.05 35.48
CA ASN F 382 0.89 -6.25 36.30
C ASN F 382 2.24 -6.27 37.02
N ILE F 383 2.32 -7.13 38.05
CA ILE F 383 3.55 -7.32 38.80
C ILE F 383 3.79 -8.81 39.01
N VAL F 384 5.03 -9.16 39.29
CA VAL F 384 5.42 -10.52 39.63
C VAL F 384 6.24 -10.47 40.91
N VAL F 385 5.83 -11.27 41.90
CA VAL F 385 6.52 -11.35 43.18
C VAL F 385 6.59 -12.81 43.61
N HIS F 386 7.48 -13.08 44.56
CA HIS F 386 7.47 -14.37 45.24
C HIS F 386 6.16 -14.53 46.00
N LYS F 387 5.70 -15.78 46.11
CA LYS F 387 4.44 -16.03 46.80
C LYS F 387 4.49 -15.54 48.24
N ASP F 388 5.60 -15.80 48.94
CA ASP F 388 5.75 -15.47 50.35
C ASP F 388 5.82 -13.98 50.60
N ALA F 389 5.80 -13.16 49.56
CA ALA F 389 5.68 -11.72 49.72
C ALA F 389 4.23 -11.29 49.90
N LEU F 390 3.28 -12.16 49.58
CA LEU F 390 1.86 -11.85 49.74
C LEU F 390 1.47 -11.91 51.22
N PRO F 391 0.57 -11.04 51.66
CA PRO F 391 -0.01 -11.21 53.00
C PRO F 391 -0.78 -12.53 53.09
N LYS F 392 -0.85 -13.08 54.31
CA LYS F 392 -1.46 -14.38 54.51
C LYS F 392 -2.93 -14.36 54.11
N ALA F 393 -3.62 -13.25 54.35
CA ALA F 393 -5.04 -13.16 54.01
C ALA F 393 -5.23 -13.14 52.49
N ILE F 394 -4.42 -12.36 51.78
CA ILE F 394 -4.49 -12.34 50.32
C ILE F 394 -4.20 -13.74 49.75
N LYS F 395 -3.28 -14.48 50.38
CA LYS F 395 -2.97 -15.81 49.89
C LYS F 395 -4.17 -16.74 50.00
N ALA F 396 -4.96 -16.57 51.06
CA ALA F 396 -6.15 -17.40 51.23
C ALA F 396 -7.23 -17.04 50.22
N LYS F 397 -7.40 -15.75 49.92
CA LYS F 397 -8.41 -15.35 48.95
C LYS F 397 -8.09 -15.86 47.56
N LEU F 398 -6.80 -15.96 47.22
CA LEU F 398 -6.37 -16.47 45.92
C LEU F 398 -6.19 -17.98 45.91
N GLY F 399 -6.15 -18.62 47.07
CA GLY F 399 -5.98 -20.05 47.17
C GLY F 399 -4.54 -20.53 47.05
N ILE F 400 -3.59 -19.62 46.84
CA ILE F 400 -2.17 -19.97 46.90
C ILE F 400 -1.86 -20.63 48.23
N LYS F 401 -1.15 -21.75 48.18
CA LYS F 401 -0.75 -22.46 49.40
C LYS F 401 0.76 -22.35 49.63
C10 SWJ G . -13.30 -22.89 12.37
C02 SWJ G . -16.21 -22.16 8.70
C03 SWJ G . -16.11 -23.67 8.73
C04 SWJ G . -15.09 -21.29 9.28
C05 SWJ G . -14.29 -20.66 8.14
C06 SWJ G . -14.43 -19.14 8.12
C07 SWJ G . -14.53 -17.95 8.10
C09 SWJ G . -14.23 -22.03 11.52
N08 SWJ G . -14.20 -22.12 10.08
N11 SWJ G . -12.08 -23.19 11.64
O01 SWJ G . -17.17 -21.64 8.23
O12 SWJ G . -14.98 -21.28 12.06
K K H . -4.65 -28.27 4.11
K K I . -30.21 -24.22 14.31
C10 SWJ J . -15.06 24.26 4.67
C02 SWJ J . -13.52 23.50 9.10
C03 SWJ J . -13.28 24.99 8.92
C04 SWJ J . -13.57 22.59 7.87
C05 SWJ J . -12.28 21.76 7.80
C06 SWJ J . -12.57 20.27 7.61
C07 SWJ J . -12.79 19.12 7.47
C09 SWJ J . -14.92 23.40 5.92
N08 SWJ J . -13.69 23.40 6.68
N11 SWJ J . -13.99 23.96 3.73
O01 SWJ J . -13.68 23.06 10.19
O12 SWJ J . -15.83 22.72 6.27
K K K . -25.35 27.22 18.26
K K L . -3.43 29.12 1.18
C10 SWJ M . -20.41 5.52 -19.23
C02 SWJ M . -17.86 2.63 -21.85
C03 SWJ M . -18.91 3.27 -22.77
C04 SWJ M . -17.54 3.12 -20.43
C05 SWJ M . -16.83 2.13 -19.55
C06 SWJ M . -15.54 2.89 -19.29
C07 SWJ M . -14.55 3.50 -19.12
C09 SWJ M . -19.18 4.98 -19.91
N08 SWJ M . -18.76 3.62 -19.81
N11 SWJ M . -21.57 5.53 -20.11
O01 SWJ M . -17.20 1.74 -22.23
O12 SWJ M . -18.57 5.72 -20.52
K K N . -25.79 -4.35 -12.60
K K O . -18.46 8.72 -35.78
C10 SWJ P . 25.18 12.57 -6.45
C02 SWJ P . 22.55 16.65 -6.20
C03 SWJ P . 23.82 17.02 -5.44
C04 SWJ P . 22.25 15.19 -6.55
C05 SWJ P . 20.95 14.77 -5.87
C06 SWJ P . 20.77 13.25 -5.82
C07 SWJ P . 20.64 12.08 -5.77
C09 SWJ P . 24.03 13.44 -6.97
N08 SWJ P . 23.35 14.36 -6.08
N11 SWJ P . 25.27 11.29 -7.12
O01 SWJ P . 21.80 17.51 -6.53
O12 SWJ P . 23.70 13.35 -8.11
K K Q . 26.29 27.40 -16.41
K K R . 27.16 10.36 5.05
C10 SWJ S . 16.34 -15.03 -17.74
C02 SWJ S . 14.58 -18.96 -15.78
C03 SWJ S . 14.53 -19.21 -17.27
C04 SWJ S . 14.63 -17.52 -15.25
C05 SWJ S . 13.29 -17.19 -14.60
C06 SWJ S . 13.31 -15.85 -13.89
C07 SWJ S . 13.33 -14.80 -13.33
C09 SWJ S . 16.13 -15.97 -16.56
N08 SWJ S . 14.85 -16.62 -16.38
N11 SWJ S . 17.71 -15.13 -18.22
O01 SWJ S . 14.57 -19.87 -15.02
O12 SWJ S . 17.01 -16.18 -15.79
K K T . 24.24 -30.34 -13.65
K K U . 7.07 -11.99 -25.48
C10 SWJ V . 6.81 -4.94 27.70
C02 SWJ V . 10.66 -2.44 26.46
C03 SWJ V . 10.31 -1.69 27.73
C04 SWJ V . 9.54 -3.07 25.62
C05 SWJ V . 9.18 -2.10 24.50
C06 SWJ V . 8.94 -2.82 23.18
C07 SWJ V . 8.76 -3.39 22.15
C09 SWJ V . 8.03 -4.66 26.84
N08 SWJ V . 8.38 -3.31 26.46
N11 SWJ V . 5.65 -4.26 27.18
O01 SWJ V . 11.79 -2.53 26.14
O12 SWJ V . 8.70 -5.57 26.46
K K W . -0.23 6.06 28.51
K K X . 22.56 -9.00 33.26
#